data_1K93
#
_entry.id   1K93
#
_cell.length_a   116.730
_cell.length_b   167.311
_cell.length_c   344.296
_cell.angle_alpha   90.00
_cell.angle_beta   90.00
_cell.angle_gamma   90.00
#
_symmetry.space_group_name_H-M   'I 2 2 2'
#
loop_
_entity.id
_entity.type
_entity.pdbx_description
1 polymer 'CALMODULIN-SENSITIVE ADENYLATE CYCLASE'
2 polymer CALMODULIN
3 non-polymer 'SULFATE ION'
4 non-polymer 'CALCIUM ION'
#
loop_
_entity_poly.entity_id
_entity_poly.type
_entity_poly.pdbx_seq_one_letter_code
_entity_poly.pdbx_strand_id
1 'polypeptide(L)'
;DRIDVLKGEKALKASGLVPEHADAFKKIARELNTYILFRPVNKLATNLIKSGVATKGLNVHGKSSDWGPVAGYIPFDQDL
SKKHGQQLAVEKGNLENKKSITEHEGEIGKIPLKLDHLRIEELKENGIILKGKKEIDNGKKYYLLESNNQVYEFRISDEN
NEVQYKTKEGKITVLGEKFNWRNIEVMAKNVEGVLKPLTADYDLFALAPSLTEIKKQIPQKEWDKVVNTPNSLEKQKGVT
NLLIKYGIERKPDSTKGTLSNWQKQMLDRLNEAVKYTGYTGGDVVNHGTEQDNEEFPEKDNEIFIINPEGEFILTKNWEM
TGRFIEKNITGKDYLYYFNRSYNKIAPGNKAYIEWTDPITKAKINTIPTSAEFIKNLSSIRRSSNVGVYKDSGDKDEFAK
KESVKKIAGYLSDYYNSANHIFSQEKKRKISIFRGIQAYNEIENVLKSKQIAPEYKNYFQYLKERITNQVQLLLTHQKSN
IEFKLLYKQLNFTENETDNFEVFQKIIDEK
;
A,B,C
2 'polypeptide(L)'
;TEEQIAEFKEAFSLFDKDGDGTITTKELGTVMRSLGQNPTEAELQDMINEVDADGNGTIDFPEFLTMMARKMKDTDSEEE
IREAFRVFDKDGNGYISAAELRHVMTNLGEKLTDEEVDEMIREADIDGDGQVNYEEFVQMMTAK
;
D,E,F
#
# COMPACT_ATOMS: atom_id res chain seq x y z
N ARG A 2 -37.93 4.10 28.59
CA ARG A 2 -37.33 2.77 28.92
C ARG A 2 -36.52 2.21 27.74
N ILE A 3 -35.48 1.44 28.04
CA ILE A 3 -34.63 0.84 27.00
C ILE A 3 -34.12 -0.54 27.41
N ASP A 4 -34.34 -1.50 26.52
CA ASP A 4 -33.99 -2.90 26.71
C ASP A 4 -32.54 -3.29 27.03
N VAL A 5 -32.14 -3.23 28.29
CA VAL A 5 -30.76 -3.57 28.65
C VAL A 5 -30.68 -4.65 29.74
N LEU A 6 -29.66 -5.50 29.69
CA LEU A 6 -29.50 -6.53 30.71
C LEU A 6 -29.04 -5.89 32.01
N LYS A 7 -29.24 -6.60 33.13
CA LYS A 7 -28.83 -6.08 34.42
C LYS A 7 -28.29 -7.17 35.31
N GLY A 8 -27.55 -6.77 36.34
CA GLY A 8 -26.97 -7.72 37.26
C GLY A 8 -26.52 -9.04 36.65
N GLU A 9 -26.49 -10.09 37.47
CA GLU A 9 -26.07 -11.41 37.05
C GLU A 9 -26.07 -11.68 35.55
N LYS A 10 -27.22 -11.59 34.93
CA LYS A 10 -27.29 -11.85 33.50
C LYS A 10 -26.29 -11.00 32.74
N ALA A 11 -26.22 -9.71 33.04
CA ALA A 11 -25.29 -8.78 32.38
C ALA A 11 -23.81 -9.16 32.64
N LEU A 12 -23.45 -9.40 33.88
CA LEU A 12 -22.10 -9.80 34.22
C LEU A 12 -21.73 -11.04 33.39
N LYS A 13 -22.67 -11.96 33.31
CA LYS A 13 -22.51 -13.20 32.58
C LYS A 13 -22.09 -12.94 31.14
N ALA A 14 -22.78 -12.01 30.49
CA ALA A 14 -22.50 -11.67 29.11
C ALA A 14 -21.22 -10.86 28.91
N SER A 15 -20.74 -10.23 29.96
CA SER A 15 -19.56 -9.40 29.89
C SER A 15 -18.21 -10.11 29.69
N GLY A 16 -18.04 -11.28 30.29
CA GLY A 16 -16.78 -11.98 30.12
C GLY A 16 -15.79 -11.71 31.24
N LEU A 17 -16.06 -10.71 32.08
CA LEU A 17 -15.16 -10.42 33.19
C LEU A 17 -15.28 -11.47 34.27
N VAL A 18 -14.23 -11.64 35.05
CA VAL A 18 -14.25 -12.61 36.13
C VAL A 18 -15.18 -11.99 37.16
N PRO A 19 -16.13 -12.78 37.68
CA PRO A 19 -17.09 -12.29 38.68
C PRO A 19 -16.44 -11.53 39.84
N GLU A 20 -15.47 -12.15 40.50
CA GLU A 20 -14.79 -11.52 41.63
C GLU A 20 -14.30 -10.14 41.23
N HIS A 21 -13.68 -10.07 40.07
CA HIS A 21 -13.13 -8.83 39.54
C HIS A 21 -14.17 -7.74 39.34
N ALA A 22 -15.28 -8.08 38.72
CA ALA A 22 -16.31 -7.08 38.49
C ALA A 22 -16.83 -6.51 39.80
N ASP A 23 -16.82 -7.34 40.84
CA ASP A 23 -17.31 -6.92 42.15
C ASP A 23 -16.37 -5.89 42.74
N ALA A 24 -15.08 -6.15 42.60
CA ALA A 24 -14.05 -5.25 43.08
C ALA A 24 -14.19 -3.93 42.35
N PHE A 25 -14.69 -3.99 41.13
CA PHE A 25 -14.88 -2.81 40.30
C PHE A 25 -16.09 -2.02 40.74
N LYS A 26 -17.05 -2.68 41.36
CA LYS A 26 -18.25 -1.99 41.87
C LYS A 26 -17.80 -0.93 42.86
N LYS A 27 -16.79 -1.30 43.63
CA LYS A 27 -16.21 -0.47 44.66
C LYS A 27 -15.70 0.82 44.05
N ILE A 28 -14.67 0.72 43.22
CA ILE A 28 -14.07 1.89 42.58
C ILE A 28 -15.05 2.80 41.85
N ALA A 29 -16.08 2.22 41.26
CA ALA A 29 -17.06 3.01 40.55
C ALA A 29 -17.67 3.97 41.55
N ARG A 30 -18.23 3.39 42.59
CA ARG A 30 -18.88 4.09 43.70
C ARG A 30 -17.98 5.15 44.34
N GLU A 31 -16.80 4.73 44.76
CA GLU A 31 -15.83 5.63 45.39
C GLU A 31 -15.55 6.85 44.55
N LEU A 32 -15.02 6.65 43.35
CA LEU A 32 -14.70 7.75 42.47
C LEU A 32 -15.90 8.32 41.71
N ASN A 33 -17.09 7.78 41.95
CA ASN A 33 -18.29 8.25 41.26
C ASN A 33 -17.97 8.47 39.80
N THR A 34 -17.77 7.36 39.10
CA THR A 34 -17.43 7.40 37.70
C THR A 34 -17.95 6.14 37.02
N TYR A 35 -18.53 6.28 35.82
CA TYR A 35 -19.03 5.15 35.03
C TYR A 35 -17.87 4.42 34.36
N ILE A 36 -17.84 3.10 34.48
CA ILE A 36 -16.79 2.28 33.86
C ILE A 36 -17.42 1.41 32.79
N LEU A 37 -17.05 1.64 31.53
CA LEU A 37 -17.59 0.86 30.42
C LEU A 37 -16.54 -0.01 29.76
N PHE A 38 -16.77 -1.32 29.76
CA PHE A 38 -15.86 -2.30 29.13
C PHE A 38 -16.30 -2.82 27.77
N ARG A 39 -15.34 -3.37 27.05
CA ARG A 39 -15.57 -3.95 25.74
C ARG A 39 -15.69 -5.43 26.01
N PRO A 40 -16.35 -6.16 25.11
CA PRO A 40 -16.55 -7.61 25.26
C PRO A 40 -15.28 -8.29 25.67
N VAL A 41 -15.36 -9.29 26.55
CA VAL A 41 -14.16 -10.05 26.94
C VAL A 41 -14.34 -11.51 26.54
N ASN A 42 -13.38 -12.04 25.78
CA ASN A 42 -13.45 -13.44 25.35
C ASN A 42 -13.96 -14.28 26.53
N LYS A 43 -15.07 -14.97 26.34
CA LYS A 43 -15.63 -15.75 27.41
C LYS A 43 -14.81 -16.96 27.73
N LEU A 44 -13.94 -17.35 26.81
CA LEU A 44 -13.12 -18.50 27.10
C LEU A 44 -11.86 -18.04 27.77
N ALA A 45 -11.72 -16.74 27.93
CA ALA A 45 -10.53 -16.19 28.57
C ALA A 45 -10.74 -16.02 30.06
N THR A 46 -12.00 -15.85 30.47
CA THR A 46 -12.34 -15.64 31.85
C THR A 46 -11.69 -16.56 32.88
N ASN A 47 -11.77 -17.87 32.70
CA ASN A 47 -11.14 -18.75 33.67
C ASN A 47 -9.63 -18.63 33.62
N LEU A 48 -9.08 -18.40 32.44
CA LEU A 48 -7.64 -18.25 32.34
C LEU A 48 -7.27 -17.02 33.15
N ILE A 49 -7.97 -15.92 32.91
CA ILE A 49 -7.68 -14.69 33.63
C ILE A 49 -7.74 -14.96 35.13
N LYS A 50 -8.82 -15.59 35.56
CA LYS A 50 -9.04 -15.91 36.96
C LYS A 50 -7.93 -16.80 37.51
N SER A 51 -7.54 -17.81 36.76
CA SER A 51 -6.50 -18.67 37.26
C SER A 51 -5.20 -17.87 37.31
N GLY A 52 -5.30 -16.58 36.98
CA GLY A 52 -4.11 -15.72 37.02
C GLY A 52 -3.17 -15.72 35.83
N VAL A 53 -3.68 -16.01 34.63
CA VAL A 53 -2.81 -15.98 33.47
C VAL A 53 -2.59 -14.51 33.16
N ALA A 54 -1.36 -14.17 32.77
CA ALA A 54 -1.01 -12.79 32.42
C ALA A 54 -1.82 -12.32 31.23
N THR A 55 -2.34 -11.09 31.27
CA THR A 55 -3.10 -10.59 30.15
C THR A 55 -2.18 -9.90 29.13
N LYS A 56 -2.74 -9.34 28.07
CA LYS A 56 -1.91 -8.73 27.05
C LYS A 56 -1.95 -7.23 26.86
N GLY A 57 -0.78 -6.64 26.63
CA GLY A 57 -0.71 -5.20 26.42
C GLY A 57 -0.81 -4.76 24.97
N LEU A 58 -0.61 -3.47 24.72
CA LEU A 58 -0.66 -2.94 23.35
C LEU A 58 0.52 -3.42 22.53
N ASN A 59 1.54 -3.94 23.20
CA ASN A 59 2.71 -4.47 22.53
C ASN A 59 2.40 -5.82 21.90
N VAL A 60 1.17 -6.31 22.05
CA VAL A 60 0.72 -7.57 21.47
C VAL A 60 -0.66 -7.35 20.85
N HIS A 61 -0.77 -7.49 19.54
CA HIS A 61 -2.04 -7.27 18.86
C HIS A 61 -2.71 -8.47 18.26
N GLY A 62 -2.11 -9.64 18.39
CA GLY A 62 -2.75 -10.82 17.84
C GLY A 62 -3.99 -11.12 18.64
N LYS A 63 -5.05 -11.58 17.99
CA LYS A 63 -6.29 -11.88 18.68
C LYS A 63 -6.22 -13.23 19.39
N SER A 64 -7.15 -13.43 20.32
CA SER A 64 -7.23 -14.66 21.10
C SER A 64 -8.13 -15.66 20.40
N SER A 65 -8.04 -16.91 20.79
CA SER A 65 -8.88 -17.92 20.18
C SER A 65 -10.22 -18.07 20.94
N ASP A 66 -11.20 -18.69 20.32
CA ASP A 66 -12.46 -18.89 20.99
C ASP A 66 -12.99 -20.26 20.58
N TRP A 67 -12.07 -21.13 20.19
CA TRP A 67 -12.41 -22.47 19.82
C TRP A 67 -11.15 -23.30 19.91
N GLY A 68 -11.31 -24.61 19.83
CA GLY A 68 -10.18 -25.51 19.87
C GLY A 68 -9.36 -25.54 21.14
N PRO A 69 -8.37 -26.43 21.21
CA PRO A 69 -7.53 -26.52 22.40
C PRO A 69 -6.88 -25.20 22.82
N VAL A 70 -6.66 -24.29 21.89
CA VAL A 70 -6.02 -23.02 22.23
C VAL A 70 -6.98 -21.90 22.61
N ALA A 71 -8.24 -22.22 22.85
CA ALA A 71 -9.22 -21.20 23.21
C ALA A 71 -8.70 -20.43 24.40
N GLY A 72 -8.84 -19.10 24.32
CA GLY A 72 -8.41 -18.25 25.41
C GLY A 72 -7.03 -17.66 25.27
N TYR A 73 -6.12 -18.39 24.63
CA TYR A 73 -4.80 -17.86 24.45
C TYR A 73 -4.65 -17.10 23.14
N ILE A 74 -3.46 -16.54 22.91
CA ILE A 74 -3.18 -15.78 21.69
C ILE A 74 -2.27 -16.69 20.92
N PRO A 75 -2.80 -17.37 19.88
CA PRO A 75 -1.96 -18.28 19.10
C PRO A 75 -1.02 -17.55 18.14
N PHE A 76 0.21 -18.02 18.06
CA PHE A 76 1.17 -17.42 17.14
C PHE A 76 0.53 -17.45 15.75
N ASP A 77 0.10 -18.63 15.35
CA ASP A 77 -0.58 -18.86 14.09
C ASP A 77 -2.00 -18.31 14.26
N GLN A 78 -2.26 -17.13 13.70
CA GLN A 78 -3.58 -16.54 13.87
C GLN A 78 -4.73 -17.21 13.17
N ASP A 79 -4.47 -18.33 12.52
CA ASP A 79 -5.58 -19.02 11.88
C ASP A 79 -6.20 -19.93 12.90
N LEU A 80 -5.64 -19.95 14.10
CA LEU A 80 -6.18 -20.76 15.18
C LEU A 80 -6.95 -19.81 16.11
N SER A 81 -6.95 -18.54 15.76
CA SER A 81 -7.65 -17.56 16.58
C SER A 81 -9.11 -17.44 16.17
N LYS A 82 -9.78 -16.46 16.77
CA LYS A 82 -11.16 -16.27 16.47
C LYS A 82 -11.31 -15.68 15.08
N LYS A 83 -10.23 -15.16 14.51
CA LYS A 83 -10.31 -14.59 13.17
C LYS A 83 -10.06 -15.66 12.15
N HIS A 84 -10.11 -16.90 12.61
CA HIS A 84 -9.94 -18.06 11.77
C HIS A 84 -10.73 -17.91 10.48
N GLY A 85 -10.19 -18.45 9.39
CA GLY A 85 -10.88 -18.38 8.11
C GLY A 85 -10.83 -17.07 7.34
N GLN A 86 -10.70 -15.94 8.03
CA GLN A 86 -10.64 -14.64 7.36
C GLN A 86 -9.25 -14.24 6.88
N GLN A 87 -8.80 -14.89 5.80
CA GLN A 87 -7.47 -14.65 5.23
C GLN A 87 -6.81 -13.31 5.39
N LEU A 88 -7.56 -12.23 5.19
CA LEU A 88 -6.92 -10.95 5.31
C LEU A 88 -6.57 -10.68 6.76
N ALA A 89 -7.53 -10.99 7.64
CA ALA A 89 -7.35 -10.76 9.07
C ALA A 89 -6.25 -11.65 9.65
N VAL A 90 -6.26 -12.92 9.32
CA VAL A 90 -5.23 -13.78 9.82
C VAL A 90 -3.86 -13.15 9.55
N GLU A 91 -3.65 -12.73 8.30
CA GLU A 91 -2.42 -12.09 7.85
C GLU A 91 -2.00 -10.87 8.66
N LYS A 92 -2.92 -9.94 8.94
CA LYS A 92 -2.55 -8.78 9.75
C LYS A 92 -2.23 -9.30 11.17
N GLY A 93 -2.92 -10.38 11.52
CA GLY A 93 -2.72 -10.99 12.81
C GLY A 93 -1.33 -11.54 12.89
N ASN A 94 -1.00 -12.41 11.95
CA ASN A 94 0.34 -12.97 11.91
C ASN A 94 1.41 -11.88 11.80
N LEU A 95 1.22 -10.87 10.96
CA LEU A 95 2.23 -9.85 10.84
C LEU A 95 2.39 -9.18 12.20
N GLU A 96 1.28 -9.03 12.90
CA GLU A 96 1.30 -8.42 14.24
C GLU A 96 2.11 -9.23 15.25
N ASN A 97 1.90 -10.55 15.27
CA ASN A 97 2.66 -11.43 16.16
C ASN A 97 4.12 -11.39 15.78
N LYS A 98 4.37 -11.53 14.47
CA LYS A 98 5.71 -11.51 13.89
C LYS A 98 6.42 -10.29 14.41
N LYS A 99 5.78 -9.12 14.35
CA LYS A 99 6.41 -7.92 14.88
C LYS A 99 6.61 -8.00 16.38
N SER A 100 5.59 -8.44 17.10
CA SER A 100 5.71 -8.54 18.55
C SER A 100 6.95 -9.33 18.95
N ILE A 101 7.21 -10.43 18.24
CA ILE A 101 8.36 -11.28 18.53
C ILE A 101 9.74 -10.66 18.27
N THR A 102 9.81 -9.73 17.32
CA THR A 102 11.05 -9.08 16.96
C THR A 102 11.21 -7.67 17.51
N GLU A 103 10.26 -6.78 17.20
CA GLU A 103 10.33 -5.41 17.68
C GLU A 103 10.35 -5.27 19.20
N HIS A 104 10.29 -6.39 19.91
CA HIS A 104 10.30 -6.36 21.37
C HIS A 104 11.06 -7.59 21.83
N GLU A 105 11.96 -8.06 20.99
CA GLU A 105 12.77 -9.23 21.32
C GLU A 105 13.10 -9.23 22.81
N GLY A 106 12.94 -10.39 23.43
CA GLY A 106 13.23 -10.50 24.86
C GLY A 106 12.06 -10.20 25.77
N GLU A 107 11.18 -9.30 25.35
CA GLU A 107 10.00 -8.93 26.15
C GLU A 107 8.78 -9.80 25.81
N ILE A 108 8.62 -10.12 24.52
CA ILE A 108 7.52 -10.96 24.05
C ILE A 108 8.04 -12.08 23.20
N GLY A 109 7.62 -13.31 23.48
CA GLY A 109 8.09 -14.45 22.72
C GLY A 109 6.96 -15.38 22.41
N LYS A 110 7.27 -16.64 22.17
CA LYS A 110 6.23 -17.62 21.89
C LYS A 110 6.69 -18.93 22.44
N ILE A 111 5.75 -19.73 22.94
CA ILE A 111 6.08 -21.03 23.54
C ILE A 111 4.99 -22.01 23.21
N PRO A 112 5.25 -23.31 23.39
CA PRO A 112 4.28 -24.36 23.12
C PRO A 112 3.10 -24.31 24.08
N LEU A 113 1.92 -24.63 23.57
CA LEU A 113 0.74 -24.63 24.41
C LEU A 113 0.83 -25.88 25.26
N LYS A 114 0.48 -25.73 26.53
CA LYS A 114 0.45 -26.84 27.46
C LYS A 114 -0.90 -26.81 28.11
N LEU A 115 -1.70 -27.84 27.87
CA LEU A 115 -3.02 -27.88 28.48
C LEU A 115 -2.98 -28.77 29.70
N ASP A 116 -3.10 -28.19 30.88
CA ASP A 116 -3.06 -29.03 32.07
C ASP A 116 -4.34 -29.82 32.17
N HIS A 117 -4.29 -30.79 33.05
CA HIS A 117 -5.36 -31.71 33.35
C HIS A 117 -6.69 -30.94 33.57
N LEU A 118 -6.66 -29.87 34.36
CA LEU A 118 -7.86 -29.04 34.63
C LEU A 118 -8.45 -28.28 33.45
N ARG A 119 -7.59 -27.65 32.65
CA ARG A 119 -8.07 -26.90 31.51
C ARG A 119 -8.79 -27.83 30.55
N ILE A 120 -8.23 -29.02 30.37
CA ILE A 120 -8.85 -29.97 29.48
C ILE A 120 -10.30 -30.18 29.92
N GLU A 121 -10.52 -30.23 31.21
CA GLU A 121 -11.88 -30.42 31.65
C GLU A 121 -12.72 -29.18 31.58
N GLU A 122 -12.14 -28.01 31.84
CA GLU A 122 -12.92 -26.78 31.73
C GLU A 122 -13.35 -26.70 30.28
N LEU A 123 -12.48 -27.15 29.38
CA LEU A 123 -12.80 -27.12 27.96
C LEU A 123 -13.83 -28.18 27.65
N LYS A 124 -13.72 -29.34 28.28
CA LYS A 124 -14.69 -30.41 28.06
C LYS A 124 -16.09 -29.91 28.49
N GLU A 125 -16.13 -29.14 29.57
CA GLU A 125 -17.40 -28.60 30.04
C GLU A 125 -17.96 -27.66 28.99
N ASN A 126 -17.25 -26.57 28.75
CA ASN A 126 -17.65 -25.61 27.75
C ASN A 126 -17.97 -26.27 26.39
N GLY A 127 -17.75 -27.57 26.28
CA GLY A 127 -18.01 -28.25 25.00
C GLY A 127 -17.22 -27.59 23.87
N ILE A 128 -15.89 -27.52 24.05
CA ILE A 128 -14.95 -26.90 23.09
C ILE A 128 -14.06 -27.95 22.47
N ILE A 129 -13.67 -28.94 23.25
CA ILE A 129 -12.85 -30.02 22.76
C ILE A 129 -13.10 -31.25 23.63
N LEU A 130 -12.96 -32.42 23.01
CA LEU A 130 -13.15 -33.69 23.69
C LEU A 130 -11.87 -34.49 23.61
N LYS A 131 -11.44 -35.02 24.75
CA LYS A 131 -10.25 -35.85 24.84
C LYS A 131 -10.52 -37.20 24.17
N GLY A 132 -9.89 -37.45 23.02
CA GLY A 132 -10.13 -38.67 22.29
C GLY A 132 -9.31 -39.91 22.57
N LYS A 133 -9.20 -40.75 21.56
CA LYS A 133 -8.46 -42.01 21.63
C LYS A 133 -6.96 -41.83 21.64
N LYS A 134 -6.24 -42.84 22.14
CA LYS A 134 -4.79 -42.77 22.20
C LYS A 134 -4.17 -43.05 20.83
N GLU A 135 -2.88 -42.75 20.72
CA GLU A 135 -2.13 -42.93 19.50
C GLU A 135 -0.65 -42.81 19.85
N ILE A 136 0.19 -43.55 19.14
CA ILE A 136 1.61 -43.50 19.39
C ILE A 136 2.37 -43.17 18.11
N ASP A 137 3.39 -42.34 18.24
CA ASP A 137 4.21 -41.94 17.10
C ASP A 137 5.66 -41.84 17.57
N ASN A 138 6.57 -42.44 16.80
CA ASN A 138 7.99 -42.44 17.10
C ASN A 138 8.22 -42.58 18.61
N GLY A 139 7.56 -43.57 19.21
CA GLY A 139 7.70 -43.84 20.63
C GLY A 139 7.20 -42.82 21.65
N LYS A 140 6.12 -42.12 21.33
CA LYS A 140 5.56 -41.14 22.26
C LYS A 140 4.06 -41.38 22.36
N LYS A 141 3.47 -41.16 23.53
CA LYS A 141 2.03 -41.36 23.70
C LYS A 141 1.23 -40.08 23.56
N TYR A 142 0.26 -40.09 22.65
CA TYR A 142 -0.58 -38.91 22.42
C TYR A 142 -2.05 -39.26 22.47
N TYR A 143 -2.88 -38.32 22.93
CA TYR A 143 -4.32 -38.53 22.98
C TYR A 143 -4.86 -37.52 22.02
N LEU A 144 -5.70 -37.94 21.10
CA LEU A 144 -6.28 -37.02 20.15
C LEU A 144 -7.16 -36.07 20.94
N LEU A 145 -7.50 -34.95 20.32
CA LEU A 145 -8.40 -33.98 20.91
C LEU A 145 -9.29 -33.63 19.73
N GLU A 146 -10.59 -33.94 19.82
CA GLU A 146 -11.48 -33.65 18.70
C GLU A 146 -12.15 -32.29 18.86
N SER A 147 -12.57 -31.72 17.74
CA SER A 147 -13.22 -30.42 17.73
C SER A 147 -14.06 -30.42 16.46
N ASN A 148 -15.13 -29.64 16.41
CA ASN A 148 -15.94 -29.65 15.22
C ASN A 148 -15.27 -28.82 14.13
N ASN A 149 -13.96 -28.70 14.23
CA ASN A 149 -13.23 -27.96 13.20
C ASN A 149 -12.95 -28.93 12.07
N GLN A 150 -13.02 -28.43 10.84
CA GLN A 150 -12.80 -29.29 9.69
C GLN A 150 -11.47 -29.09 8.94
N VAL A 151 -10.72 -28.04 9.27
CA VAL A 151 -9.44 -27.80 8.61
C VAL A 151 -8.27 -28.40 9.39
N TYR A 152 -8.39 -28.45 10.71
CA TYR A 152 -7.32 -28.96 11.53
C TYR A 152 -7.64 -30.15 12.38
N GLU A 153 -6.58 -30.78 12.89
CA GLU A 153 -6.69 -31.94 13.74
C GLU A 153 -5.69 -31.72 14.89
N PHE A 154 -6.11 -31.99 16.11
CA PHE A 154 -5.24 -31.77 17.27
C PHE A 154 -4.97 -33.03 18.09
N ARG A 155 -3.85 -33.04 18.81
CA ARG A 155 -3.44 -34.14 19.69
C ARG A 155 -2.63 -33.54 20.82
N ILE A 156 -2.61 -34.18 21.98
CA ILE A 156 -1.83 -33.67 23.09
C ILE A 156 -0.82 -34.71 23.55
N SER A 157 0.31 -34.24 24.05
CA SER A 157 1.35 -35.13 24.53
C SER A 157 1.07 -35.59 25.94
N ASP A 158 1.36 -36.87 26.20
CA ASP A 158 1.14 -37.46 27.51
C ASP A 158 2.22 -37.02 28.51
N GLU A 159 3.45 -36.87 28.02
CA GLU A 159 4.58 -36.48 28.84
C GLU A 159 4.56 -35.04 29.35
N ASN A 160 4.68 -34.07 28.44
CA ASN A 160 4.69 -32.65 28.82
C ASN A 160 3.39 -31.93 28.57
N ASN A 161 2.40 -32.66 28.06
CA ASN A 161 1.09 -32.08 27.80
C ASN A 161 1.10 -30.99 26.76
N GLU A 162 1.96 -31.14 25.78
CA GLU A 162 2.09 -30.18 24.70
C GLU A 162 1.12 -30.56 23.62
N VAL A 163 0.30 -29.61 23.19
CA VAL A 163 -0.70 -29.84 22.15
C VAL A 163 -0.08 -29.56 20.78
N GLN A 164 -0.42 -30.38 19.79
CA GLN A 164 0.11 -30.17 18.46
C GLN A 164 -1.04 -30.18 17.50
N TYR A 165 -0.79 -29.75 16.28
CA TYR A 165 -1.85 -29.76 15.30
C TYR A 165 -1.28 -30.01 13.93
N LYS A 166 -2.17 -30.35 13.00
CA LYS A 166 -1.80 -30.61 11.61
C LYS A 166 -2.99 -30.39 10.73
N THR A 167 -2.75 -30.12 9.46
CA THR A 167 -3.85 -29.91 8.54
C THR A 167 -4.43 -31.27 8.22
N LYS A 168 -5.70 -31.26 7.83
CA LYS A 168 -6.39 -32.50 7.50
C LYS A 168 -6.20 -32.88 6.03
N GLU A 169 -6.28 -34.18 5.76
CA GLU A 169 -6.14 -34.69 4.40
C GLU A 169 -7.13 -33.96 3.49
N GLY A 170 -6.60 -33.45 2.39
CA GLY A 170 -7.45 -32.74 1.43
C GLY A 170 -7.73 -31.29 1.75
N LYS A 171 -7.56 -30.90 3.01
CA LYS A 171 -7.82 -29.52 3.39
C LYS A 171 -6.60 -28.58 3.26
N ILE A 172 -6.90 -27.30 3.05
CA ILE A 172 -5.84 -26.30 2.91
C ILE A 172 -6.09 -25.12 3.87
N THR A 173 -5.01 -24.59 4.42
CA THR A 173 -5.09 -23.46 5.33
C THR A 173 -5.66 -22.24 4.60
N VAL A 174 -6.02 -21.21 5.33
CA VAL A 174 -6.54 -20.03 4.68
C VAL A 174 -5.42 -19.46 3.82
N LEU A 175 -4.20 -19.64 4.30
CA LEU A 175 -3.03 -19.18 3.58
C LEU A 175 -2.60 -20.28 2.57
N GLY A 176 -3.52 -21.21 2.34
CA GLY A 176 -3.24 -22.28 1.41
C GLY A 176 -2.03 -23.13 1.78
N GLU A 177 -1.99 -23.63 3.00
CA GLU A 177 -0.88 -24.46 3.42
C GLU A 177 -1.30 -25.85 3.81
N LYS A 178 -0.30 -26.66 4.10
CA LYS A 178 -0.51 -28.03 4.52
C LYS A 178 0.75 -28.42 5.26
N PHE A 179 0.58 -29.20 6.32
CA PHE A 179 1.70 -29.63 7.12
C PHE A 179 1.25 -30.69 8.09
N ASN A 180 2.30 -31.38 8.61
CA ASN A 180 2.08 -32.50 9.47
C ASN A 180 2.17 -32.49 10.98
N TRP A 181 3.11 -32.60 11.73
CA TRP A 181 2.47 -32.62 13.03
C TRP A 181 3.21 -31.44 13.61
N ARG A 182 2.67 -30.63 14.48
CA ARG A 182 3.53 -29.55 14.96
C ARG A 182 2.93 -28.84 16.14
N ASN A 183 3.75 -28.55 17.13
CA ASN A 183 3.29 -27.87 18.31
C ASN A 183 2.56 -26.59 17.95
N ILE A 184 1.61 -26.24 18.79
CA ILE A 184 0.82 -25.03 18.65
C ILE A 184 1.53 -24.01 19.51
N GLU A 185 2.04 -22.94 18.91
CA GLU A 185 2.71 -21.92 19.71
C GLU A 185 1.78 -20.78 20.13
N VAL A 186 1.98 -20.26 21.33
CA VAL A 186 1.16 -19.18 21.83
C VAL A 186 2.04 -17.99 22.23
N MET A 187 1.50 -16.79 22.10
CA MET A 187 2.21 -15.57 22.43
C MET A 187 2.51 -15.51 23.90
N ALA A 188 3.76 -15.28 24.26
CA ALA A 188 4.15 -15.24 25.66
C ALA A 188 4.91 -13.98 26.02
N LYS A 189 4.98 -13.69 27.30
CA LYS A 189 5.73 -12.53 27.75
C LYS A 189 6.81 -13.00 28.72
N ASN A 190 7.76 -12.11 28.97
CA ASN A 190 8.85 -12.41 29.89
C ASN A 190 8.45 -11.99 31.29
N VAL A 191 8.71 -12.86 32.25
CA VAL A 191 8.38 -12.57 33.63
C VAL A 191 9.45 -13.21 34.49
N GLU A 192 10.44 -12.41 34.91
CA GLU A 192 11.55 -12.91 35.73
C GLU A 192 12.36 -13.94 34.94
N GLY A 193 12.68 -13.60 33.69
CA GLY A 193 13.47 -14.48 32.85
C GLY A 193 12.76 -15.69 32.27
N VAL A 194 11.49 -15.90 32.62
CA VAL A 194 10.74 -17.04 32.08
C VAL A 194 9.58 -16.58 31.21
N LEU A 195 9.26 -17.39 30.20
CA LEU A 195 8.18 -17.08 29.28
C LEU A 195 6.82 -17.59 29.78
N LYS A 196 5.88 -16.66 30.00
CA LYS A 196 4.54 -17.03 30.45
C LYS A 196 3.45 -16.65 29.45
N PRO A 197 2.55 -17.60 29.11
CA PRO A 197 1.44 -17.42 28.17
C PRO A 197 0.54 -16.23 28.48
N LEU A 198 0.02 -15.62 27.41
CA LEU A 198 -0.84 -14.46 27.53
C LEU A 198 -2.30 -14.81 27.23
N THR A 199 -3.22 -13.94 27.65
CA THR A 199 -4.62 -14.16 27.37
C THR A 199 -5.24 -12.81 27.23
N ALA A 200 -6.53 -12.76 26.94
CA ALA A 200 -7.23 -11.49 26.75
C ALA A 200 -7.04 -10.62 28.00
N ASP A 201 -7.25 -9.33 27.87
CA ASP A 201 -7.15 -8.46 29.04
C ASP A 201 -8.53 -7.77 29.13
N TYR A 202 -8.69 -6.76 29.99
CA TYR A 202 -9.95 -6.05 30.07
C TYR A 202 -9.76 -4.73 29.33
N ASP A 203 -10.54 -4.52 28.28
CA ASP A 203 -10.41 -3.30 27.51
C ASP A 203 -11.50 -2.35 27.89
N LEU A 204 -11.13 -1.18 28.35
CA LEU A 204 -12.11 -0.19 28.70
C LEU A 204 -12.66 0.41 27.41
N PHE A 205 -13.96 0.51 27.33
CA PHE A 205 -14.52 1.10 26.16
C PHE A 205 -14.49 2.60 26.39
N ALA A 206 -14.89 2.98 27.59
CA ALA A 206 -14.92 4.38 28.01
C ALA A 206 -14.81 4.50 29.53
N LEU A 207 -14.65 5.75 29.99
CA LEU A 207 -14.62 6.11 31.41
C LEU A 207 -15.32 7.45 31.53
N ALA A 208 -16.36 7.51 32.36
CA ALA A 208 -17.06 8.79 32.53
C ALA A 208 -17.10 9.19 34.00
N PRO A 209 -16.25 10.14 34.40
CA PRO A 209 -16.19 10.64 35.78
C PRO A 209 -17.04 11.90 35.91
N SER A 210 -17.62 12.14 37.09
CA SER A 210 -18.46 13.32 37.32
C SER A 210 -17.60 14.56 37.42
N LEU A 211 -18.09 15.69 36.90
CA LEU A 211 -17.31 16.94 36.94
C LEU A 211 -16.66 17.13 38.31
N THR A 212 -17.45 16.99 39.36
CA THR A 212 -16.98 17.14 40.72
C THR A 212 -15.71 16.33 40.93
N GLU A 213 -15.75 15.07 40.50
CA GLU A 213 -14.62 14.16 40.62
C GLU A 213 -13.39 14.67 39.85
N ILE A 214 -13.64 15.48 38.84
CA ILE A 214 -12.52 16.01 38.06
C ILE A 214 -11.95 17.23 38.74
N LYS A 215 -12.82 17.96 39.43
CA LYS A 215 -12.43 19.15 40.19
C LYS A 215 -11.25 18.75 41.07
N LYS A 216 -11.41 17.63 41.79
CA LYS A 216 -10.38 17.12 42.68
C LYS A 216 -9.05 16.90 41.96
N GLN A 217 -9.06 17.15 40.65
CA GLN A 217 -7.86 16.93 39.87
C GLN A 217 -7.19 18.28 39.59
N ILE A 218 -7.94 19.35 39.79
CA ILE A 218 -7.43 20.70 39.55
C ILE A 218 -6.77 21.23 40.82
N PRO A 219 -5.60 21.90 40.69
CA PRO A 219 -4.91 22.43 41.87
C PRO A 219 -5.70 23.60 42.51
N GLN A 220 -6.02 23.47 43.80
CA GLN A 220 -6.81 24.54 44.51
C GLN A 220 -6.21 25.97 44.59
N LYS A 221 -5.62 26.42 43.47
CA LYS A 221 -4.81 27.64 43.41
C LYS A 221 -4.73 28.15 42.01
N GLU A 222 -4.80 27.19 41.15
CA GLU A 222 -4.83 27.52 39.75
C GLU A 222 -6.25 27.90 39.45
N TRP A 223 -7.14 27.26 40.20
CA TRP A 223 -8.58 27.47 40.05
C TRP A 223 -9.01 28.78 40.68
N ASP A 224 -8.65 28.97 41.94
CA ASP A 224 -9.03 30.18 42.66
C ASP A 224 -8.60 31.38 41.86
N LYS A 225 -7.40 31.29 41.30
CA LYS A 225 -6.85 32.37 40.50
C LYS A 225 -7.81 32.72 39.36
N VAL A 226 -8.35 31.69 38.73
CA VAL A 226 -9.26 31.91 37.62
C VAL A 226 -10.56 32.44 38.18
N VAL A 227 -11.26 31.59 38.93
CA VAL A 227 -12.52 31.95 39.54
C VAL A 227 -12.53 33.41 39.93
N ASN A 228 -11.38 33.86 40.46
CA ASN A 228 -11.20 35.24 40.90
C ASN A 228 -10.66 36.19 39.84
N THR A 229 -11.38 36.32 38.74
CA THR A 229 -10.96 37.23 37.69
C THR A 229 -12.10 38.19 37.46
N PRO A 230 -11.79 39.48 37.38
CA PRO A 230 -12.82 40.49 37.18
C PRO A 230 -13.58 40.32 35.86
N ASN A 231 -12.87 40.25 34.75
CA ASN A 231 -13.50 40.08 33.44
C ASN A 231 -14.04 38.67 33.30
N SER A 232 -15.32 38.54 32.94
CA SER A 232 -15.92 37.22 32.78
C SER A 232 -15.49 36.53 31.50
N LEU A 233 -15.33 37.30 30.43
CA LEU A 233 -14.93 36.74 29.14
C LEU A 233 -13.61 36.00 29.25
N GLU A 234 -12.75 36.43 30.15
CA GLU A 234 -11.46 35.77 30.35
C GLU A 234 -11.65 34.76 31.48
N LYS A 235 -12.76 34.87 32.20
CA LYS A 235 -13.07 33.96 33.30
C LYS A 235 -13.48 32.60 32.73
N GLN A 236 -14.47 32.63 31.84
CA GLN A 236 -14.97 31.44 31.20
C GLN A 236 -13.84 30.66 30.55
N LYS A 237 -13.24 31.26 29.54
CA LYS A 237 -12.12 30.67 28.84
C LYS A 237 -11.14 30.02 29.80
N GLY A 238 -10.76 30.75 30.84
CA GLY A 238 -9.81 30.23 31.82
C GLY A 238 -10.33 29.06 32.63
N VAL A 239 -11.65 28.94 32.69
CA VAL A 239 -12.30 27.83 33.40
C VAL A 239 -12.34 26.64 32.45
N THR A 240 -12.79 26.93 31.23
CA THR A 240 -12.88 25.92 30.20
C THR A 240 -11.50 25.34 29.98
N ASN A 241 -10.48 26.20 29.99
CA ASN A 241 -9.13 25.69 29.81
C ASN A 241 -8.70 24.82 30.97
N LEU A 242 -9.29 25.01 32.12
CA LEU A 242 -8.92 24.19 33.27
C LEU A 242 -9.55 22.83 33.11
N LEU A 243 -10.77 22.83 32.56
CA LEU A 243 -11.52 21.60 32.29
C LEU A 243 -10.77 20.77 31.23
N ILE A 244 -10.32 21.46 30.18
CA ILE A 244 -9.57 20.82 29.13
C ILE A 244 -8.33 20.20 29.72
N LYS A 245 -7.52 21.02 30.37
CA LYS A 245 -6.25 20.57 30.95
C LYS A 245 -6.26 19.43 31.96
N TYR A 246 -7.21 19.45 32.90
CA TYR A 246 -7.30 18.42 33.95
C TYR A 246 -8.34 17.30 33.73
N GLY A 247 -9.20 17.42 32.74
CA GLY A 247 -10.20 16.40 32.48
C GLY A 247 -10.26 15.85 31.05
N ILE A 248 -10.21 16.74 30.05
CA ILE A 248 -10.28 16.35 28.67
C ILE A 248 -8.98 15.88 28.04
N GLU A 249 -8.01 16.78 27.95
CA GLU A 249 -6.75 16.49 27.30
C GLU A 249 -6.12 15.14 27.60
N ARG A 250 -5.63 14.50 26.55
CA ARG A 250 -5.01 13.18 26.64
C ARG A 250 -3.65 13.24 25.96
N LYS A 251 -2.74 12.39 26.40
CA LYS A 251 -1.42 12.39 25.82
C LYS A 251 -0.93 10.97 25.64
N PRO A 252 -0.06 10.76 24.65
CA PRO A 252 0.47 9.42 24.40
C PRO A 252 1.48 8.95 25.45
N ASP A 253 1.27 7.75 25.95
CA ASP A 253 2.15 7.13 26.94
C ASP A 253 2.82 5.94 26.27
N SER A 254 4.00 5.59 26.76
CA SER A 254 4.78 4.49 26.18
C SER A 254 3.99 3.20 25.89
N THR A 255 3.47 2.57 26.93
CA THR A 255 2.73 1.31 26.79
C THR A 255 1.23 1.39 27.08
N LYS A 256 0.81 2.45 27.75
CA LYS A 256 -0.60 2.59 28.07
C LYS A 256 -1.34 3.34 26.98
N GLY A 257 -0.66 3.55 25.85
CA GLY A 257 -1.27 4.25 24.74
C GLY A 257 -1.70 5.63 25.15
N THR A 258 -2.60 6.25 24.41
CA THR A 258 -3.07 7.59 24.74
C THR A 258 -4.12 7.67 25.84
N LEU A 259 -3.80 8.35 26.94
CA LEU A 259 -4.74 8.52 28.05
C LEU A 259 -4.47 9.82 28.82
N SER A 260 -5.42 10.23 29.63
CA SER A 260 -5.25 11.43 30.44
C SER A 260 -4.60 10.99 31.76
N ASN A 261 -4.45 11.91 32.70
CA ASN A 261 -3.84 11.56 34.00
C ASN A 261 -4.87 10.95 34.96
N TRP A 262 -6.09 11.47 34.96
CA TRP A 262 -7.11 10.89 35.83
C TRP A 262 -7.37 9.46 35.39
N GLN A 263 -7.12 9.18 34.11
CA GLN A 263 -7.32 7.85 33.56
C GLN A 263 -6.23 6.94 34.03
N LYS A 264 -4.99 7.44 34.06
CA LYS A 264 -3.85 6.66 34.52
C LYS A 264 -4.12 6.22 35.94
N GLN A 265 -4.65 7.12 36.76
CA GLN A 265 -4.92 6.79 38.15
C GLN A 265 -6.03 5.76 38.24
N MET A 266 -7.09 6.00 37.48
CA MET A 266 -8.21 5.08 37.44
C MET A 266 -7.67 3.71 37.06
N LEU A 267 -6.77 3.71 36.09
CA LEU A 267 -6.16 2.47 35.64
C LEU A 267 -5.52 1.77 36.84
N ASP A 268 -4.59 2.46 37.48
CA ASP A 268 -3.88 1.94 38.65
C ASP A 268 -4.85 1.48 39.74
N ARG A 269 -5.85 2.28 40.02
CA ARG A 269 -6.82 1.91 41.04
C ARG A 269 -7.40 0.54 40.72
N LEU A 270 -7.92 0.42 39.49
CA LEU A 270 -8.53 -0.81 38.99
C LEU A 270 -7.64 -2.03 39.11
N ASN A 271 -6.39 -1.92 38.68
CA ASN A 271 -5.50 -3.06 38.80
C ASN A 271 -5.26 -3.39 40.26
N GLU A 272 -5.17 -2.37 41.10
CA GLU A 272 -4.98 -2.53 42.55
C GLU A 272 -6.14 -3.32 43.12
N ALA A 273 -7.35 -2.90 42.75
CA ALA A 273 -8.56 -3.58 43.22
C ALA A 273 -8.54 -5.10 43.03
N VAL A 274 -8.16 -5.57 41.84
CA VAL A 274 -8.15 -7.01 41.59
C VAL A 274 -6.96 -7.68 42.25
N LYS A 275 -5.84 -6.96 42.39
CA LYS A 275 -4.70 -7.55 43.06
C LYS A 275 -5.11 -7.85 44.49
N TYR A 276 -5.91 -6.98 45.08
CA TYR A 276 -6.34 -7.19 46.46
C TYR A 276 -7.18 -8.47 46.61
N THR A 277 -7.94 -8.85 45.57
CA THR A 277 -8.76 -10.06 45.60
C THR A 277 -7.92 -11.32 45.41
N GLY A 278 -6.76 -11.19 44.79
CA GLY A 278 -5.92 -12.36 44.59
C GLY A 278 -5.27 -12.50 43.22
N TYR A 279 -5.82 -11.85 42.20
CA TYR A 279 -5.24 -11.95 40.86
C TYR A 279 -3.74 -11.73 40.94
N THR A 280 -2.99 -12.76 40.55
CA THR A 280 -1.54 -12.73 40.60
C THR A 280 -0.85 -12.63 39.27
N GLY A 281 -1.58 -12.22 38.24
CA GLY A 281 -0.99 -12.15 36.91
C GLY A 281 -0.44 -10.77 36.59
N GLY A 282 -0.74 -9.83 37.47
CA GLY A 282 -0.26 -8.47 37.28
C GLY A 282 -1.39 -7.54 36.94
N ASP A 283 -1.21 -6.80 35.86
CA ASP A 283 -2.27 -5.90 35.47
C ASP A 283 -3.32 -6.61 34.62
N VAL A 284 -4.56 -6.17 34.76
CA VAL A 284 -5.70 -6.75 34.07
C VAL A 284 -6.28 -5.71 33.09
N VAL A 285 -5.87 -4.46 33.27
CA VAL A 285 -6.24 -3.34 32.42
C VAL A 285 -4.86 -2.84 32.03
N ASN A 286 -4.58 -2.72 30.74
CA ASN A 286 -3.24 -2.33 30.32
C ASN A 286 -3.09 -1.10 29.48
N HIS A 287 -4.14 -0.33 29.28
CA HIS A 287 -3.99 0.85 28.44
C HIS A 287 -5.21 1.75 28.47
N GLY A 288 -5.12 2.87 27.78
CA GLY A 288 -6.25 3.79 27.76
C GLY A 288 -7.54 3.18 27.29
N THR A 289 -8.52 4.02 26.96
CA THR A 289 -9.83 3.55 26.48
C THR A 289 -9.99 3.55 24.96
N GLU A 290 -11.04 2.89 24.50
CA GLU A 290 -11.37 2.79 23.09
C GLU A 290 -11.65 4.13 22.45
N GLN A 291 -12.01 5.15 23.23
CA GLN A 291 -12.33 6.44 22.64
C GLN A 291 -11.11 7.15 22.11
N ASP A 292 -9.95 6.58 22.37
CA ASP A 292 -8.72 7.17 21.90
C ASP A 292 -8.05 6.34 20.86
N ASN A 293 -8.73 5.27 20.45
CA ASN A 293 -8.21 4.37 19.45
C ASN A 293 -8.82 4.89 18.16
N GLU A 294 -8.17 5.90 17.57
CA GLU A 294 -8.67 6.59 16.38
C GLU A 294 -8.31 6.03 15.02
N GLU A 295 -7.23 5.26 14.94
CA GLU A 295 -6.77 4.65 13.69
C GLU A 295 -7.54 3.39 13.38
N PHE A 296 -7.69 2.53 14.35
CA PHE A 296 -8.41 1.29 14.17
C PHE A 296 -9.55 1.10 15.16
N PRO A 297 -10.55 1.98 15.08
CA PRO A 297 -11.69 1.88 15.97
C PRO A 297 -12.59 0.68 15.80
N GLU A 298 -12.68 -0.16 16.81
CA GLU A 298 -13.56 -1.32 16.78
C GLU A 298 -14.97 -0.81 17.10
N LYS A 299 -15.96 -1.67 17.03
CA LYS A 299 -17.35 -1.31 17.33
C LYS A 299 -18.08 -2.54 17.82
N ASP A 300 -18.30 -2.65 19.12
CA ASP A 300 -18.95 -3.80 19.71
C ASP A 300 -20.41 -3.63 19.90
N ASN A 301 -21.13 -4.75 19.82
CA ASN A 301 -22.57 -4.72 19.98
C ASN A 301 -22.93 -4.56 21.42
N GLU A 302 -22.19 -5.22 22.30
CA GLU A 302 -22.47 -5.11 23.72
C GLU A 302 -21.38 -4.54 24.63
N ILE A 303 -21.70 -3.44 25.28
CA ILE A 303 -20.78 -2.82 26.22
C ILE A 303 -21.24 -3.13 27.66
N PHE A 304 -20.30 -3.53 28.52
CA PHE A 304 -20.59 -3.82 29.93
C PHE A 304 -20.35 -2.58 30.77
N ILE A 305 -21.41 -2.06 31.36
CA ILE A 305 -21.34 -0.84 32.17
C ILE A 305 -21.42 -1.06 33.69
N ILE A 306 -20.66 -0.27 34.43
CA ILE A 306 -20.70 -0.29 35.88
C ILE A 306 -20.91 1.18 36.23
N ASN A 307 -22.10 1.51 36.75
CA ASN A 307 -22.40 2.88 37.12
C ASN A 307 -21.93 3.20 38.53
N PRO A 308 -21.76 4.49 38.84
CA PRO A 308 -21.32 4.93 40.16
C PRO A 308 -22.05 4.26 41.34
N GLU A 309 -23.19 3.63 41.06
CA GLU A 309 -23.98 2.92 42.06
C GLU A 309 -23.41 1.53 42.30
N GLY A 310 -22.61 1.04 41.36
CA GLY A 310 -22.07 -0.29 41.49
C GLY A 310 -23.02 -1.27 40.85
N GLU A 311 -23.89 -0.76 39.98
CA GLU A 311 -24.86 -1.59 39.28
C GLU A 311 -24.39 -2.01 37.90
N PHE A 312 -24.53 -3.29 37.58
CA PHE A 312 -24.13 -3.86 36.30
C PHE A 312 -25.19 -3.70 35.21
N ILE A 313 -24.76 -3.15 34.08
CA ILE A 313 -25.64 -2.94 32.94
C ILE A 313 -24.91 -3.51 31.73
N LEU A 314 -25.64 -3.87 30.70
CA LEU A 314 -25.01 -4.38 29.50
C LEU A 314 -25.88 -3.99 28.33
N THR A 315 -25.37 -3.16 27.43
CA THR A 315 -26.18 -2.77 26.29
C THR A 315 -26.25 -3.92 25.29
N LYS A 316 -27.37 -3.99 24.59
CA LYS A 316 -27.59 -5.05 23.61
C LYS A 316 -27.05 -4.65 22.25
N ASN A 317 -27.06 -3.36 21.93
CA ASN A 317 -26.56 -2.92 20.64
C ASN A 317 -26.10 -1.46 20.56
N TRP A 318 -25.16 -1.20 19.66
CA TRP A 318 -24.64 0.14 19.46
C TRP A 318 -25.64 1.27 19.66
N GLU A 319 -26.74 1.24 18.94
CA GLU A 319 -27.71 2.31 19.06
C GLU A 319 -28.08 2.43 20.51
N MET A 320 -28.20 1.29 21.17
CA MET A 320 -28.55 1.30 22.59
C MET A 320 -27.43 1.89 23.44
N THR A 321 -26.21 1.51 23.14
CA THR A 321 -25.08 2.04 23.86
C THR A 321 -25.10 3.56 23.79
N GLY A 322 -25.51 4.10 22.67
CA GLY A 322 -25.52 5.54 22.54
C GLY A 322 -26.61 6.22 23.33
N ARG A 323 -27.72 5.51 23.55
CA ARG A 323 -28.81 6.07 24.31
C ARG A 323 -28.46 6.03 25.79
N PHE A 324 -27.85 4.94 26.23
CA PHE A 324 -27.46 4.84 27.61
C PHE A 324 -26.49 5.92 27.98
N ILE A 325 -25.60 6.28 27.08
CA ILE A 325 -24.61 7.30 27.38
C ILE A 325 -25.22 8.68 27.28
N GLU A 326 -26.25 8.80 26.46
CA GLU A 326 -26.91 10.08 26.25
C GLU A 326 -27.76 10.43 27.42
N LYS A 327 -28.46 9.44 27.96
CA LYS A 327 -29.37 9.67 29.06
C LYS A 327 -28.82 9.55 30.46
N ASN A 328 -27.62 9.02 30.65
CA ASN A 328 -27.11 8.88 32.00
C ASN A 328 -25.71 9.41 32.18
N ILE A 329 -25.12 9.93 31.11
CA ILE A 329 -23.75 10.41 31.19
C ILE A 329 -23.58 11.77 30.59
N THR A 330 -23.55 11.88 29.27
CA THR A 330 -23.38 13.21 28.68
C THR A 330 -24.58 14.09 29.02
N GLY A 331 -25.58 13.50 29.65
CA GLY A 331 -26.75 14.27 30.01
C GLY A 331 -26.91 14.55 31.50
N LYS A 332 -26.10 13.89 32.33
CA LYS A 332 -26.19 14.07 33.77
C LYS A 332 -24.89 14.51 34.42
N ASP A 333 -24.28 15.57 33.95
CA ASP A 333 -23.07 16.07 34.61
C ASP A 333 -21.88 15.13 34.82
N TYR A 334 -21.40 14.50 33.76
CA TYR A 334 -20.22 13.66 33.87
C TYR A 334 -19.30 14.04 32.73
N LEU A 335 -18.02 13.79 32.88
CA LEU A 335 -17.12 14.10 31.78
C LEU A 335 -17.08 12.96 30.75
N TYR A 336 -17.40 13.29 29.52
CA TYR A 336 -17.36 12.30 28.45
C TYR A 336 -16.90 12.90 27.13
N TYR A 337 -16.17 12.12 26.36
CA TYR A 337 -15.78 12.54 25.02
C TYR A 337 -15.83 11.25 24.21
N PHE A 338 -16.36 11.34 22.98
CA PHE A 338 -16.45 10.18 22.11
C PHE A 338 -15.34 10.21 21.10
N ASN A 339 -14.92 9.02 20.65
CA ASN A 339 -13.88 8.85 19.65
C ASN A 339 -13.92 9.89 18.53
N ARG A 340 -12.77 10.49 18.25
CA ARG A 340 -12.68 11.51 17.22
C ARG A 340 -12.87 10.96 15.84
N SER A 341 -12.64 9.66 15.68
CA SER A 341 -12.84 9.05 14.38
C SER A 341 -14.31 8.85 14.03
N TYR A 342 -15.17 8.65 15.03
CA TYR A 342 -16.58 8.44 14.73
C TYR A 342 -17.05 9.51 13.75
N ASN A 343 -18.09 9.18 12.99
CA ASN A 343 -18.65 10.04 11.97
C ASN A 343 -17.67 10.45 10.85
N LYS A 344 -16.61 9.66 10.74
CA LYS A 344 -15.60 9.85 9.72
C LYS A 344 -15.11 8.45 9.27
N ILE A 345 -14.18 8.45 8.32
CA ILE A 345 -13.62 7.20 7.88
C ILE A 345 -12.29 7.01 8.60
N ALA A 346 -12.26 6.24 9.67
CA ALA A 346 -11.01 6.02 10.37
C ALA A 346 -9.97 5.74 9.30
N PRO A 347 -8.73 6.25 9.47
CA PRO A 347 -7.66 6.05 8.50
C PRO A 347 -7.06 4.64 8.49
N GLY A 348 -6.92 4.06 9.67
CA GLY A 348 -6.29 2.76 9.78
C GLY A 348 -7.04 1.64 9.11
N ASN A 349 -8.23 1.35 9.62
CA ASN A 349 -9.09 0.28 9.13
C ASN A 349 -10.26 0.77 8.26
N LYS A 350 -10.25 2.03 7.86
CA LYS A 350 -11.34 2.60 7.08
C LYS A 350 -12.71 2.42 7.72
N ALA A 351 -12.76 2.09 9.00
CA ALA A 351 -14.04 1.92 9.68
C ALA A 351 -14.88 3.22 9.64
N TYR A 352 -16.19 3.08 9.57
CA TYR A 352 -17.05 4.27 9.58
C TYR A 352 -18.14 4.07 10.63
N ILE A 353 -17.76 4.31 11.87
CA ILE A 353 -18.66 4.20 12.99
C ILE A 353 -19.42 5.50 13.25
N GLU A 354 -20.75 5.41 13.36
CA GLU A 354 -21.53 6.61 13.58
C GLU A 354 -21.86 6.86 15.05
N TRP A 355 -22.02 8.13 15.38
CA TRP A 355 -22.33 8.55 16.74
C TRP A 355 -23.09 9.84 16.65
N THR A 356 -23.91 10.09 17.65
CA THR A 356 -24.72 11.31 17.66
C THR A 356 -23.94 12.51 18.14
N ASP A 357 -23.75 13.48 17.26
CA ASP A 357 -23.02 14.70 17.58
C ASP A 357 -23.97 15.91 17.62
N PRO A 358 -24.20 16.46 18.82
CA PRO A 358 -25.10 17.61 18.88
C PRO A 358 -24.65 18.83 18.05
N ILE A 359 -23.33 19.09 17.94
CA ILE A 359 -22.90 20.25 17.14
C ILE A 359 -23.39 20.22 15.69
N THR A 360 -23.54 19.02 15.12
CA THR A 360 -24.00 18.89 13.75
C THR A 360 -25.48 19.10 13.57
N LYS A 361 -26.29 18.61 14.49
CA LYS A 361 -27.73 18.80 14.38
C LYS A 361 -27.98 20.31 14.29
N ALA A 362 -27.12 21.10 14.93
CA ALA A 362 -27.27 22.55 14.94
C ALA A 362 -26.74 23.19 13.66
N LYS A 363 -25.68 22.60 13.12
CA LYS A 363 -25.06 23.10 11.90
C LYS A 363 -26.06 23.68 10.91
N ILE A 364 -27.16 22.98 10.69
CA ILE A 364 -28.20 23.42 9.75
C ILE A 364 -28.75 24.80 9.99
N ASN A 365 -28.80 25.23 11.25
CA ASN A 365 -29.35 26.56 11.53
C ASN A 365 -28.29 27.60 11.88
N THR A 366 -27.03 27.18 11.95
CA THR A 366 -25.99 28.13 12.28
C THR A 366 -25.10 28.39 11.09
N ILE A 367 -24.88 29.67 10.77
CA ILE A 367 -24.03 29.99 9.65
C ILE A 367 -22.62 29.62 10.06
N PRO A 368 -21.75 29.41 9.08
CA PRO A 368 -20.35 29.04 9.27
C PRO A 368 -19.36 30.11 9.64
N THR A 369 -18.27 29.70 10.27
CA THR A 369 -17.20 30.61 10.64
C THR A 369 -16.44 30.82 9.34
N SER A 370 -15.53 31.77 9.29
CA SER A 370 -14.80 31.98 8.04
C SER A 370 -13.90 30.78 7.74
N ALA A 371 -13.22 30.27 8.75
CA ALA A 371 -12.35 29.13 8.54
C ALA A 371 -13.18 27.96 7.97
N GLU A 372 -14.25 27.55 8.66
CA GLU A 372 -15.08 26.46 8.17
C GLU A 372 -15.36 26.69 6.69
N PHE A 373 -15.63 27.92 6.30
CA PHE A 373 -15.88 28.25 4.90
C PHE A 373 -14.70 27.86 4.04
N ILE A 374 -13.52 28.31 4.44
CA ILE A 374 -12.30 28.03 3.70
C ILE A 374 -11.99 26.53 3.78
N LYS A 375 -11.85 26.03 4.99
CA LYS A 375 -11.57 24.61 5.18
C LYS A 375 -12.53 23.75 4.37
N ASN A 376 -13.71 24.27 4.05
CA ASN A 376 -14.67 23.51 3.26
C ASN A 376 -14.49 23.73 1.79
N LEU A 377 -13.51 24.55 1.44
CA LEU A 377 -13.21 24.80 0.05
C LEU A 377 -11.93 24.02 -0.18
N SER A 378 -11.29 23.62 0.91
CA SER A 378 -10.06 22.84 0.89
C SER A 378 -10.39 21.38 0.61
N SER A 379 -11.15 20.79 1.53
CA SER A 379 -11.56 19.41 1.41
C SER A 379 -12.50 19.27 0.23
N ILE A 380 -13.24 20.32 -0.07
CA ILE A 380 -14.16 20.26 -1.21
C ILE A 380 -13.29 20.15 -2.46
N ARG A 381 -12.09 20.73 -2.38
CA ARG A 381 -11.14 20.73 -3.49
C ARG A 381 -10.37 19.41 -3.59
N ARG A 382 -11.13 18.32 -3.66
CA ARG A 382 -10.57 16.97 -3.81
C ARG A 382 -11.13 16.50 -5.15
N SER A 383 -12.45 16.39 -5.21
CA SER A 383 -13.09 15.99 -6.43
C SER A 383 -12.89 17.18 -7.35
N SER A 384 -11.65 17.43 -7.76
CA SER A 384 -11.34 18.56 -8.63
C SER A 384 -9.85 18.73 -8.82
N SER A 403 -13.73 35.29 -7.84
CA SER A 403 -12.77 35.24 -6.74
C SER A 403 -13.19 36.22 -5.64
N VAL A 404 -14.29 35.85 -4.96
CA VAL A 404 -14.86 36.63 -3.87
C VAL A 404 -14.35 36.17 -2.50
N LYS A 405 -13.60 37.04 -1.84
CA LYS A 405 -13.06 36.77 -0.51
C LYS A 405 -13.92 37.61 0.43
N LYS A 406 -14.84 38.37 -0.18
CA LYS A 406 -15.74 39.21 0.59
C LYS A 406 -16.51 38.32 1.56
N ILE A 407 -17.02 37.21 1.05
CA ILE A 407 -17.78 36.27 1.87
C ILE A 407 -16.97 35.70 3.03
N ALA A 408 -15.72 35.38 2.79
CA ALA A 408 -14.89 34.82 3.86
C ALA A 408 -14.51 35.88 4.88
N GLY A 409 -14.83 37.13 4.55
CA GLY A 409 -14.54 38.23 5.46
C GLY A 409 -15.82 38.49 6.23
N TYR A 410 -16.93 38.65 5.50
CA TYR A 410 -18.23 38.87 6.11
C TYR A 410 -18.48 37.83 7.20
N LEU A 411 -18.23 36.57 6.88
CA LEU A 411 -18.42 35.49 7.83
C LEU A 411 -17.52 35.69 9.05
N SER A 412 -16.40 36.34 8.82
CA SER A 412 -15.48 36.65 9.91
C SER A 412 -16.03 37.86 10.69
N ASP A 413 -16.88 38.64 10.01
CA ASP A 413 -17.51 39.81 10.61
C ASP A 413 -18.68 39.38 11.49
N TYR A 414 -19.49 38.46 10.97
CA TYR A 414 -20.63 37.98 11.70
C TYR A 414 -20.22 37.48 13.08
N TYR A 415 -19.08 36.79 13.16
CA TYR A 415 -18.61 36.28 14.44
C TYR A 415 -17.49 37.13 14.98
N ASN A 416 -17.79 38.42 15.15
CA ASN A 416 -16.81 39.37 15.69
C ASN A 416 -16.96 39.54 17.22
N SER A 417 -15.90 39.18 17.94
CA SER A 417 -15.90 39.26 19.39
C SER A 417 -16.18 40.67 19.90
N ALA A 418 -15.86 41.68 19.10
CA ALA A 418 -16.12 43.06 19.49
C ALA A 418 -17.61 43.32 19.25
N ASN A 419 -18.44 42.53 19.91
CA ASN A 419 -19.88 42.63 19.81
C ASN A 419 -20.39 42.68 21.24
N HIS A 420 -19.54 42.21 22.16
CA HIS A 420 -19.88 42.16 23.56
C HIS A 420 -20.01 43.52 24.20
N ILE A 421 -20.10 44.56 23.38
CA ILE A 421 -20.26 45.88 23.93
C ILE A 421 -21.58 46.45 23.43
N PHE A 422 -22.39 45.62 22.79
CA PHE A 422 -23.68 46.08 22.29
C PHE A 422 -24.80 45.33 22.96
N SER A 423 -26.01 45.85 22.85
CA SER A 423 -27.16 45.21 23.47
C SER A 423 -27.57 44.04 22.61
N GLN A 424 -28.36 43.14 23.16
CA GLN A 424 -28.81 42.01 22.38
C GLN A 424 -29.47 42.58 21.14
N GLU A 425 -30.41 43.50 21.31
CA GLU A 425 -31.09 44.12 20.18
C GLU A 425 -30.09 44.53 19.11
N LYS A 426 -29.05 45.23 19.52
CA LYS A 426 -28.03 45.71 18.59
C LYS A 426 -27.43 44.50 17.88
N LYS A 427 -27.00 43.53 18.67
CA LYS A 427 -26.40 42.30 18.17
C LYS A 427 -27.23 41.64 17.07
N ARG A 428 -28.49 41.35 17.36
CA ARG A 428 -29.36 40.73 16.38
C ARG A 428 -29.42 41.59 15.11
N LYS A 429 -29.57 42.88 15.29
CA LYS A 429 -29.64 43.78 14.14
C LYS A 429 -28.45 43.62 13.21
N ILE A 430 -27.28 44.07 13.65
CA ILE A 430 -26.06 44.02 12.85
C ILE A 430 -25.72 42.64 12.29
N SER A 431 -26.15 41.58 12.97
CA SER A 431 -25.86 40.24 12.51
C SER A 431 -26.81 39.86 11.39
N ILE A 432 -28.10 40.17 11.57
CA ILE A 432 -29.10 39.87 10.55
C ILE A 432 -28.68 40.61 9.28
N PHE A 433 -27.82 41.61 9.45
CA PHE A 433 -27.34 42.38 8.33
C PHE A 433 -26.11 41.70 7.74
N ARG A 434 -25.07 41.57 8.57
CA ARG A 434 -23.82 40.94 8.16
C ARG A 434 -24.11 39.62 7.45
N GLY A 435 -25.22 38.99 7.82
CA GLY A 435 -25.60 37.73 7.21
C GLY A 435 -26.08 37.98 5.81
N ILE A 436 -27.19 38.71 5.68
CA ILE A 436 -27.72 39.02 4.37
C ILE A 436 -26.56 39.51 3.50
N GLN A 437 -25.57 40.15 4.11
CA GLN A 437 -24.42 40.64 3.37
C GLN A 437 -23.75 39.49 2.64
N ALA A 438 -23.30 38.48 3.40
CA ALA A 438 -22.64 37.32 2.80
C ALA A 438 -23.63 36.53 1.94
N TYR A 439 -24.91 36.55 2.32
CA TYR A 439 -25.93 35.84 1.57
C TYR A 439 -26.07 36.47 0.19
N ASN A 440 -25.59 37.70 0.08
CA ASN A 440 -25.64 38.46 -1.15
C ASN A 440 -24.46 38.09 -2.04
N GLU A 441 -23.27 38.14 -1.48
CA GLU A 441 -22.05 37.78 -2.21
C GLU A 441 -22.17 36.35 -2.75
N ILE A 442 -22.56 35.41 -1.90
CA ILE A 442 -22.74 34.03 -2.34
C ILE A 442 -23.72 34.03 -3.50
N GLU A 443 -24.73 34.88 -3.39
CA GLU A 443 -25.74 34.99 -4.43
C GLU A 443 -25.20 35.30 -5.82
N ASN A 444 -24.46 36.39 -5.97
CA ASN A 444 -23.93 36.75 -7.28
C ASN A 444 -22.75 35.88 -7.73
N VAL A 445 -22.25 35.03 -6.85
CA VAL A 445 -21.16 34.14 -7.23
C VAL A 445 -21.85 33.02 -8.01
N LEU A 446 -23.00 32.58 -7.49
CA LEU A 446 -23.78 31.54 -8.13
C LEU A 446 -24.39 32.13 -9.38
N LYS A 447 -24.36 33.45 -9.46
CA LYS A 447 -24.93 34.16 -10.61
C LYS A 447 -23.91 34.21 -11.73
N SER A 448 -22.69 33.75 -11.44
CA SER A 448 -21.63 33.70 -12.43
C SER A 448 -21.76 32.36 -13.17
N LYS A 449 -20.63 31.73 -13.46
CA LYS A 449 -20.65 30.44 -14.13
C LYS A 449 -20.66 29.35 -13.07
N GLN A 450 -21.37 28.25 -13.33
CA GLN A 450 -21.44 27.14 -12.37
C GLN A 450 -20.12 26.38 -12.38
N ILE A 451 -19.01 27.13 -12.33
CA ILE A 451 -17.65 26.59 -12.34
C ILE A 451 -17.62 25.09 -12.03
N ALA A 452 -17.71 24.75 -10.75
CA ALA A 452 -17.72 23.36 -10.34
C ALA A 452 -19.17 22.99 -10.10
N PRO A 453 -19.73 22.10 -10.94
CA PRO A 453 -21.13 21.66 -10.83
C PRO A 453 -21.63 21.45 -9.40
N GLU A 454 -20.84 20.79 -8.57
CA GLU A 454 -21.24 20.52 -7.18
C GLU A 454 -20.71 21.52 -6.14
N TYR A 455 -19.93 22.51 -6.58
CA TYR A 455 -19.45 23.56 -5.69
C TYR A 455 -20.72 24.40 -5.55
N LYS A 456 -21.54 24.34 -6.59
CA LYS A 456 -22.81 25.04 -6.68
C LYS A 456 -23.74 24.63 -5.54
N ASN A 457 -23.62 23.38 -5.13
CA ASN A 457 -24.45 22.89 -4.04
C ASN A 457 -24.02 23.48 -2.70
N TYR A 458 -22.72 23.50 -2.46
CA TYR A 458 -22.21 24.03 -1.21
C TYR A 458 -22.79 25.39 -0.91
N PHE A 459 -22.99 26.19 -1.95
CA PHE A 459 -23.53 27.52 -1.77
C PHE A 459 -25.03 27.54 -1.62
N GLN A 460 -25.73 26.79 -2.47
CA GLN A 460 -27.19 26.73 -2.37
C GLN A 460 -27.47 26.27 -0.94
N TYR A 461 -26.49 25.59 -0.36
CA TYR A 461 -26.57 25.06 0.99
C TYR A 461 -26.29 26.15 1.99
N LEU A 462 -25.14 26.82 1.87
CA LEU A 462 -24.80 27.90 2.78
C LEU A 462 -25.98 28.85 2.79
N LYS A 463 -26.38 29.27 1.60
CA LYS A 463 -27.52 30.17 1.46
C LYS A 463 -28.70 29.70 2.29
N GLU A 464 -28.88 28.38 2.36
CA GLU A 464 -29.98 27.80 3.13
C GLU A 464 -29.70 28.03 4.60
N ARG A 465 -28.46 27.82 5.01
CA ARG A 465 -28.08 28.02 6.40
C ARG A 465 -28.23 29.50 6.75
N ILE A 466 -27.60 30.36 5.95
CA ILE A 466 -27.68 31.79 6.17
C ILE A 466 -29.13 32.20 6.33
N THR A 467 -29.99 31.65 5.49
CA THR A 467 -31.41 31.95 5.55
C THR A 467 -32.01 31.60 6.90
N ASN A 468 -31.81 30.37 7.35
CA ASN A 468 -32.38 29.96 8.63
C ASN A 468 -31.86 30.82 9.77
N GLN A 469 -30.55 31.02 9.83
CA GLN A 469 -29.94 31.83 10.88
C GLN A 469 -30.60 33.20 10.96
N VAL A 470 -30.68 33.88 9.83
CA VAL A 470 -31.28 35.21 9.76
C VAL A 470 -32.74 35.12 10.18
N GLN A 471 -33.56 34.41 9.40
CA GLN A 471 -34.97 34.27 9.71
C GLN A 471 -35.14 33.85 11.17
N LEU A 472 -34.06 33.40 11.79
CA LEU A 472 -34.10 32.98 13.19
C LEU A 472 -33.92 34.21 14.08
N LEU A 473 -32.90 35.01 13.78
CA LEU A 473 -32.58 36.22 14.54
C LEU A 473 -33.73 37.23 14.47
N LEU A 474 -34.45 37.21 13.35
CA LEU A 474 -35.58 38.12 13.18
C LEU A 474 -36.71 37.73 14.13
N THR A 475 -37.09 36.45 14.09
CA THR A 475 -38.16 35.97 14.95
C THR A 475 -37.78 36.09 16.43
N HIS A 476 -36.49 36.17 16.75
CA HIS A 476 -36.11 36.31 18.08
C HIS A 476 -36.65 37.72 18.49
N GLN A 477 -36.79 38.68 17.56
CA GLN A 477 -37.15 40.08 17.85
C GLN A 477 -38.51 40.59 17.41
N LYS A 478 -38.73 40.66 16.11
CA LYS A 478 -40.00 41.14 15.63
C LYS A 478 -40.92 39.99 15.25
N PHE A 483 -37.96 36.07 5.47
CA PHE A 483 -36.65 36.46 4.97
C PHE A 483 -36.72 37.07 3.58
N LYS A 484 -37.08 36.25 2.59
CA LYS A 484 -37.20 36.73 1.21
C LYS A 484 -37.84 38.11 1.18
N LEU A 485 -38.86 38.26 2.02
CA LEU A 485 -39.58 39.52 2.12
C LEU A 485 -38.55 40.65 2.16
N LEU A 486 -38.00 40.84 3.34
CA LEU A 486 -37.01 41.89 3.60
C LEU A 486 -35.80 41.87 2.68
N TYR A 487 -35.59 40.78 1.96
CA TYR A 487 -34.45 40.71 1.05
C TYR A 487 -34.71 41.46 -0.24
N LYS A 488 -35.69 42.36 -0.22
CA LYS A 488 -36.00 43.11 -1.43
C LYS A 488 -35.65 44.58 -1.25
N GLN A 489 -36.11 45.15 -0.14
CA GLN A 489 -35.86 46.55 0.18
C GLN A 489 -34.44 46.81 0.67
N LEU A 490 -33.47 46.14 0.06
CA LEU A 490 -32.07 46.32 0.43
C LEU A 490 -31.15 46.57 -0.78
N ASN A 491 -30.01 47.20 -0.51
CA ASN A 491 -29.03 47.56 -1.55
C ASN A 491 -27.93 46.54 -1.75
N PHE A 492 -27.35 46.57 -2.96
CA PHE A 492 -26.24 45.70 -3.32
C PHE A 492 -25.51 46.50 -4.39
N THR A 493 -25.95 47.75 -4.58
CA THR A 493 -25.43 48.60 -5.66
C THR A 493 -24.02 49.05 -5.43
N GLU A 494 -23.87 50.18 -4.71
CA GLU A 494 -22.54 50.74 -4.71
C GLU A 494 -22.43 50.65 -3.21
N ASN A 495 -21.82 51.49 -2.43
CA ASN A 495 -21.45 50.69 -1.28
C ASN A 495 -21.34 51.07 0.16
N GLU A 496 -22.00 51.85 0.93
CA GLU A 496 -21.15 51.76 2.14
C GLU A 496 -21.82 51.70 3.44
N THR A 497 -22.32 52.82 3.83
CA THR A 497 -23.13 52.80 4.99
C THR A 497 -24.36 53.50 4.46
N ASP A 498 -24.97 52.85 3.45
CA ASP A 498 -26.10 53.42 2.79
C ASP A 498 -27.21 52.43 2.69
N ASN A 499 -26.75 51.18 2.68
CA ASN A 499 -27.65 50.05 2.57
C ASN A 499 -28.08 49.74 3.99
N PHE A 500 -27.04 49.68 4.86
CA PHE A 500 -27.20 49.41 6.29
C PHE A 500 -28.20 50.38 6.88
N GLU A 501 -28.39 51.50 6.19
CA GLU A 501 -29.31 52.56 6.59
C GLU A 501 -30.76 52.19 6.34
N VAL A 502 -31.10 52.00 5.08
CA VAL A 502 -32.46 51.63 4.71
C VAL A 502 -32.86 50.45 5.59
N PHE A 503 -31.89 49.58 5.87
CA PHE A 503 -32.08 48.38 6.69
C PHE A 503 -32.70 48.70 8.04
N GLN A 504 -31.95 49.44 8.86
CA GLN A 504 -32.39 49.83 10.20
C GLN A 504 -33.88 50.09 10.31
N LYS A 505 -34.40 50.81 9.32
CA LYS A 505 -35.81 51.18 9.26
C LYS A 505 -36.72 49.99 8.94
N ILE A 506 -36.27 49.15 8.02
CA ILE A 506 -37.06 47.99 7.63
C ILE A 506 -37.47 47.15 8.83
N ILE A 507 -36.53 46.96 9.76
CA ILE A 507 -36.79 46.17 10.98
C ILE A 507 -37.97 46.75 11.76
N ASP A 508 -38.00 48.07 11.90
CA ASP A 508 -39.06 48.76 12.60
C ASP A 508 -40.43 48.31 12.13
N ASP B 4 -23.66 -13.95 -35.24
CA ASP B 4 -24.08 -14.76 -34.05
C ASP B 4 -24.53 -13.85 -32.91
N VAL B 5 -24.97 -12.66 -33.29
CA VAL B 5 -25.47 -11.69 -32.34
C VAL B 5 -26.95 -12.03 -32.19
N LEU B 6 -27.71 -11.17 -31.52
CA LEU B 6 -29.14 -11.38 -31.37
C LEU B 6 -29.75 -10.10 -31.89
N LYS B 7 -31.07 -10.09 -32.07
CA LYS B 7 -31.72 -8.88 -32.53
C LYS B 7 -33.17 -8.88 -32.08
N GLY B 8 -33.83 -7.74 -32.24
CA GLY B 8 -35.22 -7.64 -31.86
C GLY B 8 -35.46 -8.03 -30.42
N GLU B 9 -36.61 -7.62 -29.88
CA GLU B 9 -36.96 -7.90 -28.50
C GLU B 9 -35.97 -8.85 -27.84
N LYS B 10 -35.89 -10.07 -28.36
CA LYS B 10 -34.98 -11.08 -27.83
C LYS B 10 -33.66 -10.50 -27.27
N ALA B 11 -33.06 -9.57 -28.02
CA ALA B 11 -31.82 -8.96 -27.60
C ALA B 11 -32.10 -7.99 -26.46
N LEU B 12 -33.08 -7.11 -26.69
CA LEU B 12 -33.52 -6.12 -25.74
C LEU B 12 -33.85 -6.77 -24.39
N LYS B 13 -34.27 -8.02 -24.46
CA LYS B 13 -34.59 -8.75 -23.26
C LYS B 13 -33.31 -9.19 -22.58
N ALA B 14 -32.19 -8.66 -23.03
CA ALA B 14 -30.92 -9.06 -22.43
C ALA B 14 -30.06 -7.85 -22.13
N SER B 15 -30.48 -6.70 -22.60
CA SER B 15 -29.74 -5.47 -22.36
C SER B 15 -30.01 -5.02 -20.95
N GLY B 16 -31.22 -5.33 -20.50
CA GLY B 16 -31.61 -4.92 -19.17
C GLY B 16 -32.28 -3.58 -19.29
N LEU B 17 -32.21 -2.97 -20.46
CA LEU B 17 -32.83 -1.68 -20.70
C LEU B 17 -34.35 -1.80 -20.65
N VAL B 18 -34.99 -0.67 -20.40
CA VAL B 18 -36.44 -0.61 -20.36
C VAL B 18 -36.87 -0.27 -21.78
N PRO B 19 -37.63 -1.19 -22.38
CA PRO B 19 -38.16 -1.07 -23.74
C PRO B 19 -38.64 0.30 -24.18
N GLU B 20 -39.44 0.96 -23.36
CA GLU B 20 -39.92 2.28 -23.73
C GLU B 20 -38.74 3.26 -23.93
N HIS B 21 -37.63 2.99 -23.25
CA HIS B 21 -36.49 3.87 -23.38
C HIS B 21 -35.66 3.42 -24.55
N ALA B 22 -35.63 2.12 -24.76
CA ALA B 22 -34.84 1.57 -25.87
C ALA B 22 -35.46 2.07 -27.15
N ASP B 23 -36.77 1.92 -27.24
CA ASP B 23 -37.51 2.38 -28.40
C ASP B 23 -37.13 3.81 -28.63
N ALA B 24 -37.58 4.68 -27.76
CA ALA B 24 -37.27 6.09 -27.89
C ALA B 24 -35.83 6.29 -28.33
N PHE B 25 -34.94 5.35 -28.03
CA PHE B 25 -33.55 5.51 -28.44
C PHE B 25 -33.34 5.42 -29.96
N LYS B 26 -34.13 4.56 -30.62
CA LYS B 26 -34.07 4.41 -32.08
C LYS B 26 -34.12 5.81 -32.69
N LYS B 27 -35.18 6.53 -32.39
CA LYS B 27 -35.36 7.87 -32.90
C LYS B 27 -34.07 8.68 -32.90
N ILE B 28 -33.47 8.87 -31.73
CA ILE B 28 -32.26 9.69 -31.63
C ILE B 28 -31.06 9.09 -32.37
N ALA B 29 -31.03 7.76 -32.42
CA ALA B 29 -29.97 7.03 -33.07
C ALA B 29 -29.94 7.29 -34.55
N ARG B 30 -31.12 7.48 -35.13
CA ARG B 30 -31.21 7.75 -36.57
C ARG B 30 -31.05 9.24 -36.84
N GLU B 31 -31.99 10.06 -36.35
CA GLU B 31 -31.88 11.50 -36.57
C GLU B 31 -30.42 11.93 -36.50
N LEU B 32 -29.64 11.27 -35.67
CA LEU B 32 -28.24 11.63 -35.52
C LEU B 32 -27.24 10.69 -36.14
N ASN B 33 -27.75 9.72 -36.89
CA ASN B 33 -26.91 8.74 -37.57
C ASN B 33 -25.74 8.34 -36.68
N THR B 34 -26.03 7.57 -35.64
CA THR B 34 -25.00 7.15 -34.68
C THR B 34 -25.22 5.79 -34.06
N TYR B 35 -24.15 5.02 -33.93
CA TYR B 35 -24.29 3.74 -33.30
C TYR B 35 -24.29 4.04 -31.80
N ILE B 36 -25.20 3.41 -31.07
CA ILE B 36 -25.26 3.60 -29.62
C ILE B 36 -25.07 2.26 -28.91
N LEU B 37 -23.96 2.16 -28.17
CA LEU B 37 -23.60 0.94 -27.46
C LEU B 37 -23.75 1.06 -25.93
N PHE B 38 -24.38 0.06 -25.32
CA PHE B 38 -24.58 0.06 -23.89
C PHE B 38 -23.89 -1.08 -23.16
N ARG B 39 -23.41 -0.82 -21.95
CA ARG B 39 -22.80 -1.87 -21.16
C ARG B 39 -23.98 -2.64 -20.60
N PRO B 40 -23.74 -3.76 -19.91
CA PRO B 40 -24.93 -4.45 -19.43
C PRO B 40 -25.77 -3.65 -18.41
N VAL B 41 -27.00 -4.08 -18.13
CA VAL B 41 -27.87 -3.37 -17.17
C VAL B 41 -28.58 -4.35 -16.25
N ASN B 42 -28.37 -4.22 -14.94
CA ASN B 42 -28.96 -5.15 -14.01
C ASN B 42 -30.38 -5.39 -14.35
N LYS B 43 -30.71 -6.61 -14.73
CA LYS B 43 -32.09 -6.91 -15.05
C LYS B 43 -33.04 -6.72 -13.85
N LEU B 44 -32.56 -6.88 -12.62
CA LEU B 44 -33.47 -6.67 -11.50
C LEU B 44 -33.61 -5.18 -11.22
N ALA B 45 -32.99 -4.36 -12.03
CA ALA B 45 -33.08 -2.94 -11.84
C ALA B 45 -33.94 -2.31 -12.91
N THR B 46 -34.05 -2.97 -14.07
CA THR B 46 -34.81 -2.39 -15.14
C THR B 46 -36.23 -2.02 -14.68
N ASN B 47 -36.95 -2.92 -14.01
CA ASN B 47 -38.29 -2.53 -13.53
C ASN B 47 -38.22 -1.33 -12.60
N LEU B 48 -37.27 -1.27 -11.67
CA LEU B 48 -37.22 -0.10 -10.82
C LEU B 48 -36.99 1.12 -11.72
N ILE B 49 -36.11 1.03 -12.69
CA ILE B 49 -35.90 2.20 -13.54
C ILE B 49 -37.18 2.62 -14.26
N LYS B 50 -37.88 1.65 -14.86
CA LYS B 50 -39.11 1.98 -15.56
C LYS B 50 -40.03 2.73 -14.65
N SER B 51 -40.09 2.28 -13.39
CA SER B 51 -40.96 2.88 -12.38
C SER B 51 -40.54 4.25 -11.82
N GLY B 52 -39.53 4.87 -12.41
CA GLY B 52 -39.13 6.17 -11.93
C GLY B 52 -37.98 6.30 -10.95
N VAL B 53 -37.58 5.21 -10.30
CA VAL B 53 -36.46 5.30 -9.34
C VAL B 53 -35.22 6.00 -9.90
N ALA B 54 -34.56 6.77 -9.05
CA ALA B 54 -33.37 7.51 -9.48
C ALA B 54 -32.20 6.58 -9.84
N THR B 55 -31.31 7.01 -10.76
CA THR B 55 -30.16 6.18 -11.21
C THR B 55 -28.82 6.77 -10.80
N LYS B 56 -27.94 5.93 -10.28
CA LYS B 56 -26.66 6.40 -9.79
C LYS B 56 -25.68 6.99 -10.77
N GLY B 57 -25.10 8.12 -10.39
CA GLY B 57 -24.12 8.80 -11.23
C GLY B 57 -22.75 8.45 -10.69
N LEU B 58 -21.75 9.22 -11.09
CA LEU B 58 -20.37 8.92 -10.67
C LEU B 58 -20.05 9.20 -9.21
N ASN B 59 -21.02 9.78 -8.50
CA ASN B 59 -20.89 10.08 -7.07
C ASN B 59 -21.05 8.79 -6.27
N VAL B 60 -21.60 7.78 -6.92
CA VAL B 60 -21.88 6.52 -6.25
C VAL B 60 -21.30 5.36 -7.04
N HIS B 61 -20.24 4.77 -6.50
CA HIS B 61 -19.59 3.65 -7.11
C HIS B 61 -19.99 2.35 -6.41
N GLY B 62 -20.99 2.38 -5.57
CA GLY B 62 -21.36 1.15 -4.90
C GLY B 62 -21.98 0.29 -5.96
N LYS B 63 -21.99 -1.01 -5.75
CA LYS B 63 -22.55 -1.87 -6.75
C LYS B 63 -24.00 -2.27 -6.56
N SER B 64 -24.64 -2.24 -7.73
CA SER B 64 -26.01 -2.60 -8.11
C SER B 64 -26.22 -3.97 -7.38
N SER B 65 -27.43 -4.36 -7.01
CA SER B 65 -27.65 -5.71 -6.36
C SER B 65 -28.57 -6.63 -7.21
N ASP B 66 -28.38 -7.94 -7.22
CA ASP B 66 -29.20 -8.81 -8.07
C ASP B 66 -29.80 -10.06 -7.46
N TRP B 67 -30.10 -10.03 -6.17
CA TRP B 67 -30.71 -11.17 -5.46
C TRP B 67 -31.34 -10.63 -4.22
N GLY B 68 -32.15 -11.44 -3.54
CA GLY B 68 -32.79 -10.96 -2.32
C GLY B 68 -33.68 -9.72 -2.40
N PRO B 69 -34.18 -9.25 -1.26
CA PRO B 69 -35.06 -8.08 -1.22
C PRO B 69 -34.51 -6.87 -1.91
N VAL B 70 -33.26 -6.56 -1.62
CA VAL B 70 -32.60 -5.39 -2.15
C VAL B 70 -32.30 -5.38 -3.65
N ALA B 71 -32.63 -6.46 -4.34
CA ALA B 71 -32.44 -6.58 -5.80
C ALA B 71 -32.76 -5.29 -6.54
N GLY B 72 -31.75 -4.68 -7.16
CA GLY B 72 -31.98 -3.49 -7.92
C GLY B 72 -31.47 -2.24 -7.30
N TYR B 73 -31.45 -2.18 -5.97
CA TYR B 73 -30.95 -0.95 -5.34
C TYR B 73 -29.48 -1.12 -4.96
N ILE B 74 -28.86 -0.05 -4.52
CA ILE B 74 -27.47 -0.12 -4.11
C ILE B 74 -27.41 -0.34 -2.58
N PRO B 75 -27.18 -1.57 -2.11
CA PRO B 75 -27.12 -1.81 -0.67
C PRO B 75 -25.96 -0.99 -0.05
N PHE B 76 -26.16 -0.50 1.17
CA PHE B 76 -25.08 0.24 1.79
C PHE B 76 -23.99 -0.80 2.04
N ASP B 77 -24.39 -1.89 2.68
CA ASP B 77 -23.54 -3.02 3.01
C ASP B 77 -23.41 -3.86 1.73
N GLN B 78 -22.25 -3.78 1.08
CA GLN B 78 -22.08 -4.50 -0.18
C GLN B 78 -22.11 -6.03 -0.20
N ASP B 79 -22.29 -6.68 0.95
CA ASP B 79 -22.38 -8.14 0.97
C ASP B 79 -23.80 -8.51 0.55
N LEU B 80 -24.65 -7.52 0.39
CA LEU B 80 -25.99 -7.78 -0.05
C LEU B 80 -26.06 -7.42 -1.54
N SER B 81 -24.94 -7.00 -2.13
CA SER B 81 -24.96 -6.65 -3.55
C SER B 81 -24.62 -7.83 -4.47
N LYS B 82 -24.51 -7.57 -5.76
CA LYS B 82 -24.16 -8.66 -6.66
C LYS B 82 -22.84 -9.30 -6.25
N LYS B 83 -22.04 -8.65 -5.40
CA LYS B 83 -20.78 -9.25 -4.98
C LYS B 83 -20.84 -10.03 -3.68
N HIS B 84 -22.01 -10.51 -3.28
CA HIS B 84 -22.17 -11.31 -2.05
C HIS B 84 -21.00 -12.25 -2.02
N GLY B 85 -20.53 -12.65 -0.82
CA GLY B 85 -19.36 -13.51 -0.78
C GLY B 85 -18.27 -12.65 -1.43
N GLN B 86 -17.07 -13.13 -1.67
CA GLN B 86 -16.09 -12.25 -2.29
C GLN B 86 -15.58 -11.19 -1.34
N GLN B 87 -15.06 -11.68 -0.21
CA GLN B 87 -14.50 -10.83 0.83
C GLN B 87 -13.83 -9.51 0.40
N LEU B 88 -13.19 -9.48 -0.75
CA LEU B 88 -12.53 -8.23 -1.08
C LEU B 88 -13.34 -7.23 -1.83
N ALA B 89 -14.30 -7.68 -2.63
CA ALA B 89 -15.09 -6.71 -3.40
C ALA B 89 -16.10 -6.01 -2.47
N VAL B 90 -16.50 -6.72 -1.44
CA VAL B 90 -17.43 -6.18 -0.46
C VAL B 90 -16.77 -4.94 0.14
N GLU B 91 -15.55 -5.13 0.62
CA GLU B 91 -14.80 -4.03 1.19
C GLU B 91 -14.57 -2.84 0.24
N LYS B 92 -14.14 -3.06 -0.98
CA LYS B 92 -13.95 -1.92 -1.88
C LYS B 92 -15.33 -1.21 -2.05
N GLY B 93 -16.39 -2.02 -2.04
CA GLY B 93 -17.74 -1.49 -2.20
C GLY B 93 -18.18 -0.69 -1.00
N ASN B 94 -17.96 -1.27 0.16
CA ASN B 94 -18.29 -0.62 1.41
C ASN B 94 -17.58 0.75 1.50
N LEU B 95 -16.29 0.79 1.21
CA LEU B 95 -15.53 2.02 1.28
C LEU B 95 -15.94 2.99 0.20
N GLU B 96 -16.38 2.46 -0.92
CA GLU B 96 -16.77 3.37 -1.97
C GLU B 96 -18.07 4.03 -1.55
N ASN B 97 -18.78 3.35 -0.68
CA ASN B 97 -20.05 3.82 -0.18
C ASN B 97 -19.88 4.84 0.94
N LYS B 98 -19.08 4.49 1.93
CA LYS B 98 -18.79 5.37 3.04
C LYS B 98 -18.38 6.70 2.45
N LYS B 99 -17.38 6.67 1.56
CA LYS B 99 -16.90 7.86 0.86
C LYS B 99 -18.05 8.68 0.29
N SER B 100 -18.95 8.00 -0.42
CA SER B 100 -20.11 8.67 -1.00
C SER B 100 -20.88 9.46 0.06
N ILE B 101 -21.08 8.85 1.20
CA ILE B 101 -21.81 9.50 2.27
C ILE B 101 -21.04 10.68 2.83
N THR B 102 -19.77 10.48 3.12
CA THR B 102 -18.97 11.53 3.70
C THR B 102 -18.50 12.63 2.75
N GLU B 103 -17.93 12.27 1.60
CA GLU B 103 -17.44 13.30 0.68
C GLU B 103 -18.55 14.03 -0.03
N HIS B 104 -19.78 13.54 0.09
CA HIS B 104 -20.92 14.20 -0.56
C HIS B 104 -22.10 14.32 0.38
N GLU B 105 -21.76 14.60 1.64
CA GLU B 105 -22.71 14.81 2.72
C GLU B 105 -23.81 15.72 2.20
N GLY B 106 -25.06 15.40 2.52
CA GLY B 106 -26.18 16.21 2.07
C GLY B 106 -26.63 15.91 0.66
N GLU B 107 -25.72 15.41 -0.17
CA GLU B 107 -26.04 15.07 -1.55
C GLU B 107 -26.36 13.57 -1.62
N ILE B 108 -25.57 12.76 -0.95
CA ILE B 108 -25.77 11.31 -0.94
C ILE B 108 -26.01 10.79 0.46
N GLY B 109 -26.76 9.70 0.57
CA GLY B 109 -27.01 9.16 1.89
C GLY B 109 -27.54 7.76 1.79
N LYS B 110 -27.95 7.21 2.91
CA LYS B 110 -28.50 5.87 2.97
C LYS B 110 -29.78 5.94 3.77
N ILE B 111 -30.83 5.27 3.29
CA ILE B 111 -32.13 5.24 3.99
C ILE B 111 -32.63 3.82 4.19
N PRO B 112 -33.65 3.63 5.02
CA PRO B 112 -33.95 2.20 5.07
C PRO B 112 -34.67 1.74 3.81
N LEU B 113 -34.54 0.45 3.52
CA LEU B 113 -35.18 -0.10 2.35
C LEU B 113 -36.63 -0.39 2.60
N LYS B 114 -37.50 0.11 1.74
CA LYS B 114 -38.92 -0.19 1.88
C LYS B 114 -39.45 -0.90 0.66
N LEU B 115 -40.02 -2.07 0.85
CA LEU B 115 -40.61 -2.75 -0.28
C LEU B 115 -42.10 -2.58 -0.24
N ASP B 116 -42.63 -1.79 -1.17
CA ASP B 116 -44.07 -1.68 -1.19
C ASP B 116 -44.66 -3.03 -1.63
N HIS B 117 -45.94 -2.98 -1.97
CA HIS B 117 -46.71 -4.14 -2.36
C HIS B 117 -46.38 -4.64 -3.79
N LEU B 118 -46.32 -3.73 -4.76
CA LEU B 118 -46.04 -4.12 -6.13
C LEU B 118 -44.70 -4.80 -6.36
N ARG B 119 -43.64 -4.27 -5.76
CA ARG B 119 -42.31 -4.86 -5.90
C ARG B 119 -42.18 -6.24 -5.29
N ILE B 120 -42.99 -6.58 -4.28
CA ILE B 120 -42.87 -7.92 -3.71
C ILE B 120 -43.46 -8.88 -4.72
N GLU B 121 -44.46 -8.39 -5.45
CA GLU B 121 -45.13 -9.18 -6.46
C GLU B 121 -44.16 -9.44 -7.59
N GLU B 122 -43.49 -8.36 -8.04
CA GLU B 122 -42.51 -8.43 -9.12
C GLU B 122 -41.40 -9.39 -8.70
N LEU B 123 -40.94 -9.27 -7.45
CA LEU B 123 -39.86 -10.12 -6.95
C LEU B 123 -40.24 -11.58 -6.87
N LYS B 124 -41.53 -11.83 -6.64
CA LYS B 124 -42.05 -13.18 -6.56
C LYS B 124 -42.12 -13.76 -7.97
N GLU B 125 -42.26 -12.91 -8.98
CA GLU B 125 -42.37 -13.42 -10.34
C GLU B 125 -41.02 -13.80 -10.90
N ASN B 126 -40.00 -13.03 -10.56
CA ASN B 126 -38.66 -13.38 -11.00
C ASN B 126 -38.22 -14.48 -10.05
N GLY B 127 -39.13 -14.93 -9.18
CA GLY B 127 -38.79 -15.95 -8.21
C GLY B 127 -37.62 -15.60 -7.29
N ILE B 128 -37.48 -14.31 -6.94
CA ILE B 128 -36.37 -13.84 -6.10
C ILE B 128 -36.58 -13.99 -4.60
N ILE B 129 -37.80 -13.76 -4.15
CA ILE B 129 -38.08 -13.93 -2.75
C ILE B 129 -39.53 -14.27 -2.63
N LEU B 130 -39.92 -14.88 -1.52
CA LEU B 130 -41.31 -15.25 -1.29
C LEU B 130 -41.81 -14.83 0.09
N LYS B 131 -42.85 -13.99 0.11
CA LYS B 131 -43.42 -13.53 1.37
C LYS B 131 -44.06 -14.69 2.13
N GLY B 132 -43.61 -14.93 3.35
CA GLY B 132 -44.14 -16.02 4.14
C GLY B 132 -44.80 -15.76 5.48
N LYS B 133 -44.38 -16.58 6.44
CA LYS B 133 -44.84 -16.65 7.84
C LYS B 133 -44.93 -15.34 8.59
N LYS B 134 -45.98 -15.16 9.41
CA LYS B 134 -46.11 -13.94 10.20
C LYS B 134 -45.16 -14.07 11.36
N GLU B 135 -44.94 -12.98 12.07
CA GLU B 135 -44.04 -12.96 13.22
C GLU B 135 -44.19 -11.63 13.97
N ILE B 136 -44.21 -11.72 15.30
CA ILE B 136 -44.36 -10.52 16.15
C ILE B 136 -43.13 -10.44 17.06
N ASP B 137 -42.58 -9.24 17.29
CA ASP B 137 -41.35 -9.14 18.13
C ASP B 137 -41.36 -8.23 19.36
N ASN B 138 -41.13 -6.94 19.18
CA ASN B 138 -41.17 -6.01 20.30
C ASN B 138 -42.62 -5.58 20.25
N GLY B 139 -43.50 -6.57 20.12
CA GLY B 139 -44.92 -6.30 20.02
C GLY B 139 -45.21 -5.65 18.69
N LYS B 140 -44.47 -6.07 17.64
CA LYS B 140 -44.61 -5.54 16.28
C LYS B 140 -44.74 -6.66 15.24
N LYS B 141 -45.54 -6.39 14.22
CA LYS B 141 -45.81 -7.38 13.16
C LYS B 141 -44.91 -7.33 11.93
N TYR B 142 -44.30 -8.47 11.60
CA TYR B 142 -43.45 -8.59 10.42
C TYR B 142 -43.82 -9.85 9.69
N TYR B 143 -43.26 -10.00 8.50
CA TYR B 143 -43.43 -11.18 7.63
C TYR B 143 -42.06 -11.62 7.18
N LEU B 144 -41.83 -12.92 7.09
CA LEU B 144 -40.53 -13.38 6.66
C LEU B 144 -40.45 -13.47 5.14
N LEU B 145 -39.49 -12.76 4.55
CA LEU B 145 -39.29 -12.81 3.10
C LEU B 145 -38.29 -13.92 2.92
N GLU B 146 -38.64 -14.98 2.20
CA GLU B 146 -37.71 -16.11 2.02
C GLU B 146 -36.71 -15.95 0.87
N SER B 147 -35.71 -16.81 0.82
CA SER B 147 -34.66 -16.76 -0.22
C SER B 147 -33.77 -18.01 -0.17
N ASN B 148 -33.03 -18.25 -1.23
CA ASN B 148 -32.15 -19.41 -1.27
C ASN B 148 -30.76 -18.97 -0.87
N ASN B 149 -30.69 -17.98 0.00
CA ASN B 149 -29.40 -17.53 0.47
C ASN B 149 -29.24 -18.21 1.81
N GLN B 150 -28.09 -18.81 2.08
CA GLN B 150 -28.01 -19.40 3.40
C GLN B 150 -26.99 -18.65 4.22
N VAL B 151 -27.22 -17.36 4.42
CA VAL B 151 -26.34 -16.60 5.29
C VAL B 151 -27.13 -15.60 6.02
N TYR B 152 -28.10 -15.08 5.27
CA TYR B 152 -29.01 -14.07 5.76
C TYR B 152 -30.44 -14.53 5.77
N GLU B 153 -31.19 -13.91 6.69
CA GLU B 153 -32.61 -14.15 6.92
C GLU B 153 -33.22 -12.76 6.72
N PHE B 154 -34.38 -12.70 6.11
CA PHE B 154 -35.00 -11.40 5.87
C PHE B 154 -36.42 -11.28 6.44
N ARG B 155 -36.95 -10.08 6.46
CA ARG B 155 -38.30 -9.85 6.93
C ARG B 155 -38.73 -8.41 6.69
N ILE B 156 -40.01 -8.22 6.47
CA ILE B 156 -40.47 -6.89 6.24
C ILE B 156 -41.51 -6.52 7.30
N SER B 157 -41.47 -5.28 7.77
CA SER B 157 -42.39 -4.83 8.77
C SER B 157 -43.73 -4.49 8.13
N ASP B 158 -44.79 -5.14 8.60
CA ASP B 158 -46.12 -4.92 8.07
C ASP B 158 -46.58 -3.47 8.20
N GLU B 159 -46.02 -2.74 9.16
CA GLU B 159 -46.40 -1.35 9.36
C GLU B 159 -45.85 -0.46 8.25
N ASN B 160 -44.53 -0.23 8.24
CA ASN B 160 -43.94 0.65 7.23
C ASN B 160 -43.29 0.01 6.02
N ASN B 161 -43.21 -1.31 6.01
CA ASN B 161 -42.63 -2.02 4.87
C ASN B 161 -41.12 -2.03 4.82
N GLU B 162 -40.48 -1.68 5.93
CA GLU B 162 -39.04 -1.70 6.00
C GLU B 162 -38.57 -3.14 6.03
N VAL B 163 -37.47 -3.41 5.35
CA VAL B 163 -36.93 -4.75 5.36
C VAL B 163 -35.77 -4.88 6.40
N GLN B 164 -35.73 -5.99 7.12
CA GLN B 164 -34.65 -6.12 8.07
C GLN B 164 -33.90 -7.38 7.70
N TYR B 165 -32.83 -7.68 8.42
CA TYR B 165 -32.07 -8.88 8.11
C TYR B 165 -31.05 -9.22 9.18
N LYS B 166 -30.65 -10.47 9.25
CA LYS B 166 -29.70 -10.88 10.23
C LYS B 166 -28.98 -12.08 9.68
N THR B 167 -27.93 -12.49 10.37
CA THR B 167 -27.18 -13.67 9.97
C THR B 167 -27.95 -14.86 10.53
N LYS B 168 -27.99 -15.96 9.81
CA LYS B 168 -28.73 -17.13 10.29
C LYS B 168 -28.01 -17.79 11.49
N GLU B 169 -28.51 -18.95 11.90
CA GLU B 169 -27.93 -19.71 13.01
C GLU B 169 -26.46 -20.00 12.75
N GLY B 170 -25.63 -19.66 13.73
CA GLY B 170 -24.20 -19.89 13.66
C GLY B 170 -23.51 -19.55 12.36
N LYS B 171 -24.26 -19.08 11.37
CA LYS B 171 -23.66 -18.73 10.09
C LYS B 171 -22.92 -17.40 10.21
N ILE B 172 -21.96 -17.15 9.32
CA ILE B 172 -21.18 -15.92 9.37
C ILE B 172 -21.01 -15.26 8.02
N THR B 173 -20.89 -13.93 8.01
CA THR B 173 -20.72 -13.17 6.78
C THR B 173 -19.28 -13.24 6.27
N VAL B 174 -18.98 -12.58 5.15
CA VAL B 174 -17.60 -12.64 4.71
C VAL B 174 -16.66 -11.80 5.56
N LEU B 175 -17.05 -10.58 5.92
CA LEU B 175 -16.17 -9.76 6.75
C LEU B 175 -16.07 -10.34 8.18
N GLY B 176 -16.58 -11.56 8.30
CA GLY B 176 -16.52 -12.28 9.56
C GLY B 176 -17.36 -11.74 10.67
N GLU B 177 -18.62 -11.40 10.35
CA GLU B 177 -19.53 -10.85 11.34
C GLU B 177 -20.68 -11.73 11.74
N LYS B 178 -21.54 -11.15 12.56
CA LYS B 178 -22.71 -11.83 13.06
C LYS B 178 -23.64 -10.75 13.63
N PHE B 179 -24.96 -10.91 13.41
CA PHE B 179 -25.88 -9.93 13.93
C PHE B 179 -27.35 -10.26 13.79
N ASN B 180 -28.12 -9.40 14.56
CA ASN B 180 -29.52 -9.92 14.86
C ASN B 180 -30.35 -9.10 13.86
N TRP B 181 -31.53 -8.65 14.22
CA TRP B 181 -32.34 -7.98 13.19
C TRP B 181 -31.90 -6.52 12.98
N ARG B 182 -31.57 -6.17 11.74
CA ARG B 182 -31.14 -4.80 11.38
C ARG B 182 -31.88 -4.36 10.14
N ASN B 183 -31.92 -3.06 9.93
CA ASN B 183 -32.56 -2.46 8.76
C ASN B 183 -31.58 -2.60 7.61
N ILE B 184 -32.09 -2.74 6.38
CA ILE B 184 -31.23 -2.83 5.21
C ILE B 184 -31.07 -1.43 4.64
N GLU B 185 -29.95 -0.78 4.88
CA GLU B 185 -29.80 0.55 4.29
C GLU B 185 -29.42 0.49 2.80
N VAL B 186 -29.94 1.46 2.07
CA VAL B 186 -29.77 1.60 0.65
C VAL B 186 -29.24 2.99 0.33
N MET B 187 -28.38 3.11 -0.68
CA MET B 187 -27.83 4.39 -1.11
C MET B 187 -28.93 5.29 -1.67
N ALA B 188 -28.87 6.57 -1.41
CA ALA B 188 -29.91 7.41 -1.95
C ALA B 188 -29.43 8.83 -2.15
N LYS B 189 -30.13 9.53 -3.03
CA LYS B 189 -29.78 10.91 -3.31
C LYS B 189 -30.81 11.90 -2.77
N ASN B 190 -30.29 13.04 -2.33
CA ASN B 190 -31.09 14.11 -1.81
C ASN B 190 -31.82 14.80 -2.94
N VAL B 191 -33.14 14.68 -2.92
CA VAL B 191 -33.98 15.30 -3.93
C VAL B 191 -34.96 16.23 -3.22
N GLU B 192 -34.76 17.52 -3.46
CA GLU B 192 -35.55 18.58 -2.89
C GLU B 192 -35.72 18.26 -1.41
N GLY B 193 -34.62 18.08 -0.70
CA GLY B 193 -34.72 17.83 0.73
C GLY B 193 -35.03 16.43 1.22
N VAL B 194 -35.63 15.62 0.37
CA VAL B 194 -35.94 14.23 0.78
C VAL B 194 -34.98 13.26 0.06
N LEU B 195 -34.37 12.33 0.80
CA LEU B 195 -33.48 11.32 0.25
C LEU B 195 -34.28 10.27 -0.49
N LYS B 196 -33.96 10.02 -1.76
CA LYS B 196 -34.64 8.98 -2.54
C LYS B 196 -33.63 7.88 -2.93
N PRO B 197 -34.06 6.61 -2.95
CA PRO B 197 -33.16 5.51 -3.30
C PRO B 197 -32.78 5.41 -4.78
N LEU B 198 -31.57 4.91 -5.02
CA LEU B 198 -31.01 4.74 -6.35
C LEU B 198 -31.00 3.31 -6.91
N THR B 199 -30.98 3.21 -8.23
CA THR B 199 -30.84 1.92 -8.94
C THR B 199 -29.70 2.20 -9.86
N ALA B 200 -29.56 1.32 -10.83
CA ALA B 200 -28.52 1.42 -11.81
C ALA B 200 -28.93 2.38 -12.91
N ASP B 201 -27.96 2.94 -13.60
CA ASP B 201 -28.30 3.81 -14.71
C ASP B 201 -27.97 3.05 -16.01
N TYR B 202 -27.84 3.79 -17.08
CA TYR B 202 -27.48 3.20 -18.36
C TYR B 202 -26.05 3.62 -18.60
N ASP B 203 -25.13 2.66 -18.64
CA ASP B 203 -23.75 3.01 -18.90
C ASP B 203 -23.44 2.80 -20.37
N LEU B 204 -23.02 3.88 -21.02
CA LEU B 204 -22.67 3.82 -22.42
C LEU B 204 -21.35 3.12 -22.57
N PHE B 205 -21.33 2.11 -23.41
CA PHE B 205 -20.09 1.44 -23.69
C PHE B 205 -19.36 2.31 -24.70
N ALA B 206 -20.09 2.77 -25.73
CA ALA B 206 -19.48 3.60 -26.76
C ALA B 206 -20.50 4.34 -27.64
N LEU B 207 -19.98 5.28 -28.43
CA LEU B 207 -20.79 6.07 -29.37
C LEU B 207 -20.05 6.25 -30.71
N ALA B 208 -20.74 5.89 -31.78
CA ALA B 208 -20.19 5.98 -33.14
C ALA B 208 -21.01 6.88 -34.05
N PRO B 209 -20.67 8.17 -34.13
CA PRO B 209 -21.40 9.10 -34.99
C PRO B 209 -20.94 9.05 -36.47
N SER B 210 -21.87 9.09 -37.42
CA SER B 210 -21.48 9.09 -38.83
C SER B 210 -20.62 10.34 -39.05
N LEU B 211 -19.58 10.20 -39.88
CA LEU B 211 -18.66 11.31 -40.13
C LEU B 211 -19.31 12.60 -40.57
N THR B 212 -20.44 12.47 -41.26
CA THR B 212 -21.18 13.64 -41.70
C THR B 212 -21.42 14.52 -40.45
N GLU B 213 -22.00 13.92 -39.41
CA GLU B 213 -22.32 14.60 -38.16
C GLU B 213 -21.17 15.33 -37.49
N ILE B 214 -19.98 14.76 -37.55
CA ILE B 214 -18.83 15.43 -36.94
C ILE B 214 -18.50 16.69 -37.71
N LYS B 215 -18.92 16.74 -38.98
CA LYS B 215 -18.70 17.92 -39.83
C LYS B 215 -19.74 18.96 -39.42
N LYS B 216 -20.97 18.48 -39.25
CA LYS B 216 -22.10 19.31 -38.85
C LYS B 216 -21.82 19.95 -37.50
N GLN B 217 -20.66 19.65 -36.93
CA GLN B 217 -20.25 20.16 -35.63
C GLN B 217 -19.32 21.35 -35.78
N ILE B 218 -18.48 21.30 -36.80
CA ILE B 218 -17.51 22.35 -37.06
C ILE B 218 -18.19 23.62 -37.55
N PRO B 219 -17.72 24.80 -37.08
CA PRO B 219 -18.32 26.05 -37.51
C PRO B 219 -18.08 26.28 -39.01
N GLN B 220 -19.16 26.25 -39.79
CA GLN B 220 -19.09 26.43 -41.24
C GLN B 220 -18.06 27.46 -41.73
N LYS B 221 -17.74 28.41 -40.85
CA LYS B 221 -16.78 29.46 -41.17
C LYS B 221 -15.35 28.97 -41.06
N GLU B 222 -14.98 28.51 -39.86
CA GLU B 222 -13.63 28.01 -39.59
C GLU B 222 -13.22 26.82 -40.48
N TRP B 223 -14.21 26.13 -41.04
CA TRP B 223 -13.96 24.99 -41.91
C TRP B 223 -13.40 25.48 -43.22
N ASP B 224 -14.10 26.43 -43.82
CA ASP B 224 -13.70 27.03 -45.09
C ASP B 224 -12.30 27.64 -45.03
N LYS B 225 -12.04 28.40 -43.98
CA LYS B 225 -10.75 29.07 -43.76
C LYS B 225 -9.50 28.27 -44.20
N VAL B 226 -9.62 26.95 -44.30
CA VAL B 226 -8.50 26.10 -44.71
C VAL B 226 -8.88 25.06 -45.78
N VAL B 227 -10.19 24.79 -45.90
CA VAL B 227 -10.71 23.82 -46.86
C VAL B 227 -10.97 24.43 -48.23
N ASN B 228 -11.07 25.75 -48.29
CA ASN B 228 -11.32 26.46 -49.54
C ASN B 228 -10.01 26.62 -50.30
N THR B 229 -9.39 25.47 -50.52
CA THR B 229 -8.15 25.30 -51.28
C THR B 229 -6.76 25.83 -50.80
N PRO B 230 -6.47 25.94 -49.54
CA PRO B 230 -5.05 26.23 -49.09
C PRO B 230 -4.27 24.99 -49.54
N ASN B 231 -3.79 24.97 -50.75
CA ASN B 231 -3.48 23.70 -51.36
C ASN B 231 -2.58 22.52 -50.99
N SER B 232 -1.44 22.55 -50.34
CA SER B 232 -0.84 21.16 -50.58
C SER B 232 -0.48 20.21 -49.51
N LEU B 233 -0.38 20.83 -48.31
CA LEU B 233 0.02 20.20 -47.07
C LEU B 233 -0.39 21.09 -45.88
N GLU B 234 -1.59 21.63 -46.00
CA GLU B 234 -2.24 22.56 -45.12
C GLU B 234 -3.69 22.18 -45.18
N LYS B 235 -3.93 21.20 -46.04
CA LYS B 235 -5.38 20.83 -46.13
C LYS B 235 -5.07 19.59 -45.17
N GLN B 236 -4.80 18.42 -45.73
CA GLN B 236 -4.47 17.30 -44.88
C GLN B 236 -4.43 17.70 -43.38
N LYS B 237 -3.36 18.39 -42.98
CA LYS B 237 -3.24 18.82 -41.57
C LYS B 237 -4.49 19.50 -41.04
N GLY B 238 -5.10 20.36 -41.84
CA GLY B 238 -6.31 21.04 -41.44
C GLY B 238 -7.44 20.04 -41.25
N VAL B 239 -7.93 19.44 -42.33
CA VAL B 239 -9.04 18.49 -42.23
C VAL B 239 -8.93 17.55 -41.04
N THR B 240 -7.71 17.07 -40.73
CA THR B 240 -7.54 16.16 -39.59
C THR B 240 -7.67 16.89 -38.26
N ASN B 241 -6.93 17.97 -38.06
CA ASN B 241 -7.04 18.69 -36.79
C ASN B 241 -8.46 19.23 -36.62
N LEU B 242 -9.21 19.26 -37.70
CA LEU B 242 -10.58 19.70 -37.62
C LEU B 242 -11.32 18.47 -37.13
N LEU B 243 -10.90 17.33 -37.66
CA LEU B 243 -11.50 16.05 -37.30
C LEU B 243 -11.15 15.75 -35.85
N ILE B 244 -10.08 16.37 -35.38
CA ILE B 244 -9.64 16.18 -34.02
C ILE B 244 -10.25 17.17 -33.04
N LYS B 245 -10.62 18.37 -33.49
CA LYS B 245 -11.18 19.31 -32.52
C LYS B 245 -12.63 19.08 -32.21
N TYR B 246 -13.44 18.75 -33.22
CA TYR B 246 -14.85 18.53 -32.96
C TYR B 246 -15.27 17.10 -33.31
N GLY B 247 -14.40 16.14 -32.99
CA GLY B 247 -14.69 14.75 -33.28
C GLY B 247 -13.90 13.76 -32.43
N ILE B 248 -12.61 14.04 -32.23
CA ILE B 248 -11.78 13.12 -31.46
C ILE B 248 -11.49 13.56 -30.04
N GLU B 249 -10.97 14.77 -29.86
CA GLU B 249 -10.60 15.24 -28.51
C GLU B 249 -11.70 15.26 -27.46
N ARG B 250 -11.35 14.77 -26.27
CA ARG B 250 -12.24 14.70 -25.11
C ARG B 250 -11.58 15.46 -24.00
N LYS B 251 -12.40 16.06 -23.14
CA LYS B 251 -11.92 16.82 -21.99
C LYS B 251 -12.74 16.36 -20.79
N PRO B 252 -12.16 16.36 -19.59
CA PRO B 252 -12.92 15.93 -18.43
C PRO B 252 -14.21 16.75 -18.28
N ASP B 253 -14.84 16.57 -17.12
CA ASP B 253 -16.08 17.24 -16.74
C ASP B 253 -16.52 16.73 -15.37
N SER B 254 -17.23 17.57 -14.63
CA SER B 254 -17.66 17.19 -13.31
C SER B 254 -18.44 15.90 -13.22
N THR B 255 -19.76 15.98 -13.38
CA THR B 255 -20.59 14.81 -13.24
C THR B 255 -20.52 13.76 -14.35
N LYS B 256 -20.15 14.17 -15.57
CA LYS B 256 -19.97 13.20 -16.65
C LYS B 256 -18.46 13.07 -16.61
N GLY B 257 -17.90 11.88 -16.71
CA GLY B 257 -16.46 11.80 -16.63
C GLY B 257 -15.88 12.48 -17.84
N THR B 258 -14.71 12.07 -18.28
CA THR B 258 -14.13 12.66 -19.48
C THR B 258 -15.11 12.39 -20.60
N LEU B 259 -15.38 13.40 -21.39
CA LEU B 259 -16.37 13.28 -22.43
C LEU B 259 -16.07 14.31 -23.52
N SER B 260 -16.87 14.33 -24.59
CA SER B 260 -16.67 15.32 -25.65
C SER B 260 -18.00 16.08 -25.82
N ASN B 261 -17.91 17.30 -26.34
CA ASN B 261 -19.08 18.17 -26.52
C ASN B 261 -20.11 17.55 -27.43
N TRP B 262 -19.65 16.83 -28.46
CA TRP B 262 -20.58 16.15 -29.36
C TRP B 262 -21.28 15.13 -28.48
N GLN B 263 -20.52 14.53 -27.56
CA GLN B 263 -21.02 13.52 -26.65
C GLN B 263 -22.05 14.00 -25.63
N LYS B 264 -21.86 15.18 -25.07
CA LYS B 264 -22.82 15.72 -24.10
C LYS B 264 -24.20 15.91 -24.76
N GLN B 265 -24.23 16.65 -25.85
CA GLN B 265 -25.47 16.90 -26.55
C GLN B 265 -26.18 15.58 -26.73
N MET B 266 -25.43 14.58 -27.16
CA MET B 266 -25.97 13.26 -27.39
C MET B 266 -26.56 12.71 -26.10
N LEU B 267 -25.84 12.94 -25.00
CA LEU B 267 -26.28 12.49 -23.67
C LEU B 267 -27.64 13.13 -23.45
N ASP B 268 -27.66 14.47 -23.59
CA ASP B 268 -28.88 15.26 -23.43
C ASP B 268 -30.02 14.74 -24.27
N ARG B 269 -29.82 14.65 -25.58
CA ARG B 269 -30.90 14.16 -26.42
C ARG B 269 -31.43 12.82 -25.93
N LEU B 270 -30.54 11.95 -25.46
CA LEU B 270 -30.97 10.65 -24.95
C LEU B 270 -31.85 10.81 -23.70
N ASN B 271 -31.35 11.50 -22.68
CA ASN B 271 -32.12 11.73 -21.45
C ASN B 271 -33.51 12.33 -21.76
N GLU B 272 -33.55 13.40 -22.55
CA GLU B 272 -34.82 14.03 -22.90
C GLU B 272 -35.71 12.97 -23.54
N ALA B 273 -35.16 12.18 -24.43
CA ALA B 273 -35.93 11.15 -25.09
C ALA B 273 -36.71 10.24 -24.13
N VAL B 274 -36.20 9.98 -22.92
CA VAL B 274 -36.93 9.12 -21.99
C VAL B 274 -37.97 9.87 -21.15
N LYS B 275 -37.71 11.16 -20.90
CA LYS B 275 -38.65 12.00 -20.17
C LYS B 275 -39.97 11.81 -20.91
N TYR B 276 -39.93 12.06 -22.22
CA TYR B 276 -41.09 11.90 -23.07
C TYR B 276 -41.78 10.55 -22.90
N THR B 277 -41.22 9.69 -22.06
CA THR B 277 -41.80 8.37 -21.85
C THR B 277 -42.66 8.31 -20.61
N GLY B 278 -42.37 9.20 -19.67
CA GLY B 278 -43.08 9.18 -18.42
C GLY B 278 -42.07 8.83 -17.34
N TYR B 279 -40.78 8.96 -17.67
CA TYR B 279 -39.75 8.66 -16.69
C TYR B 279 -39.52 9.92 -15.85
N THR B 280 -39.94 9.82 -14.59
CA THR B 280 -39.82 10.93 -13.68
C THR B 280 -38.38 11.10 -13.14
N GLY B 281 -37.83 10.00 -12.64
CA GLY B 281 -36.49 9.97 -12.05
C GLY B 281 -35.41 10.98 -12.36
N GLY B 282 -35.41 11.59 -13.55
CA GLY B 282 -34.36 12.52 -13.90
C GLY B 282 -33.53 11.90 -15.01
N ASP B 283 -32.23 12.19 -15.03
CA ASP B 283 -31.35 11.60 -16.07
C ASP B 283 -31.15 10.11 -15.89
N VAL B 284 -31.08 9.41 -17.01
CA VAL B 284 -30.91 7.97 -16.99
C VAL B 284 -29.51 7.61 -17.52
N VAL B 285 -28.82 8.61 -18.07
CA VAL B 285 -27.46 8.51 -18.59
C VAL B 285 -26.71 9.71 -18.00
N ASN B 286 -25.86 9.44 -17.04
CA ASN B 286 -25.16 10.46 -16.29
C ASN B 286 -23.74 10.80 -16.65
N HIS B 287 -23.13 10.09 -17.58
CA HIS B 287 -21.73 10.40 -17.90
C HIS B 287 -21.23 9.87 -19.22
N GLY B 288 -19.93 10.04 -19.45
CA GLY B 288 -19.29 9.58 -20.67
C GLY B 288 -19.37 8.09 -20.99
N THR B 289 -18.46 7.65 -21.85
CA THR B 289 -18.40 6.27 -22.32
C THR B 289 -17.24 5.50 -21.69
N GLU B 290 -17.35 4.17 -21.67
CA GLU B 290 -16.31 3.32 -21.08
C GLU B 290 -15.00 3.50 -21.82
N GLN B 291 -15.09 3.97 -23.06
CA GLN B 291 -13.92 4.20 -23.90
C GLN B 291 -13.02 5.28 -23.36
N ASP B 292 -13.54 6.01 -22.38
CA ASP B 292 -12.76 7.07 -21.78
C ASP B 292 -12.49 6.85 -20.33
N ASN B 293 -12.75 5.63 -19.89
CA ASN B 293 -12.54 5.23 -18.50
C ASN B 293 -11.28 4.38 -18.55
N GLU B 294 -10.14 5.05 -18.48
CA GLU B 294 -8.85 4.38 -18.63
C GLU B 294 -8.14 3.94 -17.38
N GLU B 295 -8.67 4.32 -16.24
CA GLU B 295 -8.07 3.96 -14.96
C GLU B 295 -8.62 2.63 -14.46
N PHE B 296 -9.91 2.46 -14.72
CA PHE B 296 -10.60 1.28 -14.30
C PHE B 296 -11.50 0.73 -15.39
N PRO B 297 -10.89 0.24 -16.47
CA PRO B 297 -11.59 -0.35 -17.61
C PRO B 297 -12.36 -1.60 -17.17
N GLU B 298 -13.48 -1.84 -17.83
CA GLU B 298 -14.34 -2.97 -17.57
C GLU B 298 -14.66 -3.67 -18.87
N LYS B 299 -14.33 -4.95 -18.94
CA LYS B 299 -14.61 -5.75 -20.12
C LYS B 299 -15.96 -6.41 -19.81
N ASP B 300 -16.92 -6.32 -20.71
CA ASP B 300 -18.21 -6.97 -20.48
C ASP B 300 -18.42 -7.98 -21.57
N ASN B 301 -19.15 -9.06 -21.29
CA ASN B 301 -19.35 -10.02 -22.35
C ASN B 301 -20.27 -9.43 -23.37
N GLU B 302 -21.56 -9.36 -23.04
CA GLU B 302 -22.62 -8.84 -23.90
C GLU B 302 -22.76 -7.32 -23.92
N ILE B 303 -22.88 -6.74 -25.12
CA ILE B 303 -23.03 -5.29 -25.33
C ILE B 303 -24.30 -5.09 -26.14
N PHE B 304 -25.09 -4.08 -25.79
CA PHE B 304 -26.31 -3.81 -26.50
C PHE B 304 -26.09 -2.70 -27.52
N ILE B 305 -26.52 -2.91 -28.75
CA ILE B 305 -26.35 -1.90 -29.79
C ILE B 305 -27.61 -1.49 -30.53
N ILE B 306 -27.73 -0.18 -30.74
CA ILE B 306 -28.85 0.37 -31.48
C ILE B 306 -28.17 1.03 -32.67
N ASN B 307 -28.41 0.52 -33.88
CA ASN B 307 -27.78 1.09 -35.10
C ASN B 307 -28.51 2.32 -35.57
N PRO B 308 -27.84 3.16 -36.40
CA PRO B 308 -28.49 4.38 -36.90
C PRO B 308 -29.82 4.05 -37.58
N GLU B 309 -29.93 2.82 -38.01
CA GLU B 309 -31.14 2.36 -38.64
C GLU B 309 -32.24 2.21 -37.59
N GLY B 310 -31.81 2.07 -36.33
CA GLY B 310 -32.74 1.93 -35.23
C GLY B 310 -33.02 0.49 -34.82
N GLU B 311 -32.09 -0.40 -35.12
CA GLU B 311 -32.26 -1.81 -34.76
C GLU B 311 -31.52 -2.18 -33.48
N PHE B 312 -31.91 -3.30 -32.89
CA PHE B 312 -31.25 -3.75 -31.68
C PHE B 312 -30.35 -4.93 -31.97
N ILE B 313 -29.17 -4.90 -31.40
CA ILE B 313 -28.22 -5.97 -31.61
C ILE B 313 -27.47 -6.24 -30.29
N LEU B 314 -27.23 -7.51 -30.00
CA LEU B 314 -26.50 -7.87 -28.80
C LEU B 314 -25.32 -8.77 -29.06
N THR B 315 -24.15 -8.29 -28.69
CA THR B 315 -22.92 -9.03 -28.82
C THR B 315 -22.92 -10.12 -27.75
N LYS B 316 -22.35 -11.29 -28.05
CA LYS B 316 -22.33 -12.35 -27.07
C LYS B 316 -21.00 -12.48 -26.36
N ASN B 317 -19.97 -11.85 -26.88
CA ASN B 317 -18.65 -11.92 -26.22
C ASN B 317 -17.69 -10.78 -26.62
N TRP B 318 -16.62 -10.58 -25.86
CA TRP B 318 -15.68 -9.53 -26.16
C TRP B 318 -15.23 -9.54 -27.58
N GLU B 319 -14.80 -10.70 -28.04
CA GLU B 319 -14.32 -10.88 -29.39
C GLU B 319 -15.46 -10.63 -30.36
N MET B 320 -16.63 -11.18 -30.07
CA MET B 320 -17.74 -10.92 -30.96
C MET B 320 -18.05 -9.41 -31.07
N THR B 321 -17.94 -8.67 -29.97
CA THR B 321 -18.21 -7.23 -29.95
C THR B 321 -17.18 -6.51 -30.82
N GLY B 322 -15.91 -6.91 -30.69
CA GLY B 322 -14.86 -6.30 -31.48
C GLY B 322 -15.06 -6.52 -32.97
N ARG B 323 -15.34 -7.77 -33.35
CA ARG B 323 -15.57 -8.08 -34.73
C ARG B 323 -16.65 -7.11 -35.23
N PHE B 324 -17.79 -7.09 -34.56
CA PHE B 324 -18.87 -6.17 -34.97
C PHE B 324 -18.45 -4.69 -35.06
N ILE B 325 -17.56 -4.23 -34.19
CA ILE B 325 -17.18 -2.83 -34.25
C ILE B 325 -16.40 -2.52 -35.49
N GLU B 326 -15.45 -3.39 -35.84
CA GLU B 326 -14.63 -3.15 -37.03
C GLU B 326 -15.45 -3.25 -38.31
N LYS B 327 -16.25 -4.29 -38.45
CA LYS B 327 -17.04 -4.42 -39.65
C LYS B 327 -17.97 -3.23 -39.93
N ASN B 328 -18.81 -2.89 -38.97
CA ASN B 328 -19.79 -1.82 -39.16
C ASN B 328 -19.40 -0.41 -38.72
N ILE B 329 -18.30 -0.25 -38.00
CA ILE B 329 -17.98 1.10 -37.54
C ILE B 329 -16.60 1.58 -37.91
N THR B 330 -15.61 1.17 -37.12
CA THR B 330 -14.21 1.57 -37.31
C THR B 330 -13.83 1.29 -38.76
N GLY B 331 -14.73 0.63 -39.46
CA GLY B 331 -14.54 0.31 -40.85
C GLY B 331 -15.72 0.78 -41.68
N LYS B 332 -16.26 1.96 -41.40
CA LYS B 332 -17.34 2.45 -42.22
C LYS B 332 -17.57 3.96 -42.29
N ASP B 333 -16.54 4.74 -42.00
CA ASP B 333 -16.64 6.20 -42.02
C ASP B 333 -17.30 6.79 -40.78
N TYR B 334 -17.60 5.93 -39.81
CA TYR B 334 -18.18 6.35 -38.54
C TYR B 334 -17.02 6.60 -37.59
N LEU B 335 -17.05 7.74 -36.92
CA LEU B 335 -15.98 8.05 -36.01
C LEU B 335 -16.07 7.10 -34.82
N TYR B 336 -14.93 6.61 -34.36
CA TYR B 336 -14.88 5.72 -33.23
C TYR B 336 -13.46 5.69 -32.72
N TYR B 337 -13.29 5.45 -31.44
CA TYR B 337 -11.97 5.31 -30.87
C TYR B 337 -12.13 4.34 -29.70
N PHE B 338 -11.04 3.70 -29.29
CA PHE B 338 -11.12 2.75 -28.20
C PHE B 338 -10.27 3.16 -27.03
N ASN B 339 -10.70 2.68 -25.87
CA ASN B 339 -10.06 2.98 -24.62
C ASN B 339 -8.55 2.88 -24.77
N ARG B 340 -7.89 4.02 -24.65
CA ARG B 340 -6.45 4.06 -24.71
C ARG B 340 -5.78 3.20 -23.64
N SER B 341 -6.54 2.47 -22.83
CA SER B 341 -5.89 1.64 -21.82
C SER B 341 -5.81 0.24 -22.27
N TYR B 342 -6.56 -0.09 -23.31
CA TYR B 342 -6.51 -1.43 -23.82
C TYR B 342 -5.05 -1.82 -24.13
N ASN B 343 -4.76 -3.11 -24.29
CA ASN B 343 -3.41 -3.59 -24.60
C ASN B 343 -2.32 -2.96 -23.76
N LYS B 344 -2.63 -2.70 -22.50
CA LYS B 344 -1.72 -2.09 -21.54
C LYS B 344 -2.25 -2.47 -20.18
N ILE B 345 -1.45 -2.32 -19.16
CA ILE B 345 -1.95 -2.61 -17.82
C ILE B 345 -2.67 -1.34 -17.27
N ALA B 346 -4.00 -1.32 -17.22
CA ALA B 346 -4.64 -0.12 -16.68
C ALA B 346 -4.11 0.21 -15.30
N PRO B 347 -3.69 1.46 -15.09
CA PRO B 347 -3.12 2.04 -13.85
C PRO B 347 -3.93 1.82 -12.58
N GLY B 348 -5.25 1.94 -12.72
CA GLY B 348 -6.15 1.82 -11.59
C GLY B 348 -6.39 0.42 -11.10
N ASN B 349 -7.10 -0.37 -11.91
CA ASN B 349 -7.43 -1.73 -11.52
C ASN B 349 -6.42 -2.80 -11.97
N LYS B 350 -5.48 -2.42 -12.82
CA LYS B 350 -4.45 -3.33 -13.31
C LYS B 350 -5.01 -4.27 -14.36
N ALA B 351 -6.11 -3.87 -14.98
CA ALA B 351 -6.69 -4.71 -15.98
C ALA B 351 -5.91 -4.66 -17.24
N TYR B 352 -5.86 -5.81 -17.90
CA TYR B 352 -5.21 -5.94 -19.18
C TYR B 352 -6.27 -6.38 -20.17
N ILE B 353 -6.91 -5.42 -20.85
CA ILE B 353 -7.95 -5.70 -21.86
C ILE B 353 -7.39 -5.51 -23.26
N GLU B 354 -7.54 -6.54 -24.09
CA GLU B 354 -7.01 -6.54 -25.44
C GLU B 354 -8.05 -6.22 -26.44
N TRP B 355 -7.68 -5.41 -27.41
CA TRP B 355 -8.57 -4.96 -28.46
C TRP B 355 -7.60 -4.89 -29.60
N THR B 356 -8.05 -5.15 -30.83
CA THR B 356 -7.12 -5.10 -31.95
C THR B 356 -6.77 -3.68 -32.36
N ASP B 357 -5.49 -3.46 -32.66
CA ASP B 357 -4.98 -2.17 -33.10
C ASP B 357 -4.11 -2.29 -34.39
N PRO B 358 -4.68 -1.97 -35.57
CA PRO B 358 -3.93 -2.06 -36.83
C PRO B 358 -2.51 -1.46 -36.82
N ILE B 359 -2.29 -0.38 -36.09
CA ILE B 359 -0.97 0.24 -36.00
C ILE B 359 0.01 -0.79 -35.49
N THR B 360 -0.52 -1.90 -35.03
CA THR B 360 0.35 -2.95 -34.52
C THR B 360 0.19 -4.16 -35.42
N LYS B 361 -0.91 -4.16 -36.17
CA LYS B 361 -1.22 -5.24 -37.10
C LYS B 361 0.02 -5.34 -37.95
N ALA B 362 -0.04 -4.66 -39.09
CA ALA B 362 1.09 -4.65 -40.01
C ALA B 362 2.20 -3.79 -39.38
N LYS B 363 2.66 -4.17 -38.19
CA LYS B 363 3.73 -3.43 -37.52
C LYS B 363 5.11 -4.00 -37.82
N ILE B 364 5.46 -3.98 -39.11
CA ILE B 364 6.74 -4.46 -39.64
C ILE B 364 7.44 -3.30 -40.41
N ASN B 365 7.88 -2.30 -39.65
CA ASN B 365 8.54 -1.12 -40.19
C ASN B 365 9.65 -0.69 -39.21
N THR B 366 10.14 0.61 -39.23
CA THR B 366 11.30 0.89 -38.29
C THR B 366 11.62 2.30 -37.81
N ILE B 367 11.37 2.72 -36.60
CA ILE B 367 11.66 4.10 -36.33
C ILE B 367 12.00 4.31 -34.87
N PRO B 368 12.47 5.48 -34.42
CA PRO B 368 12.79 5.63 -32.99
C PRO B 368 11.58 5.46 -32.06
N SER B 403 37.87 10.91 -34.73
CA SER B 403 38.14 9.78 -35.61
C SER B 403 37.06 8.72 -35.49
N VAL B 404 37.06 7.76 -36.42
CA VAL B 404 36.08 6.68 -36.40
C VAL B 404 34.66 7.23 -36.47
N LYS B 405 34.11 7.31 -37.68
CA LYS B 405 32.77 7.84 -37.87
C LYS B 405 31.80 6.75 -38.32
N LYS B 406 30.92 6.34 -37.41
CA LYS B 406 29.92 5.31 -37.70
C LYS B 406 28.65 5.57 -36.89
N ILE B 407 28.81 5.82 -35.60
CA ILE B 407 27.67 6.10 -34.73
C ILE B 407 27.05 7.43 -35.15
N ALA B 408 27.84 8.26 -35.83
CA ALA B 408 27.38 9.56 -36.29
C ALA B 408 27.17 9.58 -37.81
N GLY B 409 26.20 10.38 -38.25
CA GLY B 409 25.91 10.47 -39.67
C GLY B 409 24.46 10.11 -39.98
N TYR B 410 24.16 9.98 -41.27
CA TYR B 410 22.80 9.64 -41.70
C TYR B 410 22.61 8.12 -41.72
N LEU B 411 22.40 7.54 -40.54
CA LEU B 411 22.21 6.10 -40.41
C LEU B 411 21.04 5.78 -39.48
N SER B 412 19.98 6.57 -39.57
CA SER B 412 18.79 6.39 -38.73
C SER B 412 17.81 7.55 -38.94
N ASP B 413 17.44 7.76 -40.19
CA ASP B 413 16.51 8.83 -40.57
C ASP B 413 15.69 8.37 -41.77
N TYR B 414 15.55 7.06 -41.89
CA TYR B 414 14.79 6.42 -42.97
C TYR B 414 13.66 7.31 -43.50
N TYR B 415 12.93 7.93 -42.58
CA TYR B 415 11.81 8.82 -42.93
C TYR B 415 12.31 10.25 -43.13
N ASN B 416 13.04 10.48 -44.22
CA ASN B 416 13.57 11.82 -44.49
C ASN B 416 12.44 12.70 -45.03
N SER B 417 12.03 13.67 -44.23
CA SER B 417 10.96 14.59 -44.63
C SER B 417 11.21 15.00 -46.07
N ALA B 418 12.35 15.65 -46.38
CA ALA B 418 12.62 16.15 -47.77
C ALA B 418 12.56 15.15 -48.90
N ASN B 419 11.49 14.47 -49.10
CA ASN B 419 11.52 13.35 -49.98
C ASN B 419 10.43 13.43 -51.01
N HIS B 420 9.59 14.35 -50.77
CA HIS B 420 8.41 14.53 -51.61
C HIS B 420 8.84 14.95 -53.00
N ILE B 421 10.12 15.26 -53.12
CA ILE B 421 10.71 15.67 -54.37
C ILE B 421 11.27 14.45 -55.13
N PHE B 422 11.99 13.58 -54.43
CA PHE B 422 12.57 12.38 -55.04
C PHE B 422 11.47 11.43 -55.50
N SER B 423 10.88 11.73 -56.68
CA SER B 423 9.80 10.95 -57.30
C SER B 423 9.60 9.54 -56.74
N GLN B 424 8.34 9.11 -56.67
CA GLN B 424 7.98 7.79 -56.14
C GLN B 424 8.96 6.66 -56.51
N GLU B 425 9.43 6.63 -57.76
CA GLU B 425 10.37 5.61 -58.17
C GLU B 425 11.66 5.72 -57.35
N LYS B 426 12.04 6.96 -57.05
CA LYS B 426 13.24 7.20 -56.26
C LYS B 426 13.07 6.75 -54.81
N LYS B 427 11.90 7.05 -54.23
CA LYS B 427 11.59 6.68 -52.84
C LYS B 427 11.81 5.18 -52.65
N ARG B 428 11.14 4.38 -53.48
CA ARG B 428 11.26 2.92 -53.40
C ARG B 428 12.75 2.61 -53.52
N LYS B 429 13.47 3.49 -54.21
CA LYS B 429 14.89 3.35 -54.43
C LYS B 429 15.72 3.77 -53.21
N ILE B 430 15.61 5.03 -52.79
CA ILE B 430 16.37 5.55 -51.64
C ILE B 430 15.90 5.03 -50.29
N SER B 431 14.76 4.35 -50.30
CA SER B 431 14.17 3.76 -49.09
C SER B 431 14.89 2.44 -48.77
N ILE B 432 14.82 1.51 -49.72
CA ILE B 432 15.43 0.20 -49.59
C ILE B 432 16.88 0.32 -49.11
N PHE B 433 17.54 1.39 -49.53
CA PHE B 433 18.94 1.65 -49.17
C PHE B 433 19.10 2.12 -47.73
N ARG B 434 18.25 3.05 -47.30
CA ARG B 434 18.32 3.55 -45.92
C ARG B 434 18.11 2.34 -45.03
N GLY B 435 17.23 1.46 -45.48
CA GLY B 435 16.94 0.25 -44.72
C GLY B 435 18.12 -0.69 -44.70
N ILE B 436 18.68 -0.95 -45.88
CA ILE B 436 19.83 -1.83 -45.99
C ILE B 436 21.05 -1.18 -45.38
N GLN B 437 21.10 0.15 -45.43
CA GLN B 437 22.19 0.91 -44.83
C GLN B 437 22.10 0.62 -43.33
N ALA B 438 20.88 0.56 -42.83
CA ALA B 438 20.62 0.26 -41.43
C ALA B 438 20.71 -1.24 -41.25
N TYR B 439 20.46 -1.96 -42.35
CA TYR B 439 20.49 -3.42 -42.40
C TYR B 439 21.81 -3.91 -41.81
N ASN B 440 22.77 -3.00 -41.66
CA ASN B 440 24.07 -3.37 -41.10
C ASN B 440 24.84 -2.17 -40.56
N GLU B 441 24.16 -1.03 -40.43
CA GLU B 441 24.76 0.21 -39.92
C GLU B 441 25.71 -0.12 -38.75
N ILE B 442 25.21 -0.95 -37.85
CA ILE B 442 25.94 -1.40 -36.67
C ILE B 442 25.18 -2.65 -36.29
N GLU B 443 24.33 -3.10 -37.22
CA GLU B 443 23.50 -4.28 -37.01
C GLU B 443 24.28 -5.56 -36.84
N ASN B 444 25.23 -5.82 -37.74
CA ASN B 444 26.02 -7.05 -37.64
C ASN B 444 26.83 -7.08 -36.35
N VAL B 445 26.59 -6.11 -35.45
CA VAL B 445 27.28 -6.05 -34.17
C VAL B 445 26.70 -7.17 -33.28
N LEU B 446 26.23 -8.23 -33.94
CA LEU B 446 25.62 -9.41 -33.31
C LEU B 446 26.53 -10.18 -32.34
N LYS B 447 27.58 -10.81 -32.86
CA LYS B 447 28.51 -11.57 -32.03
C LYS B 447 29.50 -10.64 -31.37
N SER B 448 29.20 -9.33 -31.45
CA SER B 448 30.00 -8.43 -30.75
C SER B 448 30.58 -9.21 -29.60
N LYS B 449 29.73 -9.44 -28.65
CA LYS B 449 30.08 -10.15 -27.46
C LYS B 449 28.80 -10.85 -27.02
N GLN B 450 28.77 -11.27 -25.77
CA GLN B 450 27.57 -11.95 -25.27
C GLN B 450 26.46 -10.90 -25.14
N ILE B 451 25.81 -10.61 -26.27
CA ILE B 451 24.75 -9.62 -26.31
C ILE B 451 23.37 -10.18 -25.95
N ALA B 452 22.79 -9.62 -24.89
CA ALA B 452 21.48 -10.02 -24.36
C ALA B 452 20.51 -10.49 -25.44
N PRO B 453 19.88 -11.65 -25.23
CA PRO B 453 18.93 -12.18 -26.21
C PRO B 453 17.86 -11.16 -26.61
N GLU B 454 17.50 -10.28 -25.68
CA GLU B 454 16.48 -9.27 -25.98
C GLU B 454 16.97 -8.16 -26.89
N TYR B 455 18.28 -7.94 -26.90
CA TYR B 455 18.83 -6.92 -27.78
C TYR B 455 18.93 -7.53 -29.16
N LYS B 456 19.48 -8.74 -29.24
CA LYS B 456 19.62 -9.45 -30.51
C LYS B 456 18.27 -9.76 -31.11
N ASN B 457 17.49 -10.58 -30.40
CA ASN B 457 16.17 -10.99 -30.86
C ASN B 457 15.39 -9.81 -31.44
N TYR B 458 15.74 -8.60 -31.01
CA TYR B 458 15.08 -7.38 -31.49
C TYR B 458 15.80 -6.80 -32.70
N PHE B 459 17.09 -6.50 -32.53
CA PHE B 459 17.90 -5.95 -33.60
C PHE B 459 17.90 -6.97 -34.74
N GLN B 460 17.45 -8.18 -34.42
CA GLN B 460 17.34 -9.28 -35.37
C GLN B 460 15.92 -9.17 -35.92
N TYR B 461 14.94 -9.18 -35.02
CA TYR B 461 13.55 -9.06 -35.40
C TYR B 461 13.42 -7.85 -36.31
N LEU B 462 13.92 -6.72 -35.82
CA LEU B 462 13.88 -5.47 -36.56
C LEU B 462 14.16 -5.73 -38.03
N LYS B 463 15.16 -6.55 -38.29
CA LYS B 463 15.54 -6.93 -39.64
C LYS B 463 14.33 -7.58 -40.31
N GLU B 464 13.79 -8.59 -39.65
CA GLU B 464 12.64 -9.34 -40.13
C GLU B 464 11.64 -8.35 -40.70
N ARG B 465 11.63 -7.14 -40.13
CA ARG B 465 10.74 -6.10 -40.61
C ARG B 465 11.32 -5.47 -41.88
N ILE B 466 12.50 -4.87 -41.76
CA ILE B 466 13.18 -4.22 -42.89
C ILE B 466 13.07 -5.05 -44.16
N THR B 467 13.10 -6.36 -43.98
CA THR B 467 13.00 -7.30 -45.09
C THR B 467 11.71 -7.08 -45.87
N ASN B 468 10.58 -7.31 -45.20
CA ASN B 468 9.26 -7.15 -45.80
C ASN B 468 8.99 -5.68 -46.17
N GLN B 469 9.18 -4.79 -45.19
CA GLN B 469 8.96 -3.35 -45.38
C GLN B 469 9.51 -2.95 -46.72
N VAL B 470 10.70 -3.47 -47.01
CA VAL B 470 11.42 -3.21 -48.26
C VAL B 470 10.87 -4.07 -49.38
N GLN B 471 10.65 -5.35 -49.10
CA GLN B 471 10.14 -6.27 -50.10
C GLN B 471 8.85 -5.75 -50.72
N LEU B 472 8.00 -5.13 -49.90
CA LEU B 472 6.72 -4.59 -50.36
C LEU B 472 6.93 -3.56 -51.47
N LEU B 473 7.90 -2.66 -51.26
CA LEU B 473 8.22 -1.63 -52.23
C LEU B 473 8.77 -2.35 -53.46
N LEU B 474 9.70 -3.27 -53.21
CA LEU B 474 10.29 -4.07 -54.26
C LEU B 474 9.16 -4.81 -54.94
N THR B 475 8.53 -5.70 -54.20
CA THR B 475 7.41 -6.48 -54.71
C THR B 475 6.32 -5.57 -55.28
N HIS B 476 6.33 -4.29 -54.88
CA HIS B 476 5.36 -3.40 -55.38
C HIS B 476 5.55 -3.58 -56.89
N GLN B 477 6.70 -3.29 -57.33
CA GLN B 477 7.07 -3.38 -58.69
C GLN B 477 8.55 -3.63 -58.65
N LYS B 478 8.95 -4.90 -58.79
CA LYS B 478 10.37 -5.27 -58.77
C LYS B 478 10.75 -5.88 -60.12
N PHE B 483 14.72 -9.91 -50.78
CA PHE B 483 16.13 -9.73 -50.45
C PHE B 483 16.97 -10.89 -50.89
N LYS B 484 16.75 -12.05 -50.26
CA LYS B 484 17.50 -13.23 -50.62
C LYS B 484 17.41 -13.37 -52.14
N LEU B 485 16.47 -12.62 -52.72
CA LEU B 485 16.29 -12.59 -54.15
C LEU B 485 17.65 -12.46 -54.78
N LEU B 486 18.42 -11.56 -54.25
CA LEU B 486 19.78 -11.27 -54.65
C LEU B 486 20.11 -10.17 -53.66
N TYR B 487 20.69 -10.56 -52.54
CA TYR B 487 21.15 -9.58 -51.56
C TYR B 487 22.66 -9.61 -51.79
N LYS B 488 23.07 -10.50 -52.69
CA LYS B 488 24.47 -10.68 -53.04
C LYS B 488 24.97 -9.56 -53.96
N GLN B 489 24.05 -8.98 -54.73
CA GLN B 489 24.41 -7.89 -55.64
C GLN B 489 24.85 -6.69 -54.79
N LEU B 490 24.75 -6.85 -53.48
CA LEU B 490 25.12 -5.80 -52.54
C LEU B 490 26.33 -6.18 -51.70
N ASN B 491 27.40 -5.40 -51.84
CA ASN B 491 28.62 -5.62 -51.08
C ASN B 491 28.88 -4.36 -50.28
N PHE B 492 28.18 -4.24 -49.15
CA PHE B 492 28.34 -3.07 -48.30
C PHE B 492 29.59 -3.18 -47.44
N THR B 493 30.61 -2.45 -47.85
CA THR B 493 31.89 -2.44 -47.16
C THR B 493 32.43 -1.00 -47.20
N GLU B 494 31.95 -0.26 -48.19
CA GLU B 494 32.33 1.13 -48.42
C GLU B 494 31.30 2.07 -47.79
N ASN B 495 31.56 3.37 -47.87
CA ASN B 495 30.64 4.36 -47.33
C ASN B 495 29.41 4.43 -48.23
N GLU B 496 28.23 4.55 -47.63
CA GLU B 496 26.98 4.61 -48.37
C GLU B 496 27.12 5.34 -49.71
N THR B 497 27.79 6.49 -49.68
CA THR B 497 28.01 7.30 -50.87
C THR B 497 28.66 6.52 -52.00
N ASP B 498 29.39 5.46 -51.65
CA ASP B 498 30.09 4.62 -52.61
C ASP B 498 29.15 3.72 -53.44
N ASN B 499 28.53 2.74 -52.79
CA ASN B 499 27.63 1.85 -53.51
C ASN B 499 26.35 2.58 -53.88
N PHE B 500 26.13 3.74 -53.25
CA PHE B 500 24.93 4.54 -53.51
C PHE B 500 24.67 4.57 -55.02
N GLU B 501 25.75 4.48 -55.80
CA GLU B 501 25.67 4.47 -57.24
C GLU B 501 25.45 3.04 -57.77
N VAL B 502 26.34 2.14 -57.38
CA VAL B 502 26.28 0.75 -57.80
C VAL B 502 24.89 0.18 -57.55
N PHE B 503 24.34 0.49 -56.38
CA PHE B 503 23.01 0.02 -55.99
C PHE B 503 21.91 0.63 -56.86
N GLN B 504 21.96 1.94 -57.07
CA GLN B 504 20.94 2.62 -57.87
C GLN B 504 20.88 1.99 -59.27
N LYS B 505 21.85 1.14 -59.55
CA LYS B 505 21.92 0.45 -60.84
C LYS B 505 21.69 -1.05 -60.64
N ILE B 506 21.64 -1.49 -59.38
CA ILE B 506 21.44 -2.89 -59.05
C ILE B 506 20.01 -3.34 -59.30
N ILE B 507 19.04 -2.64 -58.71
CA ILE B 507 17.62 -2.96 -58.86
C ILE B 507 17.26 -3.09 -60.34
N ASP B 508 18.08 -2.48 -61.18
CA ASP B 508 17.89 -2.51 -62.62
C ASP B 508 18.71 -3.66 -63.20
N ARG C 2 19.30 -41.19 14.55
CA ARG C 2 19.68 -40.94 13.13
C ARG C 2 18.52 -40.30 12.36
N ILE C 3 18.71 -39.04 11.96
CA ILE C 3 17.73 -38.26 11.20
C ILE C 3 16.90 -39.05 10.20
N ASP C 4 15.57 -39.04 10.36
CA ASP C 4 14.65 -39.75 9.45
C ASP C 4 14.49 -39.09 8.08
N VAL C 5 15.39 -39.41 7.15
CA VAL C 5 15.38 -38.84 5.81
C VAL C 5 15.25 -39.88 4.70
N LEU C 6 14.62 -39.51 3.59
CA LEU C 6 14.50 -40.45 2.48
C LEU C 6 15.86 -40.60 1.78
N LYS C 7 16.04 -41.69 1.04
CA LYS C 7 17.30 -41.92 0.33
C LYS C 7 17.08 -42.54 -1.03
N GLY C 8 18.07 -42.40 -1.90
CA GLY C 8 18.00 -42.97 -3.24
C GLY C 8 16.63 -42.91 -3.85
N GLU C 9 16.36 -43.80 -4.80
CA GLU C 9 15.10 -43.85 -5.51
C GLU C 9 13.91 -43.10 -4.88
N LYS C 10 13.53 -43.51 -3.68
CA LYS C 10 12.43 -42.86 -3.02
C LYS C 10 12.62 -41.33 -2.92
N ALA C 11 13.81 -40.88 -2.52
CA ALA C 11 14.09 -39.45 -2.42
C ALA C 11 14.03 -38.75 -3.80
N LEU C 12 14.69 -39.32 -4.80
CA LEU C 12 14.66 -38.75 -6.15
C LEU C 12 13.22 -38.57 -6.61
N LYS C 13 12.41 -39.58 -6.29
CA LYS C 13 11.00 -39.61 -6.64
C LYS C 13 10.30 -38.37 -6.11
N ALA C 14 10.53 -38.08 -4.84
CA ALA C 14 9.90 -36.95 -4.17
C ALA C 14 10.43 -35.58 -4.59
N SER C 15 11.62 -35.56 -5.18
CA SER C 15 12.31 -34.34 -5.60
C SER C 15 11.71 -33.59 -6.79
N GLY C 16 11.22 -34.35 -7.78
CA GLY C 16 10.63 -33.71 -8.94
C GLY C 16 11.58 -33.57 -10.10
N LEU C 17 12.87 -33.76 -9.85
CA LEU C 17 13.84 -33.62 -10.94
C LEU C 17 13.72 -34.78 -11.93
N VAL C 18 14.14 -34.55 -13.17
CA VAL C 18 14.12 -35.62 -14.15
C VAL C 18 15.22 -36.57 -13.72
N PRO C 19 14.92 -37.89 -13.64
CA PRO C 19 15.88 -38.91 -13.23
C PRO C 19 17.25 -38.78 -13.92
N GLU C 20 17.26 -38.77 -15.25
CA GLU C 20 18.50 -38.64 -16.00
C GLU C 20 19.33 -37.48 -15.47
N HIS C 21 18.65 -36.33 -15.31
CA HIS C 21 19.26 -35.11 -14.84
C HIS C 21 19.90 -35.22 -13.48
N ALA C 22 19.19 -35.81 -12.52
CA ALA C 22 19.75 -35.95 -11.18
C ALA C 22 21.00 -36.82 -11.16
N ASP C 23 21.07 -37.78 -12.10
CA ASP C 23 22.22 -38.66 -12.22
C ASP C 23 23.42 -37.84 -12.70
N ALA C 24 23.20 -37.05 -13.74
CA ALA C 24 24.25 -36.18 -14.28
C ALA C 24 24.77 -35.26 -13.17
N PHE C 25 23.91 -34.96 -12.21
CA PHE C 25 24.26 -34.08 -11.10
C PHE C 25 25.10 -34.84 -10.07
N LYS C 26 24.95 -36.16 -10.03
CA LYS C 26 25.73 -36.97 -9.08
C LYS C 26 27.19 -36.74 -9.40
N LYS C 27 27.45 -36.63 -10.70
CA LYS C 27 28.77 -36.43 -11.25
C LYS C 27 29.40 -35.16 -10.66
N ILE C 28 28.87 -34.01 -11.07
CA ILE C 28 29.38 -32.73 -10.59
C ILE C 28 29.53 -32.61 -9.06
N ALA C 29 28.64 -33.25 -8.32
CA ALA C 29 28.74 -33.18 -6.87
C ALA C 29 30.08 -33.73 -6.49
N ARG C 30 30.28 -34.97 -6.89
CA ARG C 30 31.49 -35.76 -6.65
C ARG C 30 32.74 -35.00 -7.11
N GLU C 31 32.76 -34.62 -8.39
CA GLU C 31 33.90 -33.92 -8.97
C GLU C 31 34.30 -32.70 -8.15
N LEU C 32 33.41 -31.71 -8.05
CA LEU C 32 33.73 -30.50 -7.30
C LEU C 32 33.71 -30.71 -5.78
N ASN C 33 33.29 -31.88 -5.30
CA ASN C 33 33.15 -32.09 -3.87
C ASN C 33 32.32 -30.98 -3.25
N THR C 34 31.04 -30.93 -3.62
CA THR C 34 30.15 -29.90 -3.11
C THR C 34 28.72 -30.41 -2.99
N TYR C 35 28.06 -30.08 -1.88
CA TYR C 35 26.66 -30.50 -1.66
C TYR C 35 25.74 -29.63 -2.50
N ILE C 36 24.81 -30.28 -3.20
CA ILE C 36 23.84 -29.55 -4.01
C ILE C 36 22.44 -29.73 -3.41
N LEU C 37 21.83 -28.64 -2.94
CA LEU C 37 20.50 -28.71 -2.37
C LEU C 37 19.42 -28.00 -3.20
N PHE C 38 18.44 -28.76 -3.68
CA PHE C 38 17.33 -28.22 -4.49
C PHE C 38 16.03 -27.97 -3.73
N ARG C 39 15.20 -27.12 -4.34
CA ARG C 39 13.90 -26.78 -3.82
C ARG C 39 12.92 -27.65 -4.58
N PRO C 40 11.80 -27.98 -3.95
CA PRO C 40 10.75 -28.82 -4.57
C PRO C 40 10.57 -28.49 -6.05
N VAL C 41 10.33 -29.50 -6.89
CA VAL C 41 10.08 -29.24 -8.30
C VAL C 41 8.72 -29.82 -8.66
N ASN C 42 7.85 -28.98 -9.21
CA ASN C 42 6.52 -29.42 -9.60
C ASN C 42 6.65 -30.81 -10.21
N LYS C 43 6.03 -31.79 -9.58
CA LYS C 43 6.13 -33.15 -10.08
C LYS C 43 5.44 -33.35 -11.40
N LEU C 44 4.58 -32.43 -11.78
CA LEU C 44 3.90 -32.60 -13.04
C LEU C 44 4.70 -31.88 -14.07
N ALA C 45 5.79 -31.26 -13.65
CA ALA C 45 6.64 -30.54 -14.57
C ALA C 45 7.75 -31.43 -15.13
N THR C 46 8.15 -32.42 -14.33
CA THR C 46 9.21 -33.35 -14.68
C THR C 46 9.24 -33.88 -16.09
N ASN C 47 8.14 -34.48 -16.54
CA ASN C 47 8.10 -35.00 -17.89
C ASN C 47 8.15 -33.90 -18.93
N LEU C 48 7.64 -32.72 -18.59
CA LEU C 48 7.68 -31.63 -19.56
C LEU C 48 9.11 -31.22 -19.67
N ILE C 49 9.77 -31.07 -18.53
CA ILE C 49 11.16 -30.66 -18.55
C ILE C 49 11.95 -31.66 -19.37
N LYS C 50 11.76 -32.93 -19.05
CA LYS C 50 12.44 -34.02 -19.75
C LYS C 50 12.17 -34.00 -21.25
N SER C 51 10.92 -33.79 -21.65
CA SER C 51 10.59 -33.74 -23.06
C SER C 51 11.23 -32.49 -23.66
N GLY C 52 12.01 -31.80 -22.84
CA GLY C 52 12.70 -30.63 -23.34
C GLY C 52 11.94 -29.31 -23.41
N VAL C 53 10.90 -29.16 -22.60
CA VAL C 53 10.16 -27.91 -22.58
C VAL C 53 11.07 -26.86 -21.90
N ALA C 54 11.09 -25.65 -22.45
CA ALA C 54 11.90 -24.57 -21.93
C ALA C 54 11.45 -24.24 -20.54
N THR C 55 12.37 -24.00 -19.61
CA THR C 55 11.95 -23.66 -18.25
C THR C 55 11.84 -22.15 -18.12
N LYS C 56 11.53 -21.65 -16.92
CA LYS C 56 11.31 -20.22 -16.72
C LYS C 56 12.32 -19.46 -15.86
N GLY C 57 12.63 -18.24 -16.33
CA GLY C 57 13.56 -17.40 -15.61
C GLY C 57 12.90 -16.42 -14.65
N LEU C 58 13.71 -15.55 -14.06
CA LEU C 58 13.19 -14.56 -13.12
C LEU C 58 12.27 -13.55 -13.82
N ASN C 59 12.39 -13.45 -15.14
CA ASN C 59 11.54 -12.54 -15.88
C ASN C 59 10.10 -13.04 -15.93
N VAL C 60 9.85 -14.21 -15.34
CA VAL C 60 8.51 -14.80 -15.30
C VAL C 60 8.25 -15.30 -13.89
N HIS C 61 7.27 -14.70 -13.21
CA HIS C 61 6.94 -15.09 -11.85
C HIS C 61 5.65 -15.83 -11.63
N GLY C 62 4.82 -15.97 -12.65
CA GLY C 62 3.60 -16.71 -12.45
C GLY C 62 3.92 -18.15 -12.06
N LYS C 63 3.09 -18.74 -11.20
CA LYS C 63 3.29 -20.10 -10.79
C LYS C 63 2.76 -21.10 -11.82
N SER C 64 3.20 -22.35 -11.70
CA SER C 64 2.82 -23.43 -12.61
C SER C 64 1.62 -24.14 -12.05
N SER C 65 0.93 -24.89 -12.89
CA SER C 65 -0.23 -25.61 -12.40
C SER C 65 0.14 -26.99 -11.91
N ASP C 66 -0.74 -27.61 -11.14
CA ASP C 66 -0.46 -28.95 -10.64
C ASP C 66 -1.74 -29.75 -10.70
N TRP C 67 -2.65 -29.30 -11.57
CA TRP C 67 -3.91 -29.99 -11.72
C TRP C 67 -4.46 -29.62 -13.08
N GLY C 68 -5.50 -30.32 -13.50
CA GLY C 68 -6.12 -30.04 -14.78
C GLY C 68 -5.28 -30.18 -16.02
N PRO C 69 -5.86 -29.94 -17.20
CA PRO C 69 -5.14 -30.05 -18.44
C PRO C 69 -3.87 -29.24 -18.56
N VAL C 70 -3.76 -28.15 -17.81
CA VAL C 70 -2.59 -27.29 -17.90
C VAL C 70 -1.55 -27.61 -16.86
N ALA C 71 -1.66 -28.75 -16.20
CA ALA C 71 -0.67 -29.09 -15.20
C ALA C 71 0.73 -29.01 -15.79
N GLY C 72 1.66 -28.43 -15.03
CA GLY C 72 3.01 -28.34 -15.52
C GLY C 72 3.38 -27.03 -16.18
N TYR C 73 2.43 -26.43 -16.89
CA TYR C 73 2.72 -25.16 -17.51
C TYR C 73 2.43 -23.95 -16.59
N ILE C 74 2.71 -22.75 -17.08
CA ILE C 74 2.47 -21.54 -16.33
C ILE C 74 1.27 -20.94 -17.04
N PRO C 75 0.07 -21.04 -16.45
CA PRO C 75 -1.11 -20.48 -17.10
C PRO C 75 -1.17 -18.96 -16.97
N PHE C 76 -1.58 -18.31 -18.05
CA PHE C 76 -1.70 -16.87 -18.02
C PHE C 76 -2.66 -16.52 -16.88
N ASP C 77 -3.82 -17.19 -16.89
CA ASP C 77 -4.83 -17.06 -15.88
C ASP C 77 -4.36 -17.83 -14.65
N GLN C 78 -3.80 -17.14 -13.67
CA GLN C 78 -3.29 -17.83 -12.51
C GLN C 78 -4.29 -18.57 -11.65
N ASP C 79 -5.58 -18.54 -12.01
CA ASP C 79 -6.55 -19.28 -11.22
C ASP C 79 -6.54 -20.74 -11.68
N LEU C 80 -5.78 -21.01 -12.74
CA LEU C 80 -5.62 -22.37 -13.25
C LEU C 80 -4.32 -22.93 -12.68
N SER C 81 -3.61 -22.14 -11.89
CA SER C 81 -2.33 -22.60 -11.33
C SER C 81 -2.51 -23.33 -10.02
N LYS C 82 -1.40 -23.59 -9.35
CA LYS C 82 -1.48 -24.29 -8.10
C LYS C 82 -1.96 -23.37 -7.01
N LYS C 83 -1.96 -22.07 -7.29
CA LYS C 83 -2.42 -21.10 -6.30
C LYS C 83 -3.89 -20.86 -6.47
N HIS C 84 -4.53 -21.76 -7.19
CA HIS C 84 -5.96 -21.73 -7.46
C HIS C 84 -6.71 -21.50 -6.18
N GLY C 85 -7.83 -20.80 -6.27
CA GLY C 85 -8.62 -20.53 -5.09
C GLY C 85 -8.15 -19.42 -4.16
N GLN C 86 -6.85 -19.21 -4.07
CA GLN C 86 -6.32 -18.16 -3.20
C GLN C 86 -6.32 -16.74 -3.80
N GLN C 87 -7.51 -16.14 -3.87
CA GLN C 87 -7.69 -14.80 -4.45
C GLN C 87 -6.58 -13.79 -4.39
N LEU C 88 -5.94 -13.66 -3.24
CA LEU C 88 -4.88 -12.68 -3.18
C LEU C 88 -3.71 -13.12 -4.05
N ALA C 89 -3.37 -14.40 -3.93
CA ALA C 89 -2.26 -14.99 -4.68
C ALA C 89 -2.51 -14.98 -6.17
N VAL C 90 -3.70 -15.39 -6.58
CA VAL C 90 -3.99 -15.38 -7.99
C VAL C 90 -3.69 -14.01 -8.58
N GLU C 91 -4.16 -12.98 -7.88
CA GLU C 91 -3.98 -11.59 -8.27
C GLU C 91 -2.52 -11.17 -8.42
N LYS C 92 -1.66 -11.48 -7.45
CA LYS C 92 -0.26 -11.12 -7.59
C LYS C 92 0.27 -11.92 -8.78
N GLY C 93 -0.29 -13.12 -8.93
CA GLY C 93 0.11 -13.98 -10.01
C GLY C 93 -0.24 -13.35 -11.33
N ASN C 94 -1.51 -13.01 -11.49
CA ASN C 94 -1.91 -12.40 -12.73
C ASN C 94 -1.18 -11.10 -12.98
N LEU C 95 -0.99 -10.27 -11.96
CA LEU C 95 -0.29 -9.01 -12.19
C LEU C 95 1.11 -9.34 -12.69
N GLU C 96 1.70 -10.37 -12.13
CA GLU C 96 3.04 -10.80 -12.54
C GLU C 96 3.09 -11.18 -14.00
N ASN C 97 2.13 -12.00 -14.44
CA ASN C 97 2.10 -12.39 -15.85
C ASN C 97 1.92 -11.16 -16.69
N LYS C 98 0.95 -10.34 -16.29
CA LYS C 98 0.60 -9.10 -16.97
C LYS C 98 1.86 -8.33 -17.23
N LYS C 99 2.68 -8.17 -16.21
CA LYS C 99 3.94 -7.45 -16.39
C LYS C 99 4.88 -8.20 -17.30
N SER C 100 5.05 -9.50 -17.08
CA SER C 100 5.91 -10.27 -17.96
C SER C 100 5.59 -9.99 -19.44
N ILE C 101 4.32 -10.02 -19.79
CA ILE C 101 3.89 -9.80 -21.17
C ILE C 101 4.19 -8.43 -21.75
N THR C 102 4.27 -7.43 -20.87
CA THR C 102 4.52 -6.05 -21.31
C THR C 102 5.95 -5.54 -21.05
N GLU C 103 6.37 -5.56 -19.80
CA GLU C 103 7.71 -5.12 -19.45
C GLU C 103 8.83 -5.88 -20.16
N HIS C 104 8.49 -6.86 -20.99
CA HIS C 104 9.45 -7.66 -21.74
C HIS C 104 8.85 -8.01 -23.07
N GLU C 105 7.97 -7.13 -23.56
CA GLU C 105 7.31 -7.33 -24.86
C GLU C 105 8.28 -7.94 -25.86
N GLY C 106 7.84 -8.96 -26.57
CA GLY C 106 8.69 -9.61 -27.55
C GLY C 106 9.51 -10.77 -27.00
N GLU C 107 9.91 -10.68 -25.73
CA GLU C 107 10.70 -11.72 -25.10
C GLU C 107 9.82 -12.79 -24.43
N ILE C 108 8.71 -12.34 -23.83
CA ILE C 108 7.77 -13.25 -23.17
C ILE C 108 6.38 -12.95 -23.70
N GLY C 109 5.64 -13.98 -24.04
CA GLY C 109 4.28 -13.79 -24.55
C GLY C 109 3.35 -14.86 -23.99
N LYS C 110 2.25 -15.11 -24.67
CA LYS C 110 1.34 -16.14 -24.22
C LYS C 110 0.71 -16.77 -25.45
N ILE C 111 0.46 -18.07 -25.37
CA ILE C 111 -0.11 -18.81 -26.47
C ILE C 111 -1.09 -19.84 -25.95
N PRO C 112 -1.95 -20.38 -26.83
CA PRO C 112 -2.94 -21.38 -26.47
C PRO C 112 -2.26 -22.68 -26.04
N LEU C 113 -2.85 -23.37 -25.09
CA LEU C 113 -2.28 -24.63 -24.64
C LEU C 113 -2.65 -25.65 -25.70
N LYS C 114 -1.69 -26.51 -26.01
CA LYS C 114 -1.91 -27.58 -26.98
C LYS C 114 -1.45 -28.83 -26.29
N LEU C 115 -2.38 -29.77 -26.05
CA LEU C 115 -2.03 -31.03 -25.42
C LEU C 115 -1.89 -32.11 -26.48
N ASP C 116 -0.66 -32.54 -26.74
CA ASP C 116 -0.48 -33.57 -27.74
C ASP C 116 -1.00 -34.91 -27.21
N HIS C 117 -1.21 -35.81 -28.15
CA HIS C 117 -1.70 -37.16 -27.90
C HIS C 117 -0.98 -37.83 -26.70
N LEU C 118 0.34 -37.69 -26.63
CA LEU C 118 1.11 -38.27 -25.51
C LEU C 118 0.86 -37.67 -24.14
N ARG C 119 0.85 -36.35 -24.06
CA ARG C 119 0.65 -35.67 -22.79
C ARG C 119 -0.69 -36.09 -22.21
N ILE C 120 -1.71 -36.16 -23.06
CA ILE C 120 -3.02 -36.54 -22.60
C ILE C 120 -2.92 -37.86 -21.86
N GLU C 121 -2.08 -38.76 -22.35
CA GLU C 121 -1.95 -40.03 -21.68
C GLU C 121 -1.08 -39.96 -20.44
N GLU C 122 -0.03 -39.15 -20.47
CA GLU C 122 0.81 -39.03 -19.28
C GLU C 122 -0.10 -38.50 -18.19
N LEU C 123 -1.05 -37.65 -18.60
CA LEU C 123 -2.00 -37.04 -17.67
C LEU C 123 -3.04 -38.04 -17.23
N LYS C 124 -3.47 -38.88 -18.15
CA LYS C 124 -4.43 -39.93 -17.80
C LYS C 124 -3.77 -40.88 -16.79
N GLU C 125 -2.47 -41.14 -16.96
CA GLU C 125 -1.78 -42.01 -16.02
C GLU C 125 -1.79 -41.33 -14.66
N ASN C 126 -1.13 -40.19 -14.57
CA ASN C 126 -1.06 -39.46 -13.34
C ASN C 126 -2.46 -39.28 -12.71
N GLY C 127 -3.50 -39.63 -13.45
CA GLY C 127 -4.85 -39.47 -12.93
C GLY C 127 -5.13 -37.99 -12.63
N ILE C 128 -4.89 -37.14 -13.64
CA ILE C 128 -5.06 -35.70 -13.52
C ILE C 128 -6.24 -35.24 -14.34
N ILE C 129 -6.44 -35.88 -15.49
CA ILE C 129 -7.58 -35.57 -16.33
C ILE C 129 -7.95 -36.81 -17.13
N LEU C 130 -9.23 -36.92 -17.44
CA LEU C 130 -9.74 -38.04 -18.23
C LEU C 130 -10.34 -37.54 -19.54
N LYS C 131 -9.96 -38.16 -20.65
CA LYS C 131 -10.50 -37.77 -21.96
C LYS C 131 -11.96 -38.26 -22.03
N GLY C 132 -12.91 -37.32 -22.03
CA GLY C 132 -14.32 -37.68 -22.05
C GLY C 132 -15.05 -37.86 -23.37
N LYS C 133 -16.36 -37.59 -23.34
CA LYS C 133 -17.22 -37.73 -24.52
C LYS C 133 -17.06 -36.59 -25.53
N LYS C 134 -17.45 -36.88 -26.77
CA LYS C 134 -17.37 -35.91 -27.85
C LYS C 134 -18.48 -34.88 -27.76
N GLU C 135 -18.31 -33.78 -28.49
CA GLU C 135 -19.26 -32.69 -28.52
C GLU C 135 -18.92 -31.82 -29.71
N ILE C 136 -19.94 -31.20 -30.31
CA ILE C 136 -19.69 -30.36 -31.45
C ILE C 136 -20.28 -28.98 -31.22
N ASP C 137 -19.59 -27.96 -31.68
CA ASP C 137 -20.03 -26.58 -31.51
C ASP C 137 -19.62 -25.79 -32.75
N ASN C 138 -20.58 -25.06 -33.31
CA ASN C 138 -20.35 -24.26 -34.50
C ASN C 138 -19.44 -24.99 -35.48
N GLY C 139 -19.79 -26.24 -35.76
CA GLY C 139 -19.03 -27.06 -36.71
C GLY C 139 -17.60 -27.50 -36.40
N LYS C 140 -17.29 -27.69 -35.12
CA LYS C 140 -15.94 -28.12 -34.72
C LYS C 140 -16.08 -29.32 -33.77
N LYS C 141 -15.13 -30.26 -33.83
CA LYS C 141 -15.21 -31.42 -32.95
C LYS C 141 -14.35 -31.26 -31.70
N TYR C 142 -14.97 -31.41 -30.54
CA TYR C 142 -14.25 -31.31 -29.27
C TYR C 142 -14.48 -32.53 -28.38
N TYR C 143 -13.50 -32.86 -27.56
CA TYR C 143 -13.66 -33.96 -26.64
C TYR C 143 -13.55 -33.33 -25.27
N LEU C 144 -14.50 -33.64 -24.40
CA LEU C 144 -14.44 -33.07 -23.07
C LEU C 144 -13.23 -33.66 -22.35
N LEU C 145 -12.79 -32.99 -21.30
CA LEU C 145 -11.69 -33.44 -20.48
C LEU C 145 -12.23 -33.21 -19.07
N GLU C 146 -12.42 -34.29 -18.32
CA GLU C 146 -12.95 -34.17 -16.97
C GLU C 146 -11.85 -34.03 -15.93
N SER C 147 -12.18 -33.44 -14.79
CA SER C 147 -11.23 -33.25 -13.70
C SER C 147 -12.08 -33.08 -12.46
N ASN C 148 -11.55 -33.46 -11.31
CA ASN C 148 -12.36 -33.33 -10.13
C ASN C 148 -12.45 -31.87 -9.72
N ASN C 149 -12.31 -30.96 -10.68
CA ASN C 149 -12.42 -29.55 -10.35
C ASN C 149 -13.89 -29.18 -10.40
N GLN C 150 -14.33 -28.29 -9.52
CA GLN C 150 -15.73 -27.93 -9.49
C GLN C 150 -16.07 -26.51 -9.96
N VAL C 151 -15.07 -25.68 -10.24
CA VAL C 151 -15.31 -24.33 -10.73
C VAL C 151 -15.23 -24.28 -12.26
N TYR C 152 -14.36 -25.12 -12.82
CA TYR C 152 -14.17 -25.11 -14.26
C TYR C 152 -14.51 -26.37 -15.03
N GLU C 153 -14.68 -26.21 -16.32
CA GLU C 153 -14.97 -27.30 -17.24
C GLU C 153 -14.02 -27.14 -18.45
N PHE C 154 -13.37 -28.22 -18.87
CA PHE C 154 -12.42 -28.15 -19.98
C PHE C 154 -12.81 -29.04 -21.12
N ARG C 155 -12.22 -28.77 -22.29
CA ARG C 155 -12.45 -29.59 -23.49
C ARG C 155 -11.29 -29.31 -24.45
N ILE C 156 -11.04 -30.22 -25.36
CA ILE C 156 -9.95 -30.04 -26.29
C ILE C 156 -10.40 -30.12 -27.73
N SER C 157 -9.69 -29.40 -28.59
CA SER C 157 -10.02 -29.38 -30.00
C SER C 157 -9.43 -30.58 -30.69
N ASP C 158 -10.20 -31.12 -31.63
CA ASP C 158 -9.78 -32.28 -32.40
C ASP C 158 -8.77 -31.88 -33.49
N GLU C 159 -8.99 -30.71 -34.09
CA GLU C 159 -8.14 -30.19 -35.15
C GLU C 159 -6.73 -29.77 -34.71
N ASN C 160 -6.61 -28.72 -33.90
CA ASN C 160 -5.29 -28.26 -33.45
C ASN C 160 -4.91 -28.68 -32.04
N ASN C 161 -5.80 -29.41 -31.38
CA ASN C 161 -5.56 -29.88 -30.02
C ASN C 161 -5.42 -28.77 -29.01
N GLU C 162 -6.21 -27.71 -29.21
CA GLU C 162 -6.19 -26.57 -28.31
C GLU C 162 -7.22 -26.83 -27.23
N VAL C 163 -6.80 -26.73 -25.99
CA VAL C 163 -7.70 -26.93 -24.85
C VAL C 163 -8.43 -25.62 -24.48
N GLN C 164 -9.69 -25.70 -24.12
CA GLN C 164 -10.39 -24.49 -23.75
C GLN C 164 -11.06 -24.76 -22.43
N TYR C 165 -11.50 -23.70 -21.78
CA TYR C 165 -12.20 -23.86 -20.51
C TYR C 165 -13.32 -22.84 -20.35
N LYS C 166 -14.21 -23.11 -19.41
CA LYS C 166 -15.30 -22.20 -19.13
C LYS C 166 -15.73 -22.44 -17.71
N THR C 167 -16.37 -21.45 -17.12
CA THR C 167 -16.85 -21.56 -15.76
C THR C 167 -18.06 -22.45 -15.80
N LYS C 168 -18.33 -23.08 -14.67
CA LYS C 168 -19.49 -23.95 -14.60
C LYS C 168 -20.74 -23.18 -14.19
N GLU C 169 -21.89 -23.73 -14.54
CA GLU C 169 -23.19 -23.14 -14.20
C GLU C 169 -23.29 -22.94 -12.70
N GLY C 170 -23.61 -21.72 -12.30
CA GLY C 170 -23.75 -21.40 -10.90
C GLY C 170 -22.49 -21.08 -10.16
N LYS C 171 -21.34 -21.45 -10.73
CA LYS C 171 -20.04 -21.20 -10.10
C LYS C 171 -19.42 -19.86 -10.50
N ILE C 172 -18.64 -19.29 -9.58
CA ILE C 172 -17.96 -18.03 -9.84
C ILE C 172 -16.44 -18.18 -9.60
N THR C 173 -15.65 -17.49 -10.42
CA THR C 173 -14.19 -17.47 -10.30
C THR C 173 -13.76 -16.87 -8.94
N VAL C 174 -12.51 -17.03 -8.57
CA VAL C 174 -12.08 -16.45 -7.32
C VAL C 174 -12.23 -14.95 -7.45
N LEU C 175 -12.03 -14.47 -8.67
CA LEU C 175 -12.15 -13.05 -8.94
C LEU C 175 -13.61 -12.75 -9.28
N GLY C 176 -14.47 -13.68 -8.91
CA GLY C 176 -15.88 -13.52 -9.15
C GLY C 176 -16.25 -13.32 -10.58
N GLU C 177 -15.81 -14.21 -11.47
CA GLU C 177 -16.15 -14.06 -12.87
C GLU C 177 -16.93 -15.24 -13.41
N LYS C 178 -17.32 -15.12 -14.66
CA LYS C 178 -18.05 -16.16 -15.35
C LYS C 178 -17.87 -15.91 -16.84
N PHE C 179 -17.70 -16.98 -17.60
CA PHE C 179 -17.48 -16.85 -19.03
C PHE C 179 -17.66 -18.19 -19.69
N ASN C 180 -17.91 -18.19 -21.00
CA ASN C 180 -18.16 -19.42 -21.72
C ASN C 180 -16.98 -20.17 -22.38
N TRP C 181 -17.01 -20.79 -23.52
CA TRP C 181 -15.75 -21.45 -23.84
C TRP C 181 -14.63 -20.45 -24.19
N ARG C 182 -13.38 -20.78 -23.92
CA ARG C 182 -12.26 -19.90 -24.26
C ARG C 182 -10.94 -20.60 -24.05
N ASN C 183 -10.03 -20.48 -25.02
CA ASN C 183 -8.73 -21.13 -24.94
C ASN C 183 -8.02 -20.79 -23.68
N ILE C 184 -7.21 -21.74 -23.23
CA ILE C 184 -6.41 -21.60 -22.02
C ILE C 184 -5.06 -21.10 -22.52
N GLU C 185 -4.62 -19.93 -22.08
CA GLU C 185 -3.35 -19.40 -22.51
C GLU C 185 -2.25 -19.72 -21.53
N VAL C 186 -1.06 -19.99 -22.02
CA VAL C 186 0.07 -20.31 -21.14
C VAL C 186 1.22 -19.36 -21.49
N MET C 187 2.02 -19.06 -20.48
CA MET C 187 3.15 -18.16 -20.62
C MET C 187 4.17 -18.74 -21.56
N ALA C 188 4.60 -17.97 -22.54
CA ALA C 188 5.59 -18.48 -23.49
C ALA C 188 6.78 -17.56 -23.62
N LYS C 189 7.86 -18.10 -24.18
CA LYS C 189 9.04 -17.29 -24.43
C LYS C 189 9.35 -17.28 -25.92
N ASN C 190 10.20 -16.36 -26.32
CA ASN C 190 10.59 -16.25 -27.71
C ASN C 190 11.83 -17.10 -27.95
N VAL C 191 11.81 -17.89 -29.02
CA VAL C 191 12.94 -18.74 -29.32
C VAL C 191 13.05 -18.79 -30.84
N GLU C 192 13.94 -17.97 -31.40
CA GLU C 192 14.13 -17.90 -32.85
C GLU C 192 12.85 -17.41 -33.53
N GLY C 193 12.27 -16.37 -32.95
CA GLY C 193 11.06 -15.77 -33.51
C GLY C 193 9.77 -16.53 -33.28
N VAL C 194 9.85 -17.67 -32.61
CA VAL C 194 8.63 -18.43 -32.32
C VAL C 194 8.38 -18.51 -30.82
N LEU C 195 7.09 -18.57 -30.45
CA LEU C 195 6.68 -18.64 -29.06
C LEU C 195 6.59 -20.07 -28.52
N LYS C 196 7.42 -20.37 -27.52
CA LYS C 196 7.44 -21.71 -26.94
C LYS C 196 7.05 -21.74 -25.46
N PRO C 197 6.11 -22.62 -25.10
CA PRO C 197 5.62 -22.77 -23.73
C PRO C 197 6.70 -22.96 -22.69
N LEU C 198 6.46 -22.42 -21.50
CA LEU C 198 7.40 -22.52 -20.38
C LEU C 198 6.93 -23.48 -19.33
N THR C 199 7.82 -23.91 -18.46
CA THR C 199 7.44 -24.83 -17.40
C THR C 199 8.33 -24.52 -16.23
N ALA C 200 8.16 -25.24 -15.13
CA ALA C 200 8.96 -25.01 -13.95
C ALA C 200 10.45 -25.12 -14.28
N ASP C 201 11.33 -24.62 -13.40
CA ASP C 201 12.76 -24.73 -13.60
C ASP C 201 13.30 -25.42 -12.33
N TYR C 202 14.62 -25.57 -12.21
CA TYR C 202 15.18 -26.17 -11.00
C TYR C 202 15.70 -25.04 -10.09
N ASP C 203 15.15 -24.93 -8.89
CA ASP C 203 15.61 -23.86 -8.01
C ASP C 203 16.55 -24.40 -6.98
N LEU C 204 17.75 -23.87 -6.96
CA LEU C 204 18.71 -24.31 -5.96
C LEU C 204 18.35 -23.68 -4.61
N PHE C 205 18.30 -24.50 -3.58
CA PHE C 205 17.99 -24.00 -2.29
C PHE C 205 19.27 -23.47 -1.75
N ALA C 206 20.33 -24.25 -1.93
CA ALA C 206 21.67 -23.90 -1.46
C ALA C 206 22.75 -24.65 -2.25
N LEU C 207 24.01 -24.23 -2.06
CA LEU C 207 25.22 -24.85 -2.66
C LEU C 207 26.30 -24.81 -1.57
N ALA C 208 26.82 -25.98 -1.24
CA ALA C 208 27.88 -26.02 -0.24
C ALA C 208 29.12 -26.71 -0.81
N PRO C 209 30.16 -25.92 -1.16
CA PRO C 209 31.41 -26.44 -1.71
C PRO C 209 32.42 -26.58 -0.56
N SER C 210 33.35 -27.52 -0.68
CA SER C 210 34.38 -27.72 0.34
C SER C 210 35.42 -26.60 0.26
N LEU C 211 35.94 -26.18 1.41
CA LEU C 211 36.94 -25.12 1.41
C LEU C 211 37.97 -25.35 0.31
N THR C 212 38.52 -26.55 0.30
CA THR C 212 39.53 -26.93 -0.69
C THR C 212 39.08 -26.50 -2.10
N GLU C 213 37.84 -26.85 -2.42
CA GLU C 213 37.26 -26.54 -3.70
C GLU C 213 37.21 -25.02 -3.93
N ILE C 214 37.15 -24.27 -2.85
CA ILE C 214 37.11 -22.83 -2.99
C ILE C 214 38.48 -22.26 -3.20
N LYS C 215 39.47 -22.93 -2.59
CA LYS C 215 40.89 -22.57 -2.73
C LYS C 215 41.20 -22.42 -4.24
N LYS C 216 40.82 -23.44 -5.01
CA LYS C 216 41.03 -23.42 -6.45
C LYS C 216 40.42 -22.19 -7.09
N GLN C 217 39.78 -21.35 -6.30
CA GLN C 217 39.14 -20.16 -6.84
C GLN C 217 40.00 -18.95 -6.55
N ILE C 218 40.95 -19.14 -5.65
CA ILE C 218 41.85 -18.06 -5.28
C ILE C 218 43.10 -18.07 -6.16
N PRO C 219 43.56 -16.87 -6.60
CA PRO C 219 44.76 -16.79 -7.44
C PRO C 219 46.00 -17.24 -6.65
N GLN C 220 46.73 -18.24 -7.15
CA GLN C 220 47.94 -18.74 -6.49
C GLN C 220 49.04 -17.69 -6.38
N LYS C 221 48.67 -16.44 -6.10
CA LYS C 221 49.67 -15.31 -5.98
C LYS C 221 49.16 -14.29 -4.98
N GLU C 222 47.84 -14.33 -4.81
CA GLU C 222 47.18 -13.48 -3.85
C GLU C 222 47.22 -14.35 -2.61
N TRP C 223 47.05 -15.65 -2.81
CA TRP C 223 47.07 -16.57 -1.69
C TRP C 223 48.48 -16.62 -1.19
N ASP C 224 49.41 -16.51 -2.13
CA ASP C 224 50.83 -16.55 -1.83
C ASP C 224 51.22 -15.27 -1.12
N LYS C 225 50.81 -14.15 -1.70
CA LYS C 225 51.12 -12.85 -1.16
C LYS C 225 50.69 -12.72 0.30
N VAL C 226 49.91 -13.69 0.78
CA VAL C 226 49.41 -13.68 2.16
C VAL C 226 50.00 -14.76 3.06
N VAL C 227 50.12 -15.97 2.54
CA VAL C 227 50.69 -17.09 3.30
C VAL C 227 52.17 -16.79 3.59
N ASN C 228 52.78 -16.02 2.68
CA ASN C 228 54.18 -15.61 2.75
C ASN C 228 54.23 -14.19 3.35
N THR C 229 54.01 -14.09 4.66
CA THR C 229 54.00 -12.81 5.34
C THR C 229 54.58 -12.97 6.76
N PRO C 230 54.81 -11.84 7.47
CA PRO C 230 55.36 -11.83 8.83
C PRO C 230 54.40 -12.23 9.95
N ASN C 231 53.68 -11.22 10.47
CA ASN C 231 52.73 -11.40 11.55
C ASN C 231 51.80 -12.58 11.29
N SER C 232 51.55 -13.37 12.32
CA SER C 232 50.66 -14.52 12.20
C SER C 232 49.24 -13.97 12.09
N LEU C 233 48.98 -12.88 12.81
CA LEU C 233 47.68 -12.23 12.84
C LEU C 233 47.35 -11.60 11.48
N GLU C 234 48.36 -11.01 10.86
CA GLU C 234 48.19 -10.40 9.56
C GLU C 234 47.82 -11.52 8.57
N LYS C 235 48.29 -12.73 8.88
CA LYS C 235 48.04 -13.91 8.03
C LYS C 235 46.61 -14.39 8.07
N GLN C 236 46.10 -14.65 9.28
CA GLN C 236 44.71 -15.11 9.43
C GLN C 236 43.75 -14.11 8.77
N LYS C 237 43.84 -12.87 9.21
CA LYS C 237 42.99 -11.81 8.68
C LYS C 237 43.07 -11.75 7.15
N GLY C 238 44.08 -12.40 6.58
CA GLY C 238 44.25 -12.39 5.14
C GLY C 238 43.68 -13.63 4.49
N VAL C 239 43.73 -14.74 5.20
CA VAL C 239 43.16 -16.00 4.73
C VAL C 239 41.65 -15.82 4.79
N THR C 240 41.23 -15.19 5.90
CA THR C 240 39.84 -14.88 6.15
C THR C 240 39.31 -14.04 5.00
N ASN C 241 39.88 -12.85 4.82
CA ASN C 241 39.39 -11.98 3.75
C ASN C 241 39.47 -12.60 2.38
N LEU C 242 40.25 -13.66 2.24
CA LEU C 242 40.33 -14.33 0.95
C LEU C 242 39.11 -15.24 0.81
N LEU C 243 38.82 -15.96 1.90
CA LEU C 243 37.67 -16.86 1.99
C LEU C 243 36.49 -15.99 1.55
N ILE C 244 36.27 -14.92 2.30
CA ILE C 244 35.22 -13.95 2.03
C ILE C 244 35.29 -13.46 0.58
N LYS C 245 36.50 -13.35 0.06
CA LYS C 245 36.70 -12.86 -1.30
C LYS C 245 36.21 -13.81 -2.38
N TYR C 246 36.46 -15.10 -2.21
CA TYR C 246 36.07 -16.04 -3.25
C TYR C 246 34.92 -16.98 -2.94
N GLY C 247 34.69 -17.22 -1.66
CA GLY C 247 33.59 -18.10 -1.31
C GLY C 247 32.34 -17.38 -0.88
N ILE C 248 32.48 -16.52 0.12
CA ILE C 248 31.39 -15.79 0.71
C ILE C 248 30.72 -14.67 -0.09
N GLU C 249 31.47 -13.68 -0.57
CA GLU C 249 30.85 -12.56 -1.29
C GLU C 249 29.91 -13.00 -2.42
N ARG C 250 28.89 -12.17 -2.66
CA ARG C 250 27.90 -12.36 -3.72
C ARG C 250 27.54 -10.99 -4.29
N LYS C 251 27.23 -10.96 -5.58
CA LYS C 251 26.88 -9.71 -6.23
C LYS C 251 25.70 -9.91 -7.16
N PRO C 252 24.93 -8.85 -7.35
CA PRO C 252 23.75 -8.92 -8.22
C PRO C 252 24.11 -9.01 -9.69
N ASP C 253 23.47 -9.96 -10.37
CA ASP C 253 23.67 -10.17 -11.81
C ASP C 253 22.36 -9.82 -12.52
N SER C 254 22.46 -9.41 -13.78
CA SER C 254 21.28 -9.04 -14.55
C SER C 254 20.08 -10.00 -14.46
N THR C 255 20.25 -11.24 -14.89
CA THR C 255 19.15 -12.22 -14.87
C THR C 255 19.35 -13.40 -13.92
N LYS C 256 20.58 -13.61 -13.47
CA LYS C 256 20.84 -14.72 -12.56
C LYS C 256 20.72 -14.28 -11.12
N GLY C 257 20.18 -13.08 -10.93
CA GLY C 257 19.99 -12.54 -9.59
C GLY C 257 21.31 -12.49 -8.83
N THR C 258 21.25 -12.42 -7.51
CA THR C 258 22.45 -12.37 -6.72
C THR C 258 23.17 -13.70 -6.50
N LEU C 259 24.40 -13.80 -7.00
CA LEU C 259 25.22 -15.00 -6.83
C LEU C 259 26.69 -14.66 -6.83
N SER C 260 27.51 -15.62 -6.41
CA SER C 260 28.95 -15.47 -6.38
C SER C 260 29.48 -15.99 -7.73
N ASN C 261 30.80 -15.94 -7.93
CA ASN C 261 31.40 -16.42 -9.18
C ASN C 261 31.52 -17.94 -9.22
N TRP C 262 31.86 -18.55 -8.09
CA TRP C 262 31.95 -20.00 -8.11
C TRP C 262 30.55 -20.55 -8.37
N GLN C 263 29.54 -19.79 -7.98
CA GLN C 263 28.16 -20.19 -8.19
C GLN C 263 27.79 -20.09 -9.65
N LYS C 264 28.23 -19.02 -10.29
CA LYS C 264 27.96 -18.82 -11.71
C LYS C 264 28.51 -20.00 -12.48
N GLN C 265 29.70 -20.45 -12.08
CA GLN C 265 30.35 -21.58 -12.75
C GLN C 265 29.56 -22.85 -12.51
N MET C 266 29.26 -23.10 -11.24
CA MET C 266 28.49 -24.26 -10.85
C MET C 266 27.20 -24.25 -11.66
N LEU C 267 26.63 -23.07 -11.83
CA LEU C 267 25.42 -22.94 -12.61
C LEU C 267 25.67 -23.49 -14.01
N ASP C 268 26.61 -22.87 -14.72
CA ASP C 268 27.01 -23.26 -16.08
C ASP C 268 27.31 -24.76 -16.17
N ARG C 269 28.03 -25.27 -15.20
CA ARG C 269 28.36 -26.68 -15.20
C ARG C 269 27.07 -27.51 -15.28
N LEU C 270 26.18 -27.26 -14.29
CA LEU C 270 24.88 -27.93 -14.17
C LEU C 270 24.06 -27.91 -15.43
N ASN C 271 23.98 -26.75 -16.05
CA ASN C 271 23.21 -26.69 -17.28
C ASN C 271 23.88 -27.50 -18.35
N GLU C 272 25.22 -27.45 -18.37
CA GLU C 272 26.02 -28.20 -19.34
C GLU C 272 25.73 -29.69 -19.19
N ALA C 273 25.76 -30.15 -17.96
CA ALA C 273 25.49 -31.55 -17.65
C ALA C 273 24.20 -32.10 -18.26
N VAL C 274 23.10 -31.37 -18.15
CA VAL C 274 21.84 -31.85 -18.70
C VAL C 274 21.80 -31.69 -20.22
N LYS C 275 22.46 -30.65 -20.74
CA LYS C 275 22.49 -30.47 -22.18
C LYS C 275 23.14 -31.72 -22.75
N TYR C 276 24.09 -32.28 -22.00
CA TYR C 276 24.79 -33.49 -22.45
C TYR C 276 23.77 -34.58 -22.68
N THR C 277 22.98 -34.86 -21.66
CA THR C 277 22.00 -35.91 -21.74
C THR C 277 20.95 -35.73 -22.82
N GLY C 278 20.76 -34.51 -23.31
CA GLY C 278 19.76 -34.32 -24.35
C GLY C 278 18.79 -33.15 -24.17
N TYR C 279 18.62 -32.66 -22.93
CA TYR C 279 17.70 -31.54 -22.69
C TYR C 279 17.96 -30.43 -23.69
N THR C 280 16.97 -30.21 -24.54
CA THR C 280 17.06 -29.21 -25.60
C THR C 280 16.29 -27.91 -25.37
N GLY C 281 15.90 -27.66 -24.11
CA GLY C 281 15.14 -26.47 -23.77
C GLY C 281 16.02 -25.30 -23.39
N GLY C 282 17.29 -25.59 -23.15
CA GLY C 282 18.24 -24.54 -22.79
C GLY C 282 18.71 -24.72 -21.36
N ASP C 283 18.61 -23.66 -20.57
CA ASP C 283 19.00 -23.82 -19.18
C ASP C 283 17.85 -24.38 -18.34
N VAL C 284 18.23 -25.11 -17.30
CA VAL C 284 17.32 -25.77 -16.43
C VAL C 284 17.44 -25.17 -15.01
N VAL C 285 18.53 -24.41 -14.81
CA VAL C 285 18.82 -23.69 -13.57
C VAL C 285 19.01 -22.30 -14.13
N ASN C 286 18.32 -21.30 -13.58
CA ASN C 286 18.40 -19.96 -14.16
C ASN C 286 18.80 -18.83 -13.23
N HIS C 287 19.29 -19.11 -12.05
CA HIS C 287 19.63 -18.02 -11.15
C HIS C 287 20.28 -18.51 -9.88
N GLY C 288 20.71 -17.59 -9.04
CA GLY C 288 21.37 -17.97 -7.81
C GLY C 288 20.57 -18.91 -6.94
N THR C 289 20.97 -19.01 -5.68
CA THR C 289 20.27 -19.87 -4.73
C THR C 289 19.27 -19.10 -3.81
N GLU C 290 18.45 -19.90 -3.13
CA GLU C 290 17.43 -19.37 -2.22
C GLU C 290 18.02 -18.58 -1.07
N GLN C 291 19.28 -18.86 -0.71
CA GLN C 291 19.91 -18.17 0.40
C GLN C 291 20.19 -16.71 0.12
N ASP C 292 19.97 -16.31 -1.13
CA ASP C 292 20.18 -14.93 -1.51
C ASP C 292 18.90 -14.25 -1.91
N ASN C 293 17.80 -14.94 -1.68
CA ASN C 293 16.49 -14.40 -1.98
C ASN C 293 16.06 -13.85 -0.62
N GLU C 294 16.46 -12.61 -0.32
CA GLU C 294 16.17 -11.97 0.96
C GLU C 294 14.87 -11.18 1.09
N GLU C 295 14.31 -10.75 -0.03
CA GLU C 295 13.08 -9.99 -0.01
C GLU C 295 11.82 -10.87 0.13
N PHE C 296 11.80 -11.94 -0.64
CA PHE C 296 10.70 -12.88 -0.66
C PHE C 296 11.13 -14.30 -0.42
N PRO C 297 11.72 -14.54 0.75
CA PRO C 297 12.15 -15.90 1.06
C PRO C 297 11.05 -16.95 1.24
N GLU C 298 11.04 -17.95 0.38
CA GLU C 298 10.12 -19.06 0.48
C GLU C 298 10.64 -20.00 1.58
N LYS C 299 9.89 -21.04 1.92
CA LYS C 299 10.31 -21.98 2.93
C LYS C 299 9.67 -23.32 2.62
N ASP C 300 10.44 -24.28 2.11
CA ASP C 300 9.88 -25.55 1.72
C ASP C 300 10.02 -26.60 2.78
N ASN C 301 9.09 -27.55 2.77
CA ASN C 301 9.14 -28.62 3.75
C ASN C 301 10.22 -29.62 3.38
N GLU C 302 10.32 -29.92 2.08
CA GLU C 302 11.30 -30.88 1.62
C GLU C 302 12.35 -30.39 0.62
N ILE C 303 13.61 -30.49 1.04
CA ILE C 303 14.74 -30.11 0.20
C ILE C 303 15.42 -31.38 -0.33
N PHE C 304 15.73 -31.39 -1.62
CA PHE C 304 16.40 -32.52 -2.27
C PHE C 304 17.90 -32.31 -2.25
N ILE C 305 18.61 -33.18 -1.54
CA ILE C 305 20.05 -33.07 -1.43
C ILE C 305 20.85 -34.10 -2.23
N ILE C 306 21.97 -33.63 -2.77
CA ILE C 306 22.90 -34.50 -3.49
C ILE C 306 24.25 -34.21 -2.83
N ASN C 307 24.75 -35.19 -2.08
CA ASN C 307 26.03 -35.02 -1.39
C ASN C 307 27.21 -35.35 -2.30
N PRO C 308 28.41 -34.83 -1.95
CA PRO C 308 29.62 -35.08 -2.74
C PRO C 308 29.82 -36.54 -3.15
N GLU C 309 29.13 -37.46 -2.46
CA GLU C 309 29.18 -38.90 -2.73
C GLU C 309 28.28 -39.26 -3.91
N GLY C 310 27.36 -38.37 -4.25
CA GLY C 310 26.46 -38.66 -5.35
C GLY C 310 25.24 -39.38 -4.81
N GLU C 311 25.03 -39.26 -3.50
CA GLU C 311 23.89 -39.91 -2.85
C GLU C 311 22.70 -38.97 -2.68
N PHE C 312 21.51 -39.47 -3.04
CA PHE C 312 20.29 -38.69 -2.96
C PHE C 312 19.66 -38.73 -1.59
N ILE C 313 19.36 -37.54 -1.06
CA ILE C 313 18.74 -37.43 0.25
C ILE C 313 17.56 -36.48 0.07
N LEU C 314 16.61 -36.50 0.99
CA LEU C 314 15.47 -35.60 0.86
C LEU C 314 14.96 -35.39 2.26
N THR C 315 15.04 -34.15 2.74
CA THR C 315 14.55 -33.89 4.09
C THR C 315 13.02 -33.88 4.10
N LYS C 316 12.45 -34.24 5.24
CA LYS C 316 11.00 -34.30 5.38
C LYS C 316 10.47 -32.98 5.87
N ASN C 317 11.24 -32.27 6.66
CA ASN C 317 10.74 -31.00 7.14
C ASN C 317 11.84 -30.00 7.51
N TRP C 318 11.50 -28.72 7.49
CA TRP C 318 12.44 -27.65 7.82
C TRP C 318 13.37 -27.96 8.97
N GLU C 319 12.81 -28.27 10.14
CA GLU C 319 13.65 -28.57 11.28
C GLU C 319 14.66 -29.62 10.86
N MET C 320 14.21 -30.60 10.10
CA MET C 320 15.13 -31.63 9.64
C MET C 320 16.19 -31.07 8.71
N THR C 321 15.78 -30.20 7.79
CA THR C 321 16.71 -29.61 6.84
C THR C 321 17.81 -28.90 7.60
N GLY C 322 17.46 -28.32 8.73
CA GLY C 322 18.45 -27.61 9.50
C GLY C 322 19.44 -28.52 10.20
N ARG C 323 19.00 -29.74 10.51
CA ARG C 323 19.86 -30.71 11.19
C ARG C 323 20.79 -31.34 10.17
N PHE C 324 20.27 -31.61 8.99
CA PHE C 324 21.11 -32.19 7.97
C PHE C 324 22.23 -31.25 7.58
N ILE C 325 21.95 -29.95 7.58
CA ILE C 325 22.98 -28.99 7.21
C ILE C 325 23.94 -28.76 8.37
N GLU C 326 23.42 -28.93 9.56
CA GLU C 326 24.21 -28.72 10.76
C GLU C 326 25.21 -29.83 10.95
N LYS C 327 24.77 -31.05 10.72
CA LYS C 327 25.62 -32.22 10.93
C LYS C 327 26.47 -32.70 9.76
N ASN C 328 26.25 -32.23 8.55
CA ASN C 328 27.04 -32.70 7.42
C ASN C 328 27.61 -31.59 6.59
N ILE C 329 27.32 -30.34 6.95
CA ILE C 329 27.85 -29.24 6.16
C ILE C 329 28.53 -28.17 7.00
N THR C 330 27.76 -27.31 7.67
CA THR C 330 28.37 -26.28 8.48
C THR C 330 29.19 -26.93 9.61
N GLY C 331 29.12 -28.26 9.67
CA GLY C 331 29.85 -28.97 10.71
C GLY C 331 31.02 -29.79 10.20
N LYS C 332 31.11 -29.97 8.88
CA LYS C 332 32.19 -30.78 8.32
C LYS C 332 33.01 -30.08 7.26
N ASP C 333 33.55 -28.92 7.58
CA ASP C 333 34.43 -28.21 6.63
C ASP C 333 33.90 -27.91 5.24
N TYR C 334 32.75 -27.25 5.13
CA TYR C 334 32.25 -26.88 3.80
C TYR C 334 31.87 -25.42 3.88
N LEU C 335 31.81 -24.74 2.75
CA LEU C 335 31.40 -23.36 2.80
C LEU C 335 29.87 -23.24 2.76
N TYR C 336 29.30 -22.60 3.78
CA TYR C 336 27.85 -22.41 3.86
C TYR C 336 27.46 -21.11 4.53
N TYR C 337 26.41 -20.50 4.01
CA TYR C 337 25.87 -19.27 4.58
C TYR C 337 24.36 -19.39 4.38
N PHE C 338 23.62 -19.06 5.43
CA PHE C 338 22.16 -19.11 5.39
C PHE C 338 21.59 -17.72 5.11
N ASN C 339 20.43 -17.72 4.46
CA ASN C 339 19.71 -16.48 4.11
C ASN C 339 19.78 -15.42 5.21
N ARG C 340 20.09 -14.19 4.81
CA ARG C 340 20.22 -13.11 5.75
C ARG C 340 18.90 -12.65 6.31
N SER C 341 17.83 -13.01 5.62
CA SER C 341 16.52 -12.64 6.11
C SER C 341 16.06 -13.53 7.25
N TYR C 342 16.48 -14.78 7.28
CA TYR C 342 16.06 -15.66 8.35
C TYR C 342 16.17 -14.97 9.71
N ASN C 343 15.39 -15.43 10.67
CA ASN C 343 15.38 -14.85 12.01
C ASN C 343 15.01 -13.37 12.05
N LYS C 344 14.43 -12.91 10.94
CA LYS C 344 13.98 -11.54 10.82
C LYS C 344 12.67 -11.53 10.04
N ILE C 345 12.09 -10.35 9.86
CA ILE C 345 10.87 -10.28 9.08
C ILE C 345 11.23 -9.83 7.68
N ALA C 346 11.39 -10.75 6.76
CA ALA C 346 11.70 -10.40 5.39
C ALA C 346 10.84 -9.18 5.03
N PRO C 347 11.43 -8.21 4.33
CA PRO C 347 10.72 -6.98 3.91
C PRO C 347 9.69 -7.17 2.79
N GLY C 348 10.02 -8.03 1.84
CA GLY C 348 9.12 -8.25 0.73
C GLY C 348 7.80 -8.85 1.08
N ASN C 349 7.83 -10.10 1.55
CA ASN C 349 6.64 -10.87 1.91
C ASN C 349 6.39 -10.98 3.41
N LYS C 350 7.13 -10.23 4.20
CA LYS C 350 6.98 -10.25 5.65
C LYS C 350 7.21 -11.65 6.25
N ALA C 351 7.73 -12.59 5.46
CA ALA C 351 7.95 -13.94 5.98
C ALA C 351 8.87 -13.88 7.18
N TYR C 352 8.67 -14.80 8.13
CA TYR C 352 9.54 -14.86 9.31
C TYR C 352 10.00 -16.29 9.47
N ILE C 353 11.03 -16.66 8.72
CA ILE C 353 11.61 -17.99 8.74
C ILE C 353 12.72 -18.06 9.77
N GLU C 354 12.69 -19.09 10.62
CA GLU C 354 13.72 -19.22 11.64
C GLU C 354 14.80 -20.19 11.26
N TRP C 355 16.00 -19.94 11.78
CA TRP C 355 17.17 -20.78 11.52
C TRP C 355 18.04 -20.70 12.73
N THR C 356 18.84 -21.73 12.94
CA THR C 356 19.71 -21.77 14.12
C THR C 356 20.99 -20.96 13.90
N ASP C 357 21.14 -19.88 14.63
CA ASP C 357 22.35 -19.07 14.49
C ASP C 357 23.15 -19.11 15.78
N PRO C 358 24.16 -19.99 15.84
CA PRO C 358 25.03 -20.16 17.01
C PRO C 358 25.42 -18.85 17.66
N ILE C 359 25.68 -17.83 16.85
CA ILE C 359 26.08 -16.54 17.38
C ILE C 359 25.11 -16.03 18.45
N THR C 360 23.84 -16.37 18.33
CA THR C 360 22.84 -15.91 19.30
C THR C 360 22.76 -16.85 20.49
N LYS C 361 22.99 -18.13 20.21
CA LYS C 361 22.96 -19.14 21.24
C LYS C 361 23.91 -18.56 22.28
N ALA C 362 25.20 -18.53 21.92
CA ALA C 362 26.25 -18.01 22.78
C ALA C 362 26.00 -16.57 23.29
N LYS C 363 25.30 -15.77 22.51
CA LYS C 363 25.02 -14.39 22.91
C LYS C 363 24.57 -14.25 24.36
N ILE C 364 24.13 -15.35 24.95
CA ILE C 364 23.67 -15.34 26.34
C ILE C 364 24.79 -14.88 27.28
N ASN C 365 25.91 -15.62 27.21
CA ASN C 365 27.11 -15.37 28.01
C ASN C 365 28.15 -14.64 27.14
N THR C 366 27.83 -13.41 26.73
CA THR C 366 28.72 -12.66 25.85
C THR C 366 28.53 -11.16 26.04
N ILE C 367 29.28 -10.59 26.97
CA ILE C 367 29.20 -9.16 27.25
C ILE C 367 29.04 -8.31 26.00
N PRO C 368 28.10 -7.36 26.01
CA PRO C 368 27.86 -6.48 24.87
C PRO C 368 29.03 -5.58 24.47
N THR C 369 29.05 -5.23 23.19
CA THR C 369 30.05 -4.35 22.63
C THR C 369 29.47 -2.94 22.81
N SER C 370 30.32 -1.92 22.81
CA SER C 370 29.80 -0.57 22.94
C SER C 370 28.71 -0.44 21.88
N ALA C 371 29.03 -0.83 20.64
CA ALA C 371 28.11 -0.76 19.51
C ALA C 371 26.82 -1.54 19.73
N GLU C 372 26.95 -2.79 20.20
CA GLU C 372 25.76 -3.64 20.45
C GLU C 372 24.83 -3.04 21.56
N PHE C 373 25.12 -1.80 21.92
CA PHE C 373 24.55 -1.11 23.05
C PHE C 373 24.05 0.31 22.77
N ILE C 374 24.75 0.97 21.88
CA ILE C 374 24.38 2.31 21.48
C ILE C 374 23.34 2.08 20.39
N LYS C 375 23.51 1.00 19.64
CA LYS C 375 22.58 0.69 18.57
C LYS C 375 21.27 0.14 19.14
N ASN C 376 21.32 -0.44 20.35
CA ASN C 376 20.10 -0.97 20.96
C ASN C 376 19.28 0.20 21.49
N LEU C 377 19.95 1.11 22.21
CA LEU C 377 19.29 2.28 22.75
C LEU C 377 18.62 3.03 21.61
N SER C 378 19.12 2.80 20.40
CA SER C 378 18.58 3.46 19.22
C SER C 378 17.19 2.90 18.93
N SER C 379 17.09 1.57 18.86
CA SER C 379 15.83 0.88 18.56
C SER C 379 14.78 1.08 19.65
N ILE C 380 15.19 0.89 20.90
CA ILE C 380 14.30 1.04 22.02
C ILE C 380 14.06 2.54 22.30
N ARG C 381 14.70 3.40 21.51
CA ARG C 381 14.52 4.86 21.66
C ARG C 381 13.40 5.28 20.72
N ARG C 382 13.08 4.39 19.78
CA ARG C 382 12.02 4.66 18.80
C ARG C 382 10.67 4.53 19.49
N SER C 383 10.54 3.54 20.37
CA SER C 383 9.29 3.35 21.06
C SER C 383 8.99 4.58 21.96
N SER C 384 9.70 5.65 21.85
CA SER C 384 9.40 6.79 22.74
C SER C 384 9.80 8.03 21.97
N ASN C 385 8.97 9.08 21.91
CA ASN C 385 9.33 10.28 21.13
C ASN C 385 10.81 10.70 21.24
N VAL C 386 11.25 11.51 20.28
CA VAL C 386 12.63 12.00 20.25
C VAL C 386 12.69 13.52 20.30
N GLY C 387 13.70 14.05 21.01
CA GLY C 387 13.85 15.48 21.13
C GLY C 387 15.20 15.88 21.69
N VAL C 388 15.34 15.76 23.00
CA VAL C 388 16.59 16.11 23.68
C VAL C 388 16.93 15.06 24.74
N TYR C 389 17.98 14.29 24.47
CA TYR C 389 18.43 13.26 25.40
C TYR C 389 18.70 13.89 26.76
N LYS C 390 19.34 15.05 26.74
CA LYS C 390 19.66 15.78 27.97
C LYS C 390 18.35 16.16 28.64
N ASP C 391 18.25 15.88 29.94
CA ASP C 391 17.04 16.18 30.69
C ASP C 391 15.88 15.42 30.05
N SER C 392 15.93 14.10 30.17
CA SER C 392 14.90 13.23 29.61
C SER C 392 13.56 13.41 30.30
N GLY C 393 13.60 13.90 31.54
CA GLY C 393 12.37 14.11 32.29
C GLY C 393 11.78 15.49 32.08
N ASP C 394 10.81 15.85 32.90
CA ASP C 394 10.15 17.15 32.81
C ASP C 394 10.86 18.16 33.71
N LYS C 395 11.39 17.66 34.81
CA LYS C 395 12.10 18.50 35.77
C LYS C 395 13.40 19.03 35.17
N ASP C 396 13.54 20.35 35.13
CA ASP C 396 14.73 20.97 34.58
C ASP C 396 15.80 21.15 35.65
N GLU C 397 15.48 20.74 36.87
CA GLU C 397 16.41 20.83 37.99
C GLU C 397 17.45 19.72 37.87
N PHE C 398 17.37 18.96 36.79
CA PHE C 398 18.30 17.86 36.58
C PHE C 398 18.64 17.67 35.09
N ALA C 399 19.74 16.95 34.82
CA ALA C 399 20.18 16.71 33.44
C ALA C 399 21.22 15.59 33.29
N LYS C 400 21.19 14.58 34.16
CA LYS C 400 22.13 13.47 34.02
C LYS C 400 21.63 12.15 34.61
N LYS C 401 22.07 11.05 33.99
CA LYS C 401 21.70 9.70 34.42
C LYS C 401 22.96 9.01 34.94
N GLU C 402 23.23 9.15 36.24
CA GLU C 402 24.42 8.56 36.89
C GLU C 402 24.95 7.32 36.15
N SER C 403 26.26 7.30 35.91
CA SER C 403 26.82 6.38 34.85
C SER C 403 26.29 6.36 33.42
N VAL C 404 26.18 7.54 32.83
CA VAL C 404 25.69 7.70 31.47
C VAL C 404 26.51 7.00 30.38
N LYS C 405 27.52 7.68 29.88
CA LYS C 405 28.36 7.11 28.83
C LYS C 405 29.43 6.18 29.41
N LYS C 406 29.60 6.19 30.73
CA LYS C 406 30.59 5.32 31.38
C LYS C 406 30.35 3.86 31.00
N ILE C 407 29.09 3.44 31.04
CA ILE C 407 28.71 2.07 30.72
C ILE C 407 29.32 1.55 29.42
N ALA C 408 29.12 2.30 28.33
CA ALA C 408 29.65 1.91 27.03
C ALA C 408 31.17 1.90 27.02
N GLY C 409 31.76 2.97 27.51
CA GLY C 409 33.21 3.06 27.55
C GLY C 409 33.79 1.79 28.16
N TYR C 410 33.26 1.37 29.30
CA TYR C 410 33.76 0.17 29.95
C TYR C 410 33.55 -1.05 29.06
N LEU C 411 32.77 -0.88 27.99
CA LEU C 411 32.55 -1.96 27.05
C LEU C 411 33.71 -1.89 26.08
N SER C 412 34.01 -0.65 25.67
CA SER C 412 35.08 -0.40 24.72
C SER C 412 36.43 -0.84 25.30
N ASP C 413 36.53 -0.85 26.63
CA ASP C 413 37.76 -1.24 27.31
C ASP C 413 37.84 -2.75 27.35
N TYR C 414 36.72 -3.39 27.62
CA TYR C 414 36.69 -4.86 27.69
C TYR C 414 37.22 -5.48 26.40
N TYR C 415 36.84 -4.89 25.27
CA TYR C 415 37.29 -5.38 23.98
C TYR C 415 38.42 -4.50 23.42
N ASN C 416 39.51 -4.40 24.18
CA ASN C 416 40.66 -3.61 23.77
C ASN C 416 41.72 -4.49 23.11
N SER C 417 42.00 -4.20 21.84
CA SER C 417 42.97 -4.96 21.07
C SER C 417 44.35 -4.98 21.73
N ALA C 418 44.66 -3.95 22.51
CA ALA C 418 45.95 -3.86 23.19
C ALA C 418 45.89 -4.81 24.39
N ASN C 419 45.59 -6.07 24.12
CA ASN C 419 45.47 -7.11 25.12
C ASN C 419 46.34 -8.28 24.67
N HIS C 420 46.63 -8.30 23.38
CA HIS C 420 47.43 -9.34 22.77
C HIS C 420 48.87 -9.32 23.23
N ILE C 421 49.15 -8.57 24.29
CA ILE C 421 50.51 -8.51 24.81
C ILE C 421 50.52 -9.04 26.22
N PHE C 422 49.40 -9.62 26.65
CA PHE C 422 49.34 -10.18 28.00
C PHE C 422 49.07 -11.66 27.91
N SER C 423 49.29 -12.35 29.02
CA SER C 423 49.06 -13.80 29.06
C SER C 423 47.57 -14.04 29.19
N GLN C 424 47.14 -15.26 28.89
CA GLN C 424 45.73 -15.57 29.01
C GLN C 424 45.31 -15.20 30.41
N GLU C 425 46.05 -15.68 31.41
CA GLU C 425 45.77 -15.40 32.82
C GLU C 425 45.52 -13.90 33.02
N LYS C 426 46.42 -13.08 32.49
CA LYS C 426 46.30 -11.63 32.61
C LYS C 426 44.99 -11.17 32.01
N LYS C 427 44.76 -11.63 30.78
CA LYS C 427 43.55 -11.32 30.02
C LYS C 427 42.28 -11.58 30.81
N ARG C 428 42.11 -12.82 31.28
CA ARG C 428 40.93 -13.17 32.06
C ARG C 428 40.79 -12.24 33.26
N LYS C 429 41.90 -12.02 33.96
CA LYS C 429 41.89 -11.13 35.12
C LYS C 429 41.29 -9.76 34.79
N ILE C 430 42.05 -8.95 34.06
CA ILE C 430 41.62 -7.60 33.70
C ILE C 430 40.23 -7.49 33.06
N SER C 431 39.79 -8.55 32.39
CA SER C 431 38.48 -8.53 31.75
C SER C 431 37.39 -8.79 32.79
N ILE C 432 37.61 -9.78 33.66
CA ILE C 432 36.64 -10.09 34.71
C ILE C 432 36.46 -8.83 35.55
N PHE C 433 37.42 -7.94 35.45
CA PHE C 433 37.36 -6.69 36.20
C PHE C 433 36.60 -5.65 35.39
N ARG C 434 37.11 -5.36 34.20
CA ARG C 434 36.50 -4.39 33.28
C ARG C 434 35.00 -4.67 33.16
N GLY C 435 34.64 -5.95 33.31
CA GLY C 435 33.25 -6.35 33.24
C GLY C 435 32.53 -5.85 34.47
N ILE C 436 32.90 -6.39 35.62
CA ILE C 436 32.27 -5.98 36.86
C ILE C 436 32.21 -4.45 36.89
N GLN C 437 33.18 -3.82 36.25
CA GLN C 437 33.21 -2.37 36.20
C GLN C 437 31.92 -1.83 35.58
N ALA C 438 31.66 -2.24 34.34
CA ALA C 438 30.45 -1.79 33.64
C ALA C 438 29.20 -2.36 34.32
N TYR C 439 29.33 -3.54 34.92
CA TYR C 439 28.21 -4.17 35.61
C TYR C 439 27.81 -3.31 36.81
N ASN C 440 28.76 -2.48 37.24
CA ASN C 440 28.58 -1.58 38.36
C ASN C 440 27.84 -0.32 37.92
N GLU C 441 28.36 0.32 36.87
CA GLU C 441 27.75 1.52 36.32
C GLU C 441 26.30 1.25 35.95
N ILE C 442 26.06 0.16 35.22
CA ILE C 442 24.71 -0.21 34.83
C ILE C 442 23.87 -0.33 36.10
N GLU C 443 24.50 -0.87 37.14
CA GLU C 443 23.84 -1.06 38.43
C GLU C 443 23.27 0.22 39.02
N ASN C 444 24.10 1.24 39.22
CA ASN C 444 23.62 2.48 39.82
C ASN C 444 22.79 3.34 38.86
N VAL C 445 22.70 2.93 37.60
CA VAL C 445 21.88 3.68 36.66
C VAL C 445 20.46 3.19 36.93
N LEU C 446 20.33 1.88 37.14
CA LEU C 446 19.05 1.28 37.43
C LEU C 446 18.68 1.68 38.84
N LYS C 447 19.65 2.20 39.57
CA LYS C 447 19.42 2.63 40.95
C LYS C 447 18.86 4.05 40.95
N SER C 448 18.80 4.65 39.78
CA SER C 448 18.25 5.99 39.64
C SER C 448 16.73 5.83 39.43
N LYS C 449 16.17 6.65 38.54
CA LYS C 449 14.75 6.55 38.26
C LYS C 449 14.57 5.60 37.08
N GLN C 450 13.48 4.83 37.09
CA GLN C 450 13.22 3.89 36.01
C GLN C 450 12.73 4.65 34.77
N ILE C 451 13.45 5.73 34.44
CA ILE C 451 13.15 6.60 33.30
C ILE C 451 12.19 5.96 32.31
N ALA C 452 12.72 5.08 31.46
CA ALA C 452 11.90 4.36 30.49
C ALA C 452 11.62 2.98 31.08
N PRO C 453 10.36 2.71 31.43
CA PRO C 453 9.96 1.43 32.03
C PRO C 453 10.66 0.19 31.44
N GLU C 454 10.74 0.11 30.11
CA GLU C 454 11.34 -1.04 29.44
C GLU C 454 12.83 -0.86 29.04
N TYR C 455 13.38 0.31 29.32
CA TYR C 455 14.80 0.56 29.07
C TYR C 455 15.43 -0.20 30.23
N LYS C 456 14.65 -0.28 31.31
CA LYS C 456 15.01 -0.97 32.54
C LYS C 456 15.30 -2.45 32.27
N ASN C 457 14.61 -3.02 31.31
CA ASN C 457 14.82 -4.41 30.97
C ASN C 457 16.15 -4.59 30.25
N TYR C 458 16.44 -3.71 29.29
CA TYR C 458 17.68 -3.83 28.54
C TYR C 458 18.88 -3.96 29.46
N PHE C 459 18.84 -3.28 30.61
CA PHE C 459 19.94 -3.33 31.56
C PHE C 459 19.90 -4.57 32.44
N GLN C 460 18.72 -4.92 32.96
CA GLN C 460 18.59 -6.11 33.79
C GLN C 460 19.10 -7.26 32.93
N TYR C 461 19.02 -7.04 31.62
CA TYR C 461 19.44 -8.01 30.61
C TYR C 461 20.96 -7.98 30.45
N LEU C 462 21.51 -6.80 30.16
CA LEU C 462 22.96 -6.66 30.00
C LEU C 462 23.57 -7.25 31.25
N LYS C 463 23.11 -6.76 32.39
CA LYS C 463 23.61 -7.24 33.67
C LYS C 463 23.64 -8.76 33.69
N GLU C 464 22.65 -9.38 33.07
CA GLU C 464 22.57 -10.84 33.02
C GLU C 464 23.69 -11.38 32.14
N ARG C 465 23.91 -10.71 31.00
CA ARG C 465 24.97 -11.11 30.09
C ARG C 465 26.33 -10.90 30.78
N ILE C 466 26.55 -9.69 31.30
CA ILE C 466 27.78 -9.37 31.98
C ILE C 466 28.06 -10.44 33.02
N THR C 467 27.02 -10.83 33.75
CA THR C 467 27.16 -11.85 34.77
C THR C 467 27.69 -13.17 34.21
N ASN C 468 27.04 -13.68 33.18
CA ASN C 468 27.46 -14.94 32.61
C ASN C 468 28.89 -14.88 32.10
N GLN C 469 29.19 -13.82 31.34
CA GLN C 469 30.53 -13.64 30.78
C GLN C 469 31.58 -13.73 31.87
N VAL C 470 31.39 -12.95 32.93
CA VAL C 470 32.32 -12.93 34.06
C VAL C 470 32.40 -14.30 34.72
N GLN C 471 31.28 -14.75 35.28
CA GLN C 471 31.23 -16.04 35.92
C GLN C 471 31.80 -17.12 34.98
N LEU C 472 31.94 -16.77 33.71
CA LEU C 472 32.47 -17.69 32.72
C LEU C 472 34.00 -17.63 32.77
N LEU C 473 34.53 -16.42 32.70
CA LEU C 473 35.98 -16.18 32.73
C LEU C 473 36.59 -16.67 34.03
N LEU C 474 35.82 -16.64 35.10
CA LEU C 474 36.30 -17.11 36.40
C LEU C 474 36.48 -18.63 36.39
N THR C 475 35.43 -19.34 35.98
CA THR C 475 35.48 -20.79 35.93
C THR C 475 36.53 -21.27 34.95
N HIS C 476 36.97 -20.36 34.11
CA HIS C 476 38.00 -20.73 33.14
C HIS C 476 39.34 -20.67 33.87
N GLN C 477 39.40 -19.99 35.04
CA GLN C 477 40.60 -20.00 35.92
C GLN C 477 40.57 -20.72 37.30
N LYS C 478 39.86 -20.09 38.25
CA LYS C 478 39.74 -20.60 39.65
C LYS C 478 38.50 -21.47 39.81
N PHE C 483 29.67 -15.45 41.15
CA PHE C 483 29.79 -14.04 40.80
C PHE C 483 29.39 -13.13 41.97
N LYS C 484 28.11 -13.15 42.31
CA LYS C 484 27.60 -12.33 43.41
C LYS C 484 28.58 -12.35 44.57
N LEU C 485 29.14 -13.53 44.83
CA LEU C 485 30.13 -13.71 45.89
C LEU C 485 31.12 -12.57 45.83
N LEU C 486 32.07 -12.71 44.91
CA LEU C 486 33.13 -11.74 44.70
C LEU C 486 32.65 -10.30 44.45
N TYR C 487 31.36 -10.13 44.15
CA TYR C 487 30.85 -8.79 43.89
C TYR C 487 30.57 -8.03 45.18
N LYS C 488 31.20 -8.47 46.26
CA LYS C 488 31.03 -7.80 47.55
C LYS C 488 32.32 -7.14 48.01
N GLN C 489 33.41 -7.89 47.97
CA GLN C 489 34.71 -7.40 48.40
C GLN C 489 35.37 -6.48 47.36
N LEU C 490 34.56 -5.62 46.73
CA LEU C 490 35.05 -4.70 45.72
C LEU C 490 34.58 -3.26 45.96
N ASN C 491 35.34 -2.31 45.42
CA ASN C 491 35.08 -0.87 45.56
C ASN C 491 34.26 -0.24 44.44
N PHE C 492 33.59 0.85 44.77
CA PHE C 492 32.78 1.61 43.80
C PHE C 492 32.82 3.02 44.36
N THR C 493 33.63 3.29 45.42
CA THR C 493 33.66 4.55 46.22
C THR C 493 34.37 5.77 45.70
N GLU C 494 35.68 5.68 45.68
CA GLU C 494 36.48 6.68 45.14
C GLU C 494 36.80 6.08 43.87
N ASN C 495 37.99 6.32 43.37
CA ASN C 495 38.06 6.00 41.97
C ASN C 495 39.22 5.47 41.24
N GLU C 496 40.44 5.51 41.63
CA GLU C 496 41.16 5.02 40.44
C GLU C 496 41.73 3.62 40.63
N THR C 497 42.98 3.45 40.28
CA THR C 497 43.68 2.15 40.50
C THR C 497 43.78 1.71 41.98
N ASP C 498 42.65 1.67 42.64
CA ASP C 498 42.57 1.38 44.04
C ASP C 498 41.63 0.23 44.30
N ASN C 499 40.71 0.13 43.36
CA ASN C 499 39.66 -0.89 43.40
C ASN C 499 40.28 -2.11 42.74
N PHE C 500 40.96 -1.91 41.64
CA PHE C 500 41.61 -3.01 40.93
C PHE C 500 42.61 -3.80 41.79
N GLU C 501 43.01 -3.20 42.89
CA GLU C 501 43.99 -3.77 43.82
C GLU C 501 43.41 -4.88 44.67
N VAL C 502 42.43 -4.53 45.51
CA VAL C 502 41.78 -5.50 46.37
C VAL C 502 41.38 -6.70 45.51
N PHE C 503 40.97 -6.40 44.28
CA PHE C 503 40.55 -7.39 43.30
C PHE C 503 41.58 -8.50 43.08
N GLN C 504 42.74 -8.12 42.54
CA GLN C 504 43.84 -9.05 42.27
C GLN C 504 43.97 -10.18 43.30
N LYS C 505 43.87 -9.79 44.56
CA LYS C 505 43.98 -10.72 45.69
C LYS C 505 42.78 -11.65 45.81
N ILE C 506 41.59 -11.10 45.60
CA ILE C 506 40.36 -11.88 45.70
C ILE C 506 40.43 -13.13 44.84
N ILE C 507 40.94 -12.98 43.62
CA ILE C 507 41.05 -14.09 42.69
C ILE C 507 41.87 -15.22 43.30
N ASP C 508 42.99 -14.86 43.94
CA ASP C 508 43.86 -15.83 44.58
C ASP C 508 43.09 -16.78 45.47
N THR D 1 -1.06 17.76 7.79
CA THR D 1 -1.85 16.91 6.86
C THR D 1 -2.00 17.59 5.50
N GLU D 2 -2.30 16.80 4.46
CA GLU D 2 -2.47 17.32 3.10
C GLU D 2 -3.50 18.45 3.13
N GLU D 3 -4.48 18.33 4.01
CA GLU D 3 -5.52 19.35 4.17
C GLU D 3 -4.95 20.52 4.95
N GLN D 4 -4.18 20.20 5.99
CA GLN D 4 -3.55 21.23 6.81
C GLN D 4 -2.93 22.23 5.87
N ILE D 5 -2.23 21.71 4.87
CA ILE D 5 -1.58 22.53 3.88
C ILE D 5 -2.60 22.99 2.83
N ALA D 6 -3.55 22.12 2.53
CA ALA D 6 -4.58 22.40 1.54
C ALA D 6 -5.38 23.65 1.88
N GLU D 7 -5.61 23.86 3.17
CA GLU D 7 -6.38 24.99 3.66
C GLU D 7 -5.65 26.32 3.51
N PHE D 8 -4.40 26.35 3.96
CA PHE D 8 -3.60 27.54 3.86
C PHE D 8 -3.50 27.93 2.39
N LYS D 9 -2.98 27.00 1.59
CA LYS D 9 -2.81 27.22 0.16
C LYS D 9 -4.15 27.56 -0.49
N GLU D 10 -5.23 27.21 0.19
CA GLU D 10 -6.58 27.46 -0.31
C GLU D 10 -6.96 28.93 -0.19
N ALA D 11 -6.62 29.52 0.95
CA ALA D 11 -6.92 30.91 1.23
C ALA D 11 -6.07 31.86 0.38
N PHE D 12 -4.84 31.45 0.14
CA PHE D 12 -3.89 32.23 -0.64
C PHE D 12 -4.46 32.76 -1.96
N SER D 13 -5.37 32.02 -2.57
CA SER D 13 -5.96 32.40 -3.84
C SER D 13 -7.13 33.37 -3.73
N LEU D 14 -7.47 33.76 -2.51
CA LEU D 14 -8.58 34.67 -2.29
C LEU D 14 -8.22 36.14 -2.29
N PHE D 15 -6.96 36.47 -1.95
CA PHE D 15 -6.57 37.90 -1.89
C PHE D 15 -5.12 38.24 -2.31
N ASP D 16 -4.85 38.11 -3.56
CA ASP D 16 -3.56 38.38 -4.13
C ASP D 16 -3.86 39.12 -5.45
N LYS D 17 -3.53 40.36 -5.62
CA LYS D 17 -3.76 40.93 -6.94
C LYS D 17 -2.38 40.88 -7.64
N ASP D 18 -1.73 39.73 -7.53
CA ASP D 18 -0.41 39.53 -8.10
C ASP D 18 -0.47 38.34 -9.06
N GLY D 19 -1.12 37.28 -8.62
CA GLY D 19 -1.25 36.10 -9.45
C GLY D 19 -0.12 35.10 -9.26
N ASP D 20 1.01 35.56 -8.71
CA ASP D 20 2.16 34.69 -8.50
C ASP D 20 2.23 34.15 -7.09
N GLY D 21 1.11 34.22 -6.37
CA GLY D 21 1.09 33.73 -5.02
C GLY D 21 2.25 34.32 -4.24
N THR D 22 2.33 35.66 -4.25
CA THR D 22 3.39 36.39 -3.56
C THR D 22 2.84 37.69 -2.94
N ILE D 23 1.93 37.53 -1.98
CA ILE D 23 1.28 38.64 -1.29
C ILE D 23 2.25 39.44 -0.42
N THR D 24 1.79 40.60 0.06
CA THR D 24 2.60 41.47 0.91
C THR D 24 2.24 41.25 2.38
N THR D 25 3.02 41.84 3.27
CA THR D 25 2.76 41.71 4.69
C THR D 25 1.57 42.62 5.03
N LYS D 26 1.07 43.33 4.03
CA LYS D 26 -0.08 44.21 4.22
C LYS D 26 -1.32 43.34 4.34
N GLU D 27 -1.32 42.23 3.60
CA GLU D 27 -2.45 41.29 3.59
C GLU D 27 -2.17 40.01 4.38
N LEU D 28 -0.93 39.87 4.86
CA LEU D 28 -0.55 38.70 5.65
C LEU D 28 -1.53 38.55 6.81
N GLY D 29 -1.90 39.67 7.41
CA GLY D 29 -2.84 39.66 8.52
C GLY D 29 -4.24 39.41 8.00
N THR D 30 -4.52 39.84 6.77
CA THR D 30 -5.82 39.65 6.16
C THR D 30 -6.07 38.15 6.01
N VAL D 31 -5.02 37.43 5.62
CA VAL D 31 -5.12 35.99 5.41
C VAL D 31 -5.17 35.21 6.72
N MET D 32 -4.21 35.46 7.60
CA MET D 32 -4.17 34.78 8.89
C MET D 32 -5.48 34.93 9.66
N ARG D 33 -6.26 35.96 9.37
CA ARG D 33 -7.51 36.17 10.07
C ARG D 33 -8.71 35.51 9.39
N SER D 34 -8.79 35.61 8.08
CA SER D 34 -9.90 34.98 7.36
C SER D 34 -9.74 33.47 7.50
N LEU D 35 -8.60 33.06 8.05
CA LEU D 35 -8.29 31.65 8.23
C LEU D 35 -8.35 31.25 9.71
N GLY D 36 -9.11 31.98 10.51
CA GLY D 36 -9.24 31.64 11.91
C GLY D 36 -8.12 31.96 12.89
N GLN D 37 -7.47 33.10 12.73
CA GLN D 37 -6.41 33.52 13.64
C GLN D 37 -6.43 35.03 13.77
N ASN D 38 -6.14 35.53 14.96
CA ASN D 38 -6.16 36.97 15.21
C ASN D 38 -4.81 37.44 15.77
N PRO D 39 -3.79 37.54 14.91
CA PRO D 39 -2.46 37.98 15.33
C PRO D 39 -2.38 39.44 15.72
N THR D 40 -1.43 39.77 16.60
CA THR D 40 -1.22 41.14 17.05
C THR D 40 -0.21 41.79 16.10
N GLU D 41 -0.38 43.08 15.86
CA GLU D 41 0.52 43.81 14.97
C GLU D 41 1.99 43.59 15.27
N ALA D 42 2.29 43.36 16.55
CA ALA D 42 3.66 43.15 16.98
C ALA D 42 4.20 41.81 16.46
N GLU D 43 3.33 40.80 16.44
CA GLU D 43 3.70 39.46 15.98
C GLU D 43 3.85 39.41 14.47
N LEU D 44 2.98 40.12 13.76
CA LEU D 44 3.05 40.15 12.30
C LEU D 44 4.36 40.78 11.83
N GLN D 45 5.05 41.45 12.75
CA GLN D 45 6.31 42.14 12.45
C GLN D 45 7.59 41.39 12.79
N ASP D 46 7.72 40.92 14.03
CA ASP D 46 8.92 40.20 14.46
C ASP D 46 9.15 38.92 13.67
N MET D 47 8.07 38.33 13.13
CA MET D 47 8.16 37.12 12.35
C MET D 47 8.56 37.41 10.90
N ILE D 48 7.80 38.30 10.27
CA ILE D 48 8.05 38.68 8.88
C ILE D 48 9.42 39.36 8.70
N ASN D 49 10.24 39.32 9.74
CA ASN D 49 11.56 39.93 9.71
C ASN D 49 12.68 38.88 9.74
N GLU D 50 12.46 37.81 10.50
CA GLU D 50 13.46 36.74 10.60
C GLU D 50 13.44 35.85 9.36
N VAL D 51 12.34 35.13 9.19
CA VAL D 51 12.17 34.23 8.05
C VAL D 51 12.22 35.00 6.73
N ASP D 52 11.42 36.07 6.63
CA ASP D 52 11.40 36.88 5.42
C ASP D 52 12.39 38.05 5.52
N ALA D 53 13.69 37.71 5.59
CA ALA D 53 14.74 38.71 5.67
C ALA D 53 15.17 39.02 4.23
N ASP D 54 14.30 38.63 3.30
CA ASP D 54 14.52 38.82 1.88
C ASP D 54 14.77 40.29 1.54
N GLY D 55 13.93 41.16 2.08
CA GLY D 55 14.07 42.59 1.82
C GLY D 55 13.10 43.07 0.76
N ASN D 56 12.09 42.25 0.46
CA ASN D 56 11.09 42.59 -0.54
C ASN D 56 9.72 42.81 0.10
N GLY D 57 9.36 41.91 1.01
CA GLY D 57 8.08 42.00 1.68
C GLY D 57 7.02 41.12 1.03
N THR D 58 7.39 40.46 -0.06
CA THR D 58 6.46 39.57 -0.77
C THR D 58 6.53 38.15 -0.24
N ILE D 59 5.40 37.66 0.25
CA ILE D 59 5.29 36.31 0.80
C ILE D 59 4.50 35.40 -0.13
N ASP D 60 5.08 34.24 -0.40
CA ASP D 60 4.45 33.25 -1.26
C ASP D 60 4.02 32.07 -0.40
N PHE D 61 3.75 30.93 -1.03
CA PHE D 61 3.32 29.75 -0.28
C PHE D 61 4.42 29.19 0.61
N PRO D 62 5.55 28.77 0.03
CA PRO D 62 6.66 28.23 0.84
C PRO D 62 6.94 29.03 2.11
N GLU D 63 6.87 30.36 1.98
CA GLU D 63 7.11 31.25 3.12
C GLU D 63 5.95 31.22 4.11
N PHE D 64 4.74 31.49 3.60
CA PHE D 64 3.53 31.50 4.42
C PHE D 64 3.26 30.14 5.06
N LEU D 65 3.42 29.09 4.26
CA LEU D 65 3.22 27.72 4.72
C LEU D 65 4.13 27.43 5.91
N THR D 66 5.40 27.79 5.77
CA THR D 66 6.39 27.56 6.83
C THR D 66 6.09 28.35 8.09
N MET D 67 5.52 29.54 7.94
CA MET D 67 5.17 30.38 9.08
C MET D 67 4.08 29.69 9.89
N MET D 68 2.99 29.36 9.19
CA MET D 68 1.88 28.68 9.82
C MET D 68 2.44 27.37 10.39
N ALA D 69 3.50 26.90 9.76
CA ALA D 69 4.18 25.66 10.16
C ALA D 69 4.90 25.86 11.48
N ARG D 70 4.19 26.45 12.44
CA ARG D 70 4.74 26.72 13.76
C ARG D 70 3.59 26.98 14.71
N LYS D 71 2.78 27.97 14.36
CA LYS D 71 1.63 28.36 15.17
C LYS D 71 0.74 27.18 15.52
N MET D 72 0.30 26.44 14.49
CA MET D 72 -0.57 25.28 14.67
C MET D 72 0.09 24.12 15.42
N LYS D 73 0.79 24.44 16.49
CA LYS D 73 1.45 23.41 17.29
C LYS D 73 0.69 23.17 18.59
N ASP D 74 0.44 24.23 19.35
CA ASP D 74 -0.29 24.16 20.61
C ASP D 74 -1.74 24.62 20.43
N THR D 75 -1.94 25.56 19.51
CA THR D 75 -3.26 26.10 19.22
C THR D 75 -4.24 25.05 18.68
N ASP D 76 -3.70 24.03 18.00
CA ASP D 76 -4.50 22.97 17.40
C ASP D 76 -5.42 22.26 18.40
N SER D 77 -5.34 22.66 19.67
CA SER D 77 -6.16 22.07 20.72
C SER D 77 -7.64 22.12 20.38
N GLU D 78 -7.98 22.71 19.22
CA GLU D 78 -9.36 22.80 18.78
C GLU D 78 -10.17 21.57 19.19
N GLU D 79 -9.54 20.41 19.07
CA GLU D 79 -10.17 19.16 19.41
C GLU D 79 -10.73 19.17 20.82
N GLU D 80 -9.88 19.51 21.78
CA GLU D 80 -10.32 19.53 23.16
C GLU D 80 -11.42 20.54 23.38
N ILE D 81 -11.31 21.66 22.67
CA ILE D 81 -12.30 22.70 22.80
C ILE D 81 -13.67 22.20 22.37
N ARG D 82 -13.69 21.60 21.17
CA ARG D 82 -14.91 21.05 20.60
C ARG D 82 -15.49 19.98 21.54
N GLU D 83 -14.62 19.22 22.19
CA GLU D 83 -15.06 18.20 23.12
C GLU D 83 -15.61 18.89 24.36
N ALA D 84 -14.96 19.99 24.75
CA ALA D 84 -15.40 20.77 25.90
C ALA D 84 -16.80 21.29 25.65
N PHE D 85 -17.02 21.94 24.51
CA PHE D 85 -18.36 22.43 24.18
C PHE D 85 -19.39 21.35 24.48
N ARG D 86 -19.14 20.16 23.95
CA ARG D 86 -20.06 19.04 24.14
C ARG D 86 -20.29 18.70 25.59
N VAL D 87 -19.33 18.99 26.45
CA VAL D 87 -19.50 18.72 27.88
C VAL D 87 -20.58 19.64 28.47
N PHE D 88 -20.53 20.92 28.08
CA PHE D 88 -21.48 21.91 28.54
C PHE D 88 -22.87 21.60 28.04
N ASP D 89 -22.98 21.34 26.75
CA ASP D 89 -24.26 21.07 26.09
C ASP D 89 -24.98 19.83 26.58
N LYS D 90 -25.41 19.85 27.83
CA LYS D 90 -26.11 18.73 28.46
C LYS D 90 -27.34 18.14 27.76
N ASP D 91 -28.03 18.89 26.92
CA ASP D 91 -29.20 18.35 26.24
C ASP D 91 -28.94 18.02 24.78
N GLY D 92 -27.74 18.32 24.32
CA GLY D 92 -27.39 18.03 22.95
C GLY D 92 -28.20 18.72 21.87
N ASN D 93 -28.51 19.98 22.07
CA ASN D 93 -29.25 20.77 21.12
C ASN D 93 -28.23 21.46 20.21
N GLY D 94 -26.96 21.41 20.59
CA GLY D 94 -25.95 22.05 19.81
C GLY D 94 -25.60 23.44 20.30
N TYR D 95 -26.31 23.91 21.32
CA TYR D 95 -26.04 25.22 21.90
C TYR D 95 -25.81 25.14 23.41
N ILE D 96 -25.03 26.07 23.95
CA ILE D 96 -24.79 26.13 25.39
C ILE D 96 -25.66 27.22 26.00
N SER D 97 -26.54 26.84 26.92
CA SER D 97 -27.43 27.79 27.58
C SER D 97 -26.92 28.14 28.98
N ALA D 98 -27.43 29.24 29.52
CA ALA D 98 -27.03 29.70 30.84
C ALA D 98 -27.24 28.60 31.87
N ALA D 99 -28.43 28.02 31.89
CA ALA D 99 -28.72 26.94 32.82
C ALA D 99 -27.61 25.92 32.80
N GLU D 100 -27.27 25.45 31.60
CA GLU D 100 -26.23 24.45 31.43
C GLU D 100 -24.89 24.95 31.93
N LEU D 101 -24.61 26.23 31.70
CA LEU D 101 -23.36 26.82 32.15
C LEU D 101 -23.32 26.79 33.68
N ARG D 102 -24.48 27.02 34.29
CA ARG D 102 -24.61 26.99 35.73
C ARG D 102 -24.13 25.63 36.24
N HIS D 103 -24.67 24.55 35.65
CA HIS D 103 -24.30 23.20 36.04
C HIS D 103 -22.82 22.93 36.00
N VAL D 104 -22.19 23.14 34.86
CA VAL D 104 -20.76 22.90 34.74
C VAL D 104 -20.03 23.63 35.86
N MET D 105 -20.52 24.83 36.15
CA MET D 105 -19.94 25.68 37.19
C MET D 105 -20.18 25.21 38.61
N THR D 106 -21.44 25.11 39.00
CA THR D 106 -21.77 24.68 40.34
C THR D 106 -21.14 23.32 40.67
N ASN D 107 -20.89 22.51 39.65
CA ASN D 107 -20.30 21.19 39.85
C ASN D 107 -18.78 21.26 39.99
N LEU D 108 -18.18 22.28 39.40
CA LEU D 108 -16.74 22.46 39.49
C LEU D 108 -16.37 23.30 40.70
N GLY D 109 -17.33 23.49 41.61
CA GLY D 109 -17.07 24.25 42.82
C GLY D 109 -17.40 25.73 42.85
N GLU D 110 -17.55 26.34 41.70
CA GLU D 110 -17.84 27.77 41.63
C GLU D 110 -19.34 28.09 41.63
N LYS D 111 -19.93 28.14 42.82
CA LYS D 111 -21.35 28.46 42.95
C LYS D 111 -21.63 29.83 42.34
N LEU D 112 -22.49 29.90 41.33
CA LEU D 112 -22.80 31.18 40.71
C LEU D 112 -24.26 31.54 40.80
N THR D 113 -24.50 32.85 40.77
CA THR D 113 -25.84 33.42 40.84
C THR D 113 -26.45 33.44 39.45
N ASP D 114 -27.77 33.28 39.36
CA ASP D 114 -28.44 33.31 38.08
C ASP D 114 -28.16 34.64 37.39
N GLU D 115 -27.72 35.61 38.19
CA GLU D 115 -27.39 36.93 37.66
C GLU D 115 -26.10 36.85 36.86
N GLU D 116 -25.01 36.54 37.56
CA GLU D 116 -23.70 36.43 36.96
C GLU D 116 -23.71 35.46 35.78
N VAL D 117 -24.46 34.37 35.90
CA VAL D 117 -24.55 33.38 34.84
C VAL D 117 -25.01 34.02 33.54
N ASP D 118 -26.25 34.52 33.53
CA ASP D 118 -26.80 35.18 32.35
C ASP D 118 -25.86 36.26 31.86
N GLU D 119 -24.93 36.67 32.69
CA GLU D 119 -23.96 37.70 32.35
C GLU D 119 -22.87 37.10 31.47
N MET D 120 -22.43 35.90 31.83
CA MET D 120 -21.39 35.19 31.10
C MET D 120 -21.90 34.77 29.72
N ILE D 121 -23.16 34.35 29.65
CA ILE D 121 -23.75 33.94 28.39
C ILE D 121 -23.79 35.10 27.42
N ARG D 122 -24.23 36.25 27.93
CA ARG D 122 -24.33 37.43 27.11
C ARG D 122 -22.95 37.95 26.69
N GLU D 123 -21.92 37.64 27.48
CA GLU D 123 -20.57 38.03 27.14
C GLU D 123 -20.13 37.29 25.87
N ALA D 124 -20.10 35.95 25.99
CA ALA D 124 -19.70 35.06 24.91
C ALA D 124 -20.66 35.08 23.72
N ASP D 125 -21.95 35.27 23.98
CA ASP D 125 -22.92 35.33 22.87
C ASP D 125 -22.48 36.41 21.89
N ILE D 126 -22.62 36.16 20.61
CA ILE D 126 -22.19 37.13 19.61
C ILE D 126 -23.28 37.64 18.69
N ASP D 127 -24.31 36.83 18.43
CA ASP D 127 -25.40 37.25 17.55
C ASP D 127 -26.68 37.48 18.33
N GLY D 128 -26.56 37.42 19.65
CA GLY D 128 -27.68 37.66 20.54
C GLY D 128 -28.83 36.68 20.50
N ASP D 129 -28.56 35.39 20.32
CA ASP D 129 -29.62 34.37 20.30
C ASP D 129 -29.89 34.00 21.76
N GLY D 130 -29.06 34.51 22.66
CA GLY D 130 -29.23 34.21 24.05
C GLY D 130 -28.62 32.88 24.43
N GLN D 131 -27.88 32.30 23.49
CA GLN D 131 -27.22 31.01 23.67
C GLN D 131 -25.86 31.06 22.98
N VAL D 132 -25.04 30.06 23.23
CA VAL D 132 -23.72 30.00 22.59
C VAL D 132 -23.57 28.75 21.72
N ASN D 133 -23.37 28.97 20.41
CA ASN D 133 -23.17 27.84 19.51
C ASN D 133 -21.67 27.56 19.46
N TYR D 134 -21.26 26.45 18.87
CA TYR D 134 -19.85 26.11 18.81
C TYR D 134 -18.96 27.22 18.25
N GLU D 135 -19.37 27.83 17.15
CA GLU D 135 -18.57 28.89 16.54
C GLU D 135 -18.21 29.95 17.56
N GLU D 136 -19.23 30.40 18.28
CA GLU D 136 -19.04 31.41 19.32
C GLU D 136 -18.13 30.83 20.43
N PHE D 137 -18.50 29.68 20.97
CA PHE D 137 -17.70 29.04 21.99
C PHE D 137 -16.24 29.03 21.56
N VAL D 138 -16.02 28.91 20.26
CA VAL D 138 -14.66 28.88 19.73
C VAL D 138 -13.98 30.23 19.86
N GLN D 139 -14.64 31.29 19.41
CA GLN D 139 -14.08 32.64 19.53
C GLN D 139 -13.75 32.88 20.99
N MET D 140 -14.78 32.85 21.83
CA MET D 140 -14.67 33.06 23.25
C MET D 140 -13.51 32.25 23.87
N MET D 141 -13.08 31.20 23.19
CA MET D 141 -12.02 30.38 23.74
C MET D 141 -10.68 30.62 23.05
N THR D 142 -10.73 31.02 21.80
CA THR D 142 -9.50 31.31 21.06
C THR D 142 -9.29 32.81 21.14
N ALA D 143 -10.09 33.55 20.39
CA ALA D 143 -10.04 35.01 20.32
C ALA D 143 -9.64 35.67 21.65
N THR E 1 5.97 11.30 -13.87
CA THR E 1 6.57 10.78 -15.12
C THR E 1 7.98 10.25 -14.86
N GLU E 2 8.37 9.21 -15.60
CA GLU E 2 9.69 8.62 -15.45
C GLU E 2 10.27 8.27 -16.82
N GLU E 3 9.40 7.82 -17.73
CA GLU E 3 9.83 7.48 -19.09
C GLU E 3 10.01 8.76 -19.89
N GLN E 4 9.10 9.71 -19.69
CA GLN E 4 9.19 10.99 -20.37
C GLN E 4 10.62 11.47 -20.23
N ILE E 5 11.13 11.38 -19.02
CA ILE E 5 12.48 11.80 -18.71
C ILE E 5 13.47 10.71 -19.13
N ALA E 6 13.05 9.46 -18.98
CA ALA E 6 13.88 8.31 -19.32
C ALA E 6 14.33 8.32 -20.78
N GLU E 7 13.44 8.77 -21.65
CA GLU E 7 13.71 8.85 -23.08
C GLU E 7 14.75 9.91 -23.45
N PHE E 8 14.56 11.12 -22.93
CA PHE E 8 15.49 12.21 -23.20
C PHE E 8 16.86 11.80 -22.70
N LYS E 9 16.95 11.49 -21.42
CA LYS E 9 18.20 11.06 -20.80
C LYS E 9 18.77 9.83 -21.52
N GLU E 10 17.90 9.13 -22.23
CA GLU E 10 18.29 7.92 -22.97
C GLU E 10 19.09 8.26 -24.21
N ALA E 11 18.63 9.27 -24.95
CA ALA E 11 19.27 9.73 -26.17
C ALA E 11 20.61 10.42 -25.90
N PHE E 12 20.68 11.13 -24.77
CA PHE E 12 21.87 11.86 -24.36
C PHE E 12 23.16 11.04 -24.43
N SER E 13 23.05 9.74 -24.21
CA SER E 13 24.20 8.84 -24.23
C SER E 13 24.60 8.34 -25.61
N LEU E 14 23.89 8.79 -26.65
CA LEU E 14 24.17 8.36 -28.01
C LEU E 14 25.16 9.23 -28.79
N PHE E 15 25.25 10.51 -28.43
CA PHE E 15 26.17 11.44 -29.12
C PHE E 15 27.02 12.35 -28.21
N ASP E 16 27.58 11.86 -27.11
CA ASP E 16 28.35 12.84 -26.38
C ASP E 16 29.91 12.54 -26.28
N LYS E 17 30.81 13.00 -27.25
CA LYS E 17 32.21 12.62 -27.09
C LYS E 17 32.85 13.46 -25.98
N ASP E 18 32.14 13.53 -24.84
CA ASP E 18 32.59 14.28 -23.67
C ASP E 18 32.56 13.33 -22.46
N GLY E 19 31.47 12.56 -22.34
CA GLY E 19 31.34 11.62 -21.25
C GLY E 19 30.69 12.19 -20.01
N ASP E 20 30.66 13.52 -19.90
CA ASP E 20 30.08 14.18 -18.74
C ASP E 20 28.66 14.65 -19.01
N GLY E 21 28.04 14.09 -20.05
CA GLY E 21 26.68 14.49 -20.38
C GLY E 21 26.60 16.00 -20.45
N THR E 22 27.46 16.60 -21.27
CA THR E 22 27.49 18.05 -21.45
C THR E 22 27.78 18.42 -22.91
N ILE E 23 26.86 18.04 -23.79
CA ILE E 23 26.97 18.29 -25.22
C ILE E 23 26.92 19.78 -25.57
N THR E 24 27.24 20.09 -26.82
CA THR E 24 27.23 21.47 -27.32
C THR E 24 25.93 21.74 -28.07
N THR E 25 25.71 23.01 -28.41
CA THR E 25 24.50 23.37 -29.16
C THR E 25 24.69 22.94 -30.62
N LYS E 26 25.85 22.37 -30.91
CA LYS E 26 26.16 21.90 -32.26
C LYS E 26 25.40 20.61 -32.49
N GLU E 27 25.25 19.83 -31.41
CA GLU E 27 24.53 18.56 -31.45
C GLU E 27 23.13 18.63 -30.82
N LEU E 28 22.80 19.76 -30.20
CA LEU E 28 21.49 19.94 -29.58
C LEU E 28 20.42 19.61 -30.60
N GLY E 29 20.64 20.04 -31.84
CA GLY E 29 19.70 19.78 -32.90
C GLY E 29 19.77 18.33 -33.32
N THR E 30 20.95 17.74 -33.20
CA THR E 30 21.15 16.34 -33.57
C THR E 30 20.30 15.46 -32.64
N VAL E 31 20.25 15.83 -31.36
CA VAL E 31 19.49 15.08 -30.37
C VAL E 31 17.99 15.31 -30.52
N MET E 32 17.56 16.58 -30.53
CA MET E 32 16.16 16.90 -30.65
C MET E 32 15.50 16.27 -31.88
N ARG E 33 16.31 15.93 -32.88
CA ARG E 33 15.79 15.32 -34.09
C ARG E 33 15.76 13.80 -34.05
N SER E 34 16.83 13.18 -33.55
CA SER E 34 16.87 11.73 -33.45
C SER E 34 15.81 11.30 -32.44
N LEU E 35 15.26 12.29 -31.72
CA LEU E 35 14.24 12.06 -30.71
C LEU E 35 12.85 12.53 -31.15
N GLY E 36 12.62 12.54 -32.47
CA GLY E 36 11.32 12.92 -33.00
C GLY E 36 10.89 14.38 -33.00
N GLN E 37 11.82 15.29 -33.27
CA GLN E 37 11.50 16.72 -33.33
C GLN E 37 12.37 17.37 -34.42
N ASN E 38 11.79 18.33 -35.13
CA ASN E 38 12.51 19.01 -36.21
C ASN E 38 12.54 20.52 -35.99
N PRO E 39 13.35 20.99 -35.04
CA PRO E 39 13.45 22.43 -34.74
C PRO E 39 14.10 23.25 -35.84
N THR E 40 13.72 24.53 -35.90
CA THR E 40 14.27 25.46 -36.89
C THR E 40 15.50 26.12 -36.27
N GLU E 41 16.50 26.41 -37.11
CA GLU E 41 17.74 27.02 -36.65
C GLU E 41 17.52 28.24 -35.77
N ALA E 42 16.44 28.96 -36.03
CA ALA E 42 16.11 30.16 -35.27
C ALA E 42 15.72 29.81 -33.84
N GLU E 43 15.00 28.71 -33.69
CA GLU E 43 14.54 28.25 -32.37
C GLU E 43 15.67 27.67 -31.53
N LEU E 44 16.59 26.95 -32.19
CA LEU E 44 17.72 26.36 -31.50
C LEU E 44 18.62 27.46 -30.93
N GLN E 45 18.40 28.69 -31.38
CA GLN E 45 19.20 29.83 -30.95
C GLN E 45 18.61 30.70 -29.84
N ASP E 46 17.38 31.17 -30.04
CA ASP E 46 16.72 32.03 -29.05
C ASP E 46 16.53 31.34 -27.70
N MET E 47 16.46 30.01 -27.71
CA MET E 47 16.29 29.25 -26.49
C MET E 47 17.62 29.05 -25.78
N ILE E 48 18.60 28.52 -26.51
CA ILE E 48 19.92 28.25 -25.97
C ILE E 48 20.64 29.53 -25.52
N ASN E 49 19.90 30.64 -25.50
CA ASN E 49 20.46 31.92 -25.10
C ASN E 49 19.89 32.41 -23.76
N GLU E 50 18.61 32.14 -23.54
CA GLU E 50 17.95 32.54 -22.30
C GLU E 50 18.33 31.60 -21.15
N VAL E 51 17.88 30.36 -21.23
CA VAL E 51 18.16 29.36 -20.21
C VAL E 51 19.67 29.14 -20.07
N ASP E 52 20.35 28.88 -21.19
CA ASP E 52 21.79 28.66 -21.19
C ASP E 52 22.55 29.96 -21.41
N ALA E 53 22.40 30.89 -20.47
CA ALA E 53 23.10 32.17 -20.55
C ALA E 53 24.43 32.00 -19.81
N ASP E 54 24.82 30.74 -19.66
CA ASP E 54 26.05 30.35 -18.98
C ASP E 54 27.27 30.98 -19.65
N GLY E 55 27.31 30.92 -20.97
CA GLY E 55 28.43 31.48 -21.71
C GLY E 55 29.45 30.43 -22.10
N ASN E 56 29.05 29.16 -22.01
CA ASN E 56 29.93 28.05 -22.37
C ASN E 56 29.42 27.34 -23.61
N GLY E 57 28.11 27.10 -23.65
CA GLY E 57 27.53 26.42 -24.79
C GLY E 57 27.37 24.93 -24.54
N THR E 58 27.82 24.46 -23.38
CA THR E 58 27.71 23.04 -23.02
C THR E 58 26.41 22.74 -22.28
N ILE E 59 25.60 21.85 -22.87
CA ILE E 59 24.31 21.48 -22.31
C ILE E 59 24.35 20.07 -21.73
N ASP E 60 23.89 19.94 -20.49
CA ASP E 60 23.84 18.65 -19.82
C ASP E 60 22.39 18.20 -19.69
N PHE E 61 22.12 17.24 -18.81
CA PHE E 61 20.76 16.75 -18.64
C PHE E 61 19.84 17.82 -18.03
N PRO E 62 20.13 18.29 -16.80
CA PRO E 62 19.28 19.31 -16.17
C PRO E 62 18.85 20.43 -17.14
N GLU E 63 19.78 20.87 -17.98
CA GLU E 63 19.49 21.93 -18.95
C GLU E 63 18.61 21.41 -20.09
N PHE E 64 19.04 20.32 -20.74
CA PHE E 64 18.30 19.73 -21.83
C PHE E 64 16.92 19.26 -21.39
N LEU E 65 16.88 18.60 -20.24
CA LEU E 65 15.64 18.10 -19.69
C LEU E 65 14.64 19.23 -19.50
N THR E 66 15.09 20.33 -18.92
CA THR E 66 14.25 21.49 -18.67
C THR E 66 13.75 22.13 -19.97
N MET E 67 14.58 22.10 -21.01
CA MET E 67 14.20 22.67 -22.31
C MET E 67 13.03 21.87 -22.87
N MET E 68 13.22 20.55 -22.96
CA MET E 68 12.19 19.67 -23.46
C MET E 68 10.98 19.85 -22.54
N ALA E 69 11.28 20.23 -21.30
CA ALA E 69 10.25 20.46 -20.28
C ALA E 69 9.45 21.71 -20.60
N ARG E 70 9.02 21.81 -21.85
CA ARG E 70 8.23 22.94 -22.31
C ARG E 70 7.55 22.55 -23.63
N LYS E 71 8.37 22.14 -24.60
CA LYS E 71 7.88 21.75 -25.91
C LYS E 71 6.77 20.70 -25.82
N MET E 72 7.04 19.61 -25.11
CA MET E 72 6.09 18.51 -24.92
C MET E 72 4.85 18.90 -24.13
N LYS E 73 4.29 20.08 -24.42
CA LYS E 73 3.09 20.55 -23.74
C LYS E 73 1.86 20.42 -24.64
N ASP E 74 1.95 20.98 -25.85
CA ASP E 74 0.84 20.92 -26.80
C ASP E 74 1.12 19.87 -27.87
N THR E 75 2.40 19.69 -28.19
CA THR E 75 2.82 18.73 -29.19
C THR E 75 2.49 17.28 -28.82
N ASP E 76 2.39 17.01 -27.52
CA ASP E 76 2.09 15.66 -27.02
C ASP E 76 0.79 15.07 -27.57
N SER E 77 0.06 15.86 -28.35
CA SER E 77 -1.19 15.44 -28.93
C SER E 77 -1.06 14.12 -29.69
N GLU E 78 0.16 13.58 -29.74
CA GLU E 78 0.41 12.33 -30.43
C GLU E 78 -0.77 11.38 -30.30
N GLU E 79 -1.37 11.36 -29.10
CA GLU E 79 -2.50 10.50 -28.82
C GLU E 79 -3.63 10.66 -29.81
N GLU E 80 -4.10 11.88 -29.98
CA GLU E 80 -5.20 12.12 -30.91
C GLU E 80 -4.83 11.77 -32.34
N ILE E 81 -3.58 12.02 -32.67
CA ILE E 81 -3.11 11.74 -34.01
C ILE E 81 -3.25 10.26 -34.31
N ARG E 82 -2.74 9.45 -33.39
CA ARG E 82 -2.79 8.00 -33.53
C ARG E 82 -4.25 7.52 -33.67
N GLU E 83 -5.16 8.19 -32.98
CA GLU E 83 -6.57 7.81 -33.06
C GLU E 83 -7.10 8.26 -34.41
N ALA E 84 -6.61 9.41 -34.87
CA ALA E 84 -7.01 9.95 -36.17
C ALA E 84 -6.59 8.95 -37.26
N PHE E 85 -5.34 8.51 -37.21
CA PHE E 85 -4.87 7.56 -38.19
C PHE E 85 -5.89 6.43 -38.32
N ARG E 86 -6.26 5.86 -37.18
CA ARG E 86 -7.19 4.75 -37.18
C ARG E 86 -8.53 5.09 -37.81
N VAL E 87 -8.90 6.36 -37.78
CA VAL E 87 -10.17 6.76 -38.37
C VAL E 87 -10.11 6.60 -39.88
N PHE E 88 -8.96 6.97 -40.45
CA PHE E 88 -8.75 6.89 -41.89
C PHE E 88 -8.69 5.45 -42.37
N ASP E 89 -7.87 4.67 -41.69
CA ASP E 89 -7.67 3.26 -42.02
C ASP E 89 -8.95 2.39 -41.91
N LYS E 90 -9.90 2.64 -42.79
CA LYS E 90 -11.18 1.92 -42.80
C LYS E 90 -11.17 0.40 -42.87
N ASP E 91 -10.09 -0.21 -43.32
CA ASP E 91 -10.02 -1.68 -43.42
C ASP E 91 -9.09 -2.27 -42.36
N GLY E 92 -8.42 -1.40 -41.62
CA GLY E 92 -7.54 -1.87 -40.56
C GLY E 92 -6.35 -2.71 -40.96
N ASN E 93 -5.74 -2.33 -42.07
CA ASN E 93 -4.56 -3.02 -42.59
C ASN E 93 -3.33 -2.36 -41.96
N GLY E 94 -3.54 -1.21 -41.34
CA GLY E 94 -2.43 -0.51 -40.73
C GLY E 94 -1.88 0.60 -41.63
N TYR E 95 -2.45 0.72 -42.82
CA TYR E 95 -2.02 1.75 -43.74
C TYR E 95 -3.20 2.56 -44.30
N ILE E 96 -2.95 3.84 -44.58
CA ILE E 96 -3.97 4.72 -45.15
C ILE E 96 -3.77 4.79 -46.67
N SER E 97 -4.80 4.38 -47.40
CA SER E 97 -4.75 4.39 -48.86
C SER E 97 -5.54 5.59 -49.40
N ALA E 98 -5.27 5.94 -50.66
CA ALA E 98 -5.94 7.05 -51.32
C ALA E 98 -7.46 6.89 -51.23
N ALA E 99 -7.97 5.72 -51.63
CA ALA E 99 -9.40 5.44 -51.60
C ALA E 99 -9.95 5.84 -50.23
N GLU E 100 -9.32 5.34 -49.19
CA GLU E 100 -9.73 5.64 -47.84
C GLU E 100 -9.69 7.15 -47.57
N LEU E 101 -8.63 7.79 -48.06
CA LEU E 101 -8.47 9.24 -47.87
C LEU E 101 -9.64 9.95 -48.54
N ARG E 102 -10.05 9.42 -49.68
CA ARG E 102 -11.16 9.98 -50.42
C ARG E 102 -12.39 10.02 -49.50
N HIS E 103 -12.70 8.88 -48.90
CA HIS E 103 -13.84 8.77 -48.00
C HIS E 103 -13.87 9.79 -46.87
N VAL E 104 -12.81 9.83 -46.08
CA VAL E 104 -12.73 10.77 -44.96
C VAL E 104 -13.05 12.16 -45.49
N MET E 105 -12.54 12.45 -46.69
CA MET E 105 -12.71 13.73 -47.34
C MET E 105 -14.11 13.98 -47.85
N THR E 106 -14.57 13.14 -48.78
CA THR E 106 -15.90 13.35 -49.34
C THR E 106 -16.96 13.41 -48.25
N ASN E 107 -16.71 12.75 -47.12
CA ASN E 107 -17.68 12.74 -46.01
C ASN E 107 -17.60 14.01 -45.17
N LEU E 108 -16.45 14.64 -45.14
CA LEU E 108 -16.27 15.87 -44.39
C LEU E 108 -16.63 17.09 -45.25
N GLY E 109 -17.26 16.85 -46.40
CA GLY E 109 -17.66 17.95 -47.28
C GLY E 109 -16.75 18.34 -48.43
N GLU E 110 -15.48 17.95 -48.36
CA GLU E 110 -14.51 18.30 -49.41
C GLU E 110 -14.44 17.27 -50.55
N LYS E 111 -15.35 17.41 -51.52
CA LYS E 111 -15.36 16.51 -52.66
C LYS E 111 -14.05 16.61 -53.40
N LEU E 112 -13.32 15.50 -53.53
CA LEU E 112 -12.04 15.54 -54.22
C LEU E 112 -12.00 14.59 -55.41
N THR E 113 -11.15 14.94 -56.37
CA THR E 113 -10.95 14.19 -57.59
C THR E 113 -9.93 13.08 -57.34
N ASP E 114 -10.08 11.96 -58.03
CA ASP E 114 -9.16 10.84 -57.88
C ASP E 114 -7.75 11.32 -58.19
N GLU E 115 -7.67 12.44 -58.90
CA GLU E 115 -6.40 13.03 -59.26
C GLU E 115 -5.72 13.61 -58.03
N GLU E 116 -6.35 14.66 -57.49
CA GLU E 116 -5.85 15.35 -56.31
C GLU E 116 -5.59 14.38 -55.16
N VAL E 117 -6.47 13.40 -55.01
CA VAL E 117 -6.33 12.40 -53.96
C VAL E 117 -4.97 11.74 -54.05
N ASP E 118 -4.74 10.99 -55.12
CA ASP E 118 -3.49 10.30 -55.34
C ASP E 118 -2.32 11.27 -55.18
N GLU E 119 -2.63 12.56 -55.26
CA GLU E 119 -1.62 13.58 -55.12
C GLU E 119 -1.24 13.75 -53.65
N MET E 120 -2.25 13.72 -52.78
CA MET E 120 -2.06 13.88 -51.34
C MET E 120 -1.32 12.68 -50.75
N ILE E 121 -1.69 11.49 -51.21
CA ILE E 121 -1.05 10.27 -50.74
C ILE E 121 0.44 10.33 -51.04
N ARG E 122 0.72 10.71 -52.28
CA ARG E 122 2.08 10.81 -52.76
C ARG E 122 2.84 11.78 -51.87
N GLU E 123 2.23 12.92 -51.62
CA GLU E 123 2.82 13.95 -50.76
C GLU E 123 3.34 13.38 -49.44
N ALA E 124 2.40 12.86 -48.65
CA ALA E 124 2.69 12.29 -47.33
C ALA E 124 3.53 11.01 -47.39
N ASP E 125 3.33 10.21 -48.42
CA ASP E 125 4.09 8.99 -48.58
C ASP E 125 5.58 9.34 -48.52
N ILE E 126 6.37 8.52 -47.84
CA ILE E 126 7.80 8.80 -47.71
C ILE E 126 8.72 7.74 -48.27
N ASP E 127 8.29 6.48 -48.29
CA ASP E 127 9.13 5.41 -48.83
C ASP E 127 8.57 4.86 -50.13
N GLY E 128 7.60 5.58 -50.68
CA GLY E 128 6.99 5.19 -51.93
C GLY E 128 6.25 3.86 -51.99
N ASP E 129 5.62 3.45 -50.89
CA ASP E 129 4.86 2.19 -50.91
C ASP E 129 3.49 2.48 -51.52
N GLY E 130 3.21 3.75 -51.78
CA GLY E 130 1.93 4.13 -52.36
C GLY E 130 0.83 4.20 -51.32
N GLN E 131 1.24 4.09 -50.05
CA GLN E 131 0.30 4.13 -48.94
C GLN E 131 0.97 4.88 -47.82
N VAL E 132 0.25 5.16 -46.74
CA VAL E 132 0.80 5.88 -45.60
C VAL E 132 0.67 5.06 -44.32
N ASN E 133 1.80 4.72 -43.73
CA ASN E 133 1.75 3.98 -42.48
C ASN E 133 1.74 5.02 -41.34
N TYR E 134 1.49 4.58 -40.10
CA TYR E 134 1.43 5.50 -38.98
C TYR E 134 2.64 6.43 -38.86
N GLU E 135 3.84 5.86 -38.95
CA GLU E 135 5.07 6.66 -38.84
C GLU E 135 5.06 7.90 -39.77
N GLU E 136 4.66 7.65 -41.01
CA GLU E 136 4.56 8.70 -42.01
C GLU E 136 3.45 9.64 -41.60
N PHE E 137 2.25 9.10 -41.40
CA PHE E 137 1.11 9.92 -40.97
C PHE E 137 1.58 10.85 -39.84
N VAL E 138 2.45 10.33 -38.99
CA VAL E 138 2.96 11.12 -37.88
C VAL E 138 3.77 12.31 -38.38
N GLN E 139 4.75 12.04 -39.25
CA GLN E 139 5.59 13.11 -39.81
C GLN E 139 4.67 14.15 -40.40
N MET E 140 3.95 13.71 -41.43
CA MET E 140 3.02 14.55 -42.16
C MET E 140 2.14 15.40 -41.25
N MET E 141 1.98 14.97 -40.02
CA MET E 141 1.13 15.70 -39.08
C MET E 141 1.94 16.49 -38.07
N THR E 142 3.07 15.89 -37.68
CA THR E 142 4.03 16.46 -36.72
C THR E 142 4.25 17.90 -37.13
N ALA E 143 4.50 18.05 -38.42
CA ALA E 143 4.70 19.37 -39.01
C ALA E 143 3.29 19.92 -39.24
N THR F 1 20.08 3.64 6.04
CA THR F 1 18.68 3.40 6.47
C THR F 1 18.31 4.34 7.62
N GLU F 2 17.05 4.29 8.02
CA GLU F 2 16.55 5.12 9.12
C GLU F 2 17.36 4.80 10.37
N GLU F 3 17.74 3.54 10.52
CA GLU F 3 18.52 3.11 11.66
C GLU F 3 19.98 3.51 11.45
N GLN F 4 20.45 3.36 10.22
CA GLN F 4 21.81 3.72 9.88
C GLN F 4 22.05 5.11 10.44
N ILE F 5 21.08 5.99 10.20
CA ILE F 5 21.14 7.36 10.67
C ILE F 5 20.74 7.42 12.15
N ALA F 6 19.80 6.57 12.53
CA ALA F 6 19.30 6.50 13.91
C ALA F 6 20.42 6.22 14.91
N GLU F 7 21.36 5.38 14.51
CA GLU F 7 22.49 5.01 15.36
C GLU F 7 23.48 6.15 15.60
N PHE F 8 23.90 6.79 14.51
CA PHE F 8 24.83 7.90 14.61
C PHE F 8 24.20 8.98 15.48
N LYS F 9 23.03 9.46 15.07
CA LYS F 9 22.30 10.49 15.81
C LYS F 9 22.04 10.03 17.25
N GLU F 10 22.09 8.72 17.47
CA GLU F 10 21.85 8.14 18.78
C GLU F 10 23.03 8.37 19.72
N ALA F 11 24.23 8.19 19.20
CA ALA F 11 25.47 8.36 19.97
C ALA F 11 25.73 9.84 20.28
N PHE F 12 25.36 10.70 19.35
CA PHE F 12 25.55 12.14 19.48
C PHE F 12 25.09 12.72 20.81
N SER F 13 24.05 12.11 21.39
CA SER F 13 23.48 12.56 22.66
C SER F 13 24.20 12.03 23.90
N LEU F 14 25.25 11.26 23.70
CA LEU F 14 25.99 10.69 24.82
C LEU F 14 27.17 11.52 25.33
N PHE F 15 27.75 12.35 24.46
CA PHE F 15 28.91 13.20 24.91
C PHE F 15 28.98 14.64 24.40
N ASP F 16 28.04 15.47 24.74
CA ASP F 16 28.08 16.81 24.16
C ASP F 16 27.66 17.84 25.15
N LYS F 17 28.58 18.32 26.00
CA LYS F 17 28.23 19.29 27.04
C LYS F 17 27.95 20.65 26.40
N ASP F 18 27.15 20.62 25.33
CA ASP F 18 26.77 21.82 24.60
C ASP F 18 25.25 21.87 24.53
N GLY F 19 24.65 20.72 24.23
CA GLY F 19 23.20 20.64 24.14
C GLY F 19 22.64 20.94 22.76
N ASP F 20 23.44 21.62 21.93
CA ASP F 20 23.01 21.98 20.59
C ASP F 20 23.50 20.99 19.54
N GLY F 21 23.89 19.80 19.98
CA GLY F 21 24.38 18.80 19.05
C GLY F 21 25.44 19.42 18.14
N THR F 22 26.45 20.03 18.76
CA THR F 22 27.55 20.66 18.03
C THR F 22 28.89 20.43 18.73
N ILE F 23 29.28 19.15 18.81
CA ILE F 23 30.53 18.75 19.46
C ILE F 23 31.77 19.25 18.73
N THR F 24 32.93 19.10 19.39
CA THR F 24 34.21 19.53 18.82
C THR F 24 34.93 18.34 18.19
N THR F 25 36.03 18.61 17.49
CA THR F 25 36.80 17.54 16.88
C THR F 25 37.62 16.85 17.98
N LYS F 26 37.49 17.35 19.21
CA LYS F 26 38.18 16.78 20.36
C LYS F 26 37.49 15.48 20.73
N GLU F 27 36.17 15.45 20.54
CA GLU F 27 35.34 14.29 20.85
C GLU F 27 34.89 13.53 19.60
N LEU F 28 35.17 14.08 18.43
CA LEU F 28 34.81 13.43 17.17
C LEU F 28 35.33 12.00 17.18
N GLY F 29 36.56 11.85 17.68
CA GLY F 29 37.17 10.53 17.76
C GLY F 29 36.52 9.72 18.87
N THR F 30 36.05 10.41 19.91
CA THR F 30 35.40 9.74 21.04
C THR F 30 34.11 9.08 20.54
N VAL F 31 33.41 9.76 19.65
CA VAL F 31 32.16 9.24 19.10
C VAL F 31 32.40 8.13 18.07
N MET F 32 33.23 8.42 17.07
CA MET F 32 33.53 7.44 16.04
C MET F 32 34.02 6.11 16.60
N ARG F 33 34.54 6.12 17.82
CA ARG F 33 35.04 4.90 18.45
C ARG F 33 34.01 4.17 19.30
N SER F 34 33.24 4.92 20.09
CA SER F 34 32.21 4.31 20.91
C SER F 34 31.16 3.73 19.98
N LEU F 35 31.28 4.08 18.70
CA LEU F 35 30.34 3.62 17.68
C LEU F 35 30.95 2.59 16.75
N GLY F 36 31.95 1.86 17.24
CA GLY F 36 32.57 0.82 16.44
C GLY F 36 33.54 1.18 15.31
N GLN F 37 34.36 2.20 15.51
CA GLN F 37 35.36 2.60 14.50
C GLN F 37 36.60 3.11 15.22
N ASN F 38 37.77 2.81 14.65
CA ASN F 38 39.03 3.23 15.26
C ASN F 38 39.87 4.05 14.28
N PRO F 39 39.48 5.31 14.06
CA PRO F 39 40.20 6.20 13.14
C PRO F 39 41.59 6.60 13.61
N THR F 40 42.47 6.89 12.66
CA THR F 40 43.83 7.32 12.97
C THR F 40 43.81 8.85 13.08
N GLU F 41 44.63 9.39 13.98
CA GLU F 41 44.71 10.84 14.17
C GLU F 41 44.88 11.63 12.87
N ALA F 42 45.53 11.02 11.89
CA ALA F 42 45.76 11.67 10.61
C ALA F 42 44.45 11.82 9.83
N GLU F 43 43.58 10.81 9.93
CA GLU F 43 42.29 10.80 9.25
C GLU F 43 41.30 11.77 9.90
N LEU F 44 41.32 11.84 11.23
CA LEU F 44 40.43 12.75 11.96
C LEU F 44 40.73 14.19 11.61
N GLN F 45 41.88 14.42 10.98
CA GLN F 45 42.34 15.76 10.62
C GLN F 45 42.09 16.18 9.17
N ASP F 46 42.53 15.37 8.21
CA ASP F 46 42.35 15.71 6.80
C ASP F 46 40.87 15.83 6.40
N MET F 47 40.00 15.14 7.14
CA MET F 47 38.57 15.17 6.86
C MET F 47 37.91 16.41 7.48
N ILE F 48 38.13 16.59 8.78
CA ILE F 48 37.57 17.72 9.52
C ILE F 48 38.10 19.05 9.00
N ASN F 49 38.79 19.03 7.87
CA ASN F 49 39.36 20.24 7.28
C ASN F 49 38.68 20.61 5.95
N GLU F 50 38.30 19.60 5.17
CA GLU F 50 37.63 19.82 3.89
C GLU F 50 36.16 20.17 4.10
N VAL F 51 35.40 19.20 4.59
CA VAL F 51 33.97 19.38 4.84
C VAL F 51 33.73 20.49 5.87
N ASP F 52 34.42 20.41 7.01
CA ASP F 52 34.29 21.40 8.08
C ASP F 52 35.33 22.51 7.92
N ALA F 53 35.24 23.25 6.81
CA ALA F 53 36.16 24.36 6.55
C ALA F 53 35.51 25.62 7.14
N ASP F 54 34.55 25.39 8.03
CA ASP F 54 33.80 26.44 8.71
C ASP F 54 34.74 27.39 9.45
N GLY F 55 35.69 26.82 10.19
CA GLY F 55 36.64 27.64 10.94
C GLY F 55 36.25 27.75 12.41
N ASN F 56 35.35 26.87 12.85
CA ASN F 56 34.89 26.86 14.24
C ASN F 56 35.34 25.61 14.95
N GLY F 57 35.19 24.47 14.27
CA GLY F 57 35.57 23.20 14.86
C GLY F 57 34.40 22.47 15.49
N THR F 58 33.23 23.10 15.47
CA THR F 58 32.03 22.50 16.05
C THR F 58 31.27 21.67 15.01
N ILE F 59 31.11 20.39 15.31
CA ILE F 59 30.41 19.47 14.43
C ILE F 59 29.04 19.07 14.98
N ASP F 60 28.02 19.20 14.15
CA ASP F 60 26.65 18.85 14.52
C ASP F 60 26.24 17.57 13.80
N PHE F 61 24.94 17.30 13.74
CA PHE F 61 24.48 16.10 13.05
C PHE F 61 24.72 16.15 11.55
N PRO F 62 24.12 17.13 10.84
CA PRO F 62 24.32 17.23 9.39
C PRO F 62 25.76 17.02 8.95
N GLU F 63 26.70 17.57 9.71
CA GLU F 63 28.12 17.43 9.40
C GLU F 63 28.62 16.00 9.70
N PHE F 64 28.39 15.55 10.93
CA PHE F 64 28.82 14.22 11.34
C PHE F 64 28.16 13.14 10.51
N LEU F 65 26.86 13.29 10.29
CA LEU F 65 26.09 12.33 9.53
C LEU F 65 26.70 12.18 8.14
N THR F 66 26.98 13.32 7.49
CA THR F 66 27.56 13.31 6.16
C THR F 66 28.95 12.68 6.11
N MET F 67 29.72 12.85 7.19
CA MET F 67 31.06 12.26 7.27
C MET F 67 30.94 10.75 7.26
N MET F 68 30.13 10.23 8.19
CA MET F 68 29.91 8.81 8.29
C MET F 68 29.31 8.36 6.97
N ALA F 69 28.64 9.29 6.30
CA ALA F 69 28.01 9.05 5.00
C ALA F 69 29.07 8.88 3.91
N ARG F 70 30.07 8.07 4.21
CA ARG F 70 31.16 7.80 3.28
C ARG F 70 31.87 6.54 3.73
N LYS F 71 32.34 6.55 4.97
CA LYS F 71 33.05 5.42 5.54
C LYS F 71 32.28 4.11 5.39
N MET F 72 31.02 4.11 5.85
CA MET F 72 30.16 2.94 5.79
C MET F 72 29.80 2.51 4.36
N LYS F 73 30.79 2.50 3.46
CA LYS F 73 30.56 2.12 2.08
C LYS F 73 31.14 0.72 1.83
N ASP F 74 32.41 0.53 2.15
CA ASP F 74 33.09 -0.76 1.96
C ASP F 74 33.21 -1.51 3.29
N THR F 75 33.32 -0.74 4.38
CA THR F 75 33.45 -1.31 5.71
C THR F 75 32.21 -2.09 6.15
N ASP F 76 31.06 -1.73 5.61
CA ASP F 76 29.78 -2.38 5.94
C ASP F 76 29.78 -3.90 5.72
N SER F 77 30.90 -4.42 5.20
CA SER F 77 31.04 -5.84 4.94
C SER F 77 30.72 -6.69 6.16
N GLU F 78 30.44 -6.03 7.29
CA GLU F 78 30.12 -6.74 8.52
C GLU F 78 29.35 -8.03 8.24
N GLU F 79 28.45 -7.96 7.26
CA GLU F 79 27.65 -9.12 6.90
C GLU F 79 28.48 -10.35 6.58
N GLU F 80 29.42 -10.21 5.63
CA GLU F 80 30.28 -11.31 5.22
C GLU F 80 31.12 -11.84 6.36
N ILE F 81 31.55 -10.92 7.22
CA ILE F 81 32.37 -11.30 8.35
C ILE F 81 31.62 -12.25 9.25
N ARG F 82 30.36 -11.90 9.53
CA ARG F 82 29.52 -12.72 10.38
C ARG F 82 29.31 -14.09 9.75
N GLU F 83 29.17 -14.12 8.44
CA GLU F 83 29.00 -15.39 7.74
C GLU F 83 30.28 -16.19 7.80
N ALA F 84 31.41 -15.49 7.72
CA ALA F 84 32.72 -16.12 7.79
C ALA F 84 32.87 -16.78 9.16
N PHE F 85 32.61 -16.02 10.21
CA PHE F 85 32.72 -16.58 11.55
C PHE F 85 32.03 -17.96 11.53
N ARG F 86 30.80 -18.00 11.06
CA ARG F 86 30.02 -19.24 11.05
C ARG F 86 30.68 -20.39 10.30
N VAL F 87 31.52 -20.05 9.30
CA VAL F 87 32.24 -21.06 8.53
C VAL F 87 33.27 -21.75 9.43
N PHE F 88 33.97 -20.95 10.23
CA PHE F 88 34.97 -21.49 11.13
C PHE F 88 34.35 -22.36 12.21
N ASP F 89 33.30 -21.84 12.83
CA ASP F 89 32.63 -22.53 13.93
C ASP F 89 31.94 -23.85 13.53
N LYS F 90 32.76 -24.83 13.16
CA LYS F 90 32.27 -26.14 12.71
C LYS F 90 31.30 -26.90 13.61
N ASP F 91 31.29 -26.62 14.91
CA ASP F 91 30.38 -27.34 15.81
C ASP F 91 29.22 -26.48 16.24
N GLY F 92 29.21 -25.23 15.81
CA GLY F 92 28.12 -24.34 16.17
C GLY F 92 27.92 -24.07 17.66
N ASN F 93 29.01 -23.87 18.38
CA ASN F 93 28.94 -23.58 19.81
C ASN F 93 28.93 -22.06 19.96
N GLY F 94 29.18 -21.37 18.85
CA GLY F 94 29.22 -19.92 18.91
C GLY F 94 30.63 -19.36 19.08
N TYR F 95 31.61 -20.25 19.24
CA TYR F 95 32.99 -19.83 19.41
C TYR F 95 33.92 -20.53 18.43
N ILE F 96 35.01 -19.86 18.04
CA ILE F 96 35.98 -20.47 17.13
C ILE F 96 37.16 -20.97 17.96
N SER F 97 37.42 -22.27 17.87
CA SER F 97 38.53 -22.89 18.61
C SER F 97 39.72 -23.13 17.70
N ALA F 98 40.88 -23.32 18.32
CA ALA F 98 42.10 -23.58 17.58
C ALA F 98 41.92 -24.73 16.60
N ALA F 99 41.45 -25.87 17.11
CA ALA F 99 41.22 -27.04 16.28
C ALA F 99 40.47 -26.63 15.00
N GLU F 100 39.35 -25.93 15.19
CA GLU F 100 38.55 -25.50 14.07
C GLU F 100 39.34 -24.60 13.12
N LEU F 101 40.17 -23.73 13.70
CA LEU F 101 40.99 -22.80 12.93
C LEU F 101 41.93 -23.62 12.07
N ARG F 102 42.43 -24.70 12.65
CA ARG F 102 43.36 -25.59 11.96
C ARG F 102 42.69 -26.09 10.69
N HIS F 103 41.46 -26.59 10.82
CA HIS F 103 40.70 -27.09 9.68
C HIS F 103 40.55 -26.09 8.55
N VAL F 104 40.02 -24.92 8.86
CA VAL F 104 39.81 -23.92 7.81
C VAL F 104 41.12 -23.69 7.08
N MET F 105 42.21 -23.70 7.84
CA MET F 105 43.55 -23.49 7.32
C MET F 105 44.09 -24.64 6.48
N THR F 106 44.22 -25.81 7.10
CA THR F 106 44.75 -26.95 6.38
C THR F 106 43.97 -27.23 5.11
N ASN F 107 42.68 -26.87 5.10
CA ASN F 107 41.84 -27.09 3.92
C ASN F 107 42.06 -26.03 2.85
N LEU F 108 42.47 -24.84 3.25
CA LEU F 108 42.73 -23.78 2.30
C LEU F 108 44.19 -23.82 1.81
N GLY F 109 44.87 -24.93 2.07
CA GLY F 109 46.25 -25.09 1.62
C GLY F 109 47.37 -24.73 2.59
N GLU F 110 47.07 -23.94 3.61
CA GLU F 110 48.09 -23.52 4.57
C GLU F 110 48.26 -24.49 5.74
N LYS F 111 49.06 -25.53 5.54
CA LYS F 111 49.32 -26.50 6.60
C LYS F 111 49.97 -25.79 7.78
N LEU F 112 49.34 -25.87 8.95
CA LEU F 112 49.89 -25.22 10.13
C LEU F 112 50.16 -26.19 11.26
N THR F 113 51.10 -25.80 12.11
CA THR F 113 51.50 -26.59 13.27
C THR F 113 50.59 -26.26 14.44
N ASP F 114 50.34 -27.25 15.29
CA ASP F 114 49.50 -27.03 16.46
C ASP F 114 50.07 -25.89 17.29
N GLU F 115 51.35 -25.59 17.07
CA GLU F 115 52.04 -24.53 17.77
C GLU F 115 51.53 -23.17 17.30
N GLU F 116 51.79 -22.89 16.02
CA GLU F 116 51.38 -21.64 15.38
C GLU F 116 49.88 -21.41 15.54
N VAL F 117 49.10 -22.49 15.43
CA VAL F 117 47.65 -22.41 15.57
C VAL F 117 47.29 -21.76 16.90
N ASP F 118 47.60 -22.46 18.00
CA ASP F 118 47.30 -21.94 19.33
C ASP F 118 47.84 -20.53 19.49
N GLU F 119 48.75 -20.14 18.60
CA GLU F 119 49.35 -18.82 18.62
C GLU F 119 48.38 -17.79 18.06
N MET F 120 47.72 -18.15 16.97
CA MET F 120 46.75 -17.28 16.31
C MET F 120 45.52 -17.08 17.20
N ILE F 121 45.09 -18.14 17.86
CA ILE F 121 43.95 -18.07 18.76
C ILE F 121 44.20 -17.08 19.88
N ARG F 122 45.38 -17.17 20.51
CA ARG F 122 45.76 -16.25 21.59
C ARG F 122 45.79 -14.82 21.06
N GLU F 123 46.32 -14.66 19.86
CA GLU F 123 46.39 -13.35 19.24
C GLU F 123 45.03 -12.68 19.27
N ALA F 124 44.09 -13.28 18.54
CA ALA F 124 42.72 -12.77 18.41
C ALA F 124 41.91 -12.81 19.70
N ASP F 125 42.14 -13.82 20.54
CA ASP F 125 41.44 -13.91 21.81
C ASP F 125 41.67 -12.62 22.58
N ILE F 126 40.64 -12.10 23.23
CA ILE F 126 40.76 -10.85 23.96
C ILE F 126 40.48 -10.93 25.45
N ASP F 127 39.64 -11.88 25.87
CA ASP F 127 39.33 -12.02 27.30
C ASP F 127 39.93 -13.30 27.89
N GLY F 128 40.77 -13.94 27.09
CA GLY F 128 41.45 -15.14 27.50
C GLY F 128 40.62 -16.37 27.78
N ASP F 129 39.55 -16.56 27.04
CA ASP F 129 38.71 -17.74 27.26
C ASP F 129 39.36 -18.89 26.48
N GLY F 130 40.38 -18.55 25.69
CA GLY F 130 41.04 -19.57 24.91
C GLY F 130 40.28 -19.92 23.65
N GLN F 131 39.29 -19.10 23.35
CA GLN F 131 38.47 -19.27 22.15
C GLN F 131 38.08 -17.89 21.64
N VAL F 132 37.56 -17.84 20.42
CA VAL F 132 37.17 -16.56 19.86
C VAL F 132 35.66 -16.48 19.59
N ASN F 133 35.00 -15.53 20.26
CA ASN F 133 33.57 -15.35 20.07
C ASN F 133 33.42 -14.35 18.94
N TYR F 134 32.20 -14.19 18.40
CA TYR F 134 31.98 -13.28 17.28
C TYR F 134 32.51 -11.86 17.52
N GLU F 135 32.24 -11.29 18.69
CA GLU F 135 32.70 -9.93 19.00
C GLU F 135 34.20 -9.76 18.74
N GLU F 136 34.97 -10.72 19.26
CA GLU F 136 36.41 -10.74 19.08
C GLU F 136 36.71 -10.91 17.61
N PHE F 137 36.20 -11.99 17.01
CA PHE F 137 36.39 -12.23 15.58
C PHE F 137 36.14 -10.93 14.80
N VAL F 138 35.21 -10.11 15.27
CA VAL F 138 34.92 -8.85 14.60
C VAL F 138 36.10 -7.88 14.72
N GLN F 139 36.57 -7.67 15.96
CA GLN F 139 37.71 -6.77 16.19
C GLN F 139 38.85 -7.23 15.30
N MET F 140 39.31 -8.44 15.57
CA MET F 140 40.40 -9.05 14.84
C MET F 140 40.26 -8.89 13.34
N MET F 141 39.04 -8.63 12.87
CA MET F 141 38.83 -8.50 11.44
C MET F 141 38.61 -7.09 10.95
N THR F 142 37.88 -6.30 11.70
CA THR F 142 37.64 -4.94 11.24
C THR F 142 38.72 -3.98 11.71
N ALA F 143 39.32 -4.27 12.86
CA ALA F 143 40.35 -3.40 13.37
C ALA F 143 41.74 -3.75 12.77
#